data_4W9E
#
_entry.id   4W9E
#
_cell.length_a   93.097
_cell.length_b   93.097
_cell.length_c   364.436
_cell.angle_alpha   90.000
_cell.angle_beta   90.000
_cell.angle_gamma   90.000
#
_symmetry.space_group_name_H-M   'P 41 2 2'
#
loop_
_entity.id
_entity.type
_entity.pdbx_description
1 polymer 'Transcription elongation factor B polypeptide 2'
2 polymer 'Transcription elongation factor B polypeptide 1'
3 polymer 'Von Hippel-Lindau disease tumor suppressor'
4 non-polymer (4R)-1-(3,3-dimethylbutanoyl)-4-hydroxy-N-[4-(1,3-thiazol-5-yl)benzyl]-L-prolinamide
5 water water
#
loop_
_entity_poly.entity_id
_entity_poly.type
_entity_poly.pdbx_seq_one_letter_code
_entity_poly.pdbx_strand_id
1 'polypeptide(L)'
;MDVFLMIRRHKTTIFTDAKESSTVFELKRIVEGILKRPPDEQRLYKDDQLLDDGKTLGE(CAS)GFTSQTARPQAPATVG
LAFRADDTFEAL(CAS)IEPFSSPPELPDVMK
;
A,D,G,J
2 'polypeptide(L)'
;MMYVKLISSDGHEFIVKREHALTSGTIKAMLSGPGQFAENETNEVNFREIPSHVLSKVCMYFTYKVRYTNSSTEIPEFPI
APEIALELLMAANFLDC
;
B,E,H,K
3 'polypeptide(L)'
;GSMEAGRPRPVLRSVNSREPSQVIF(CAS)NRSPRVVLPVWLNFDGEPQPYPTLPPGTGRRIHSYRGHLWLFRDAGTHDG
LLVNQTELFVPSLNVDGQPIFANITLPVYTLKERCLQVVRSLVKPENYRRLDIVRSLYEDLEDHPNVQKDLERLTQERIA
HQRMGD
;
C,F,I,L
#
loop_
_chem_comp.id
_chem_comp.type
_chem_comp.name
_chem_comp.formula
3JT non-polymer (4R)-1-(3,3-dimethylbutanoyl)-4-hydroxy-N-[4-(1,3-thiazol-5-yl)benzyl]-L-prolinamide 'C21 H27 N3 O3 S'
#
# COMPACT_ATOMS: atom_id res chain seq x y z
N MET A 1 1.15 9.34 41.14
CA MET A 1 1.85 8.96 39.90
C MET A 1 3.32 9.38 39.93
N ASP A 2 4.19 8.41 39.68
CA ASP A 2 5.64 8.64 39.69
C ASP A 2 6.12 9.35 38.43
N VAL A 3 7.08 10.24 38.61
CA VAL A 3 7.76 10.88 37.49
C VAL A 3 9.23 10.53 37.67
N PHE A 4 9.94 10.39 36.55
CA PHE A 4 11.31 9.93 36.58
C PHE A 4 12.21 10.99 36.01
N LEU A 5 13.28 11.30 36.74
CA LEU A 5 14.04 12.52 36.53
C LEU A 5 15.53 12.32 36.44
N MET A 6 16.16 13.25 35.72
CA MET A 6 17.59 13.48 35.78
C MET A 6 17.78 14.91 36.33
N ILE A 7 18.32 15.01 37.54
CA ILE A 7 18.62 16.30 38.12
C ILE A 7 20.08 16.58 37.79
N ARG A 8 20.32 17.65 37.04
CA ARG A 8 21.59 17.84 36.39
C ARG A 8 22.24 19.17 36.69
N ARG A 9 23.51 19.11 37.07
CA ARG A 9 24.34 20.29 37.23
C ARG A 9 25.76 19.96 36.81
N HIS A 10 26.35 20.81 35.97
CA HIS A 10 27.74 20.67 35.53
C HIS A 10 27.95 19.26 34.95
N LYS A 11 28.74 18.40 35.60
CA LYS A 11 28.88 17.00 35.15
C LYS A 11 28.29 16.02 36.16
N THR A 12 27.28 16.46 36.89
CA THR A 12 26.59 15.63 37.87
C THR A 12 25.19 15.33 37.35
N THR A 13 24.80 14.06 37.38
CA THR A 13 23.44 13.69 36.99
C THR A 13 22.84 12.76 38.06
N ILE A 14 21.71 13.14 38.64
CA ILE A 14 21.03 12.30 39.62
C ILE A 14 19.80 11.69 38.95
N PHE A 15 19.71 10.36 38.99
CA PHE A 15 18.50 9.66 38.55
C PHE A 15 17.66 9.39 39.79
N THR A 16 16.46 9.94 39.84
CA THR A 16 15.55 9.63 40.92
C THR A 16 14.12 9.73 40.45
N ASP A 17 13.19 9.41 41.34
CA ASP A 17 11.77 9.57 41.03
C ASP A 17 11.10 10.39 42.11
N ALA A 18 9.91 10.88 41.81
CA ALA A 18 9.13 11.64 42.77
C ALA A 18 7.69 11.53 42.38
N LYS A 19 6.80 11.97 43.25
CA LYS A 19 5.37 12.00 42.95
C LYS A 19 5.03 13.24 42.15
N GLU A 20 4.11 13.09 41.19
CA GLU A 20 3.61 14.23 40.43
C GLU A 20 3.12 15.33 41.37
N SER A 21 2.56 14.94 42.52
CA SER A 21 1.99 15.90 43.47
C SER A 21 3.03 16.52 44.40
N SER A 22 4.28 16.07 44.32
CA SER A 22 5.33 16.55 45.21
C SER A 22 5.82 17.92 44.78
N THR A 23 6.44 18.65 45.70
CA THR A 23 6.82 20.02 45.43
C THR A 23 8.28 20.16 45.02
N VAL A 24 8.57 21.30 44.38
CA VAL A 24 9.91 21.66 44.00
C VAL A 24 10.80 21.65 45.23
N PHE A 25 10.33 22.21 46.34
CA PHE A 25 11.11 22.22 47.57
C PHE A 25 11.46 20.80 48.00
N GLU A 26 10.47 19.91 47.98
CA GLU A 26 10.67 18.52 48.38
C GLU A 26 11.71 17.84 47.48
N LEU A 27 11.72 18.17 46.20
CA LEU A 27 12.80 17.68 45.33
C LEU A 27 14.17 18.16 45.86
N LYS A 28 14.26 19.42 46.27
CA LYS A 28 15.51 20.00 46.82
C LYS A 28 16.01 19.27 48.07
N ARG A 29 15.07 18.78 48.88
CA ARG A 29 15.41 17.96 50.05
C ARG A 29 16.06 16.68 49.61
N ILE A 30 15.58 16.11 48.51
CA ILE A 30 16.17 14.89 47.98
C ILE A 30 17.59 15.17 47.54
N VAL A 31 17.78 16.28 46.84
CA VAL A 31 19.12 16.71 46.45
C VAL A 31 19.98 16.94 47.69
N GLU A 32 19.41 17.57 48.71
CA GLU A 32 20.17 17.82 49.94
C GLU A 32 20.71 16.54 50.55
N GLY A 33 19.89 15.50 50.55
CA GLY A 33 20.25 14.20 51.08
C GLY A 33 21.40 13.58 50.31
N ILE A 34 21.43 13.85 49.00
CA ILE A 34 22.44 13.27 48.11
C ILE A 34 23.71 14.12 47.95
N LEU A 35 23.55 15.42 47.73
CA LEU A 35 24.72 16.28 47.50
C LEU A 35 25.12 17.13 48.70
N LYS A 36 24.38 17.04 49.81
CA LYS A 36 24.74 17.72 51.07
C LYS A 36 24.75 19.24 50.94
N ARG A 37 23.73 19.80 50.32
CA ARG A 37 23.58 21.24 50.22
C ARG A 37 22.13 21.56 50.52
N PRO A 38 21.88 22.53 51.41
CA PRO A 38 20.50 22.79 51.75
C PRO A 38 19.72 23.49 50.62
N PRO A 39 18.37 23.41 50.67
CA PRO A 39 17.48 24.01 49.67
C PRO A 39 17.72 25.49 49.37
N ASP A 40 18.03 26.27 50.41
CA ASP A 40 18.31 27.70 50.21
C ASP A 40 19.55 27.97 49.34
N GLU A 41 20.46 26.99 49.24
CA GLU A 41 21.63 27.11 48.37
C GLU A 41 21.41 26.44 46.99
N GLN A 42 20.16 26.15 46.66
CA GLN A 42 19.80 25.46 45.42
C GLN A 42 18.80 26.24 44.59
N ARG A 43 18.97 26.20 43.26
CA ARG A 43 17.91 26.60 42.33
C ARG A 43 17.62 25.43 41.40
N LEU A 44 16.35 25.13 41.19
CA LEU A 44 15.95 24.11 40.22
C LEU A 44 15.29 24.77 39.03
N TYR A 45 15.56 24.22 37.85
CA TYR A 45 15.09 24.79 36.60
C TYR A 45 14.43 23.74 35.73
N LYS A 46 13.39 24.15 35.03
CA LYS A 46 12.93 23.43 33.86
C LYS A 46 13.43 24.21 32.66
N ASP A 47 14.31 23.60 31.86
CA ASP A 47 14.97 24.31 30.79
C ASP A 47 15.49 25.62 31.38
N ASP A 48 15.01 26.77 30.90
CA ASP A 48 15.53 28.06 31.37
C ASP A 48 14.75 28.62 32.55
N GLN A 49 13.64 28.00 32.89
CA GLN A 49 12.71 28.56 33.86
C GLN A 49 13.08 28.20 35.28
N LEU A 50 13.09 29.21 36.15
CA LEU A 50 13.32 29.01 37.58
C LEU A 50 12.05 28.47 38.21
N LEU A 51 12.20 27.40 38.99
CA LEU A 51 11.05 26.76 39.63
C LEU A 51 10.83 27.29 41.05
N ASP A 52 9.55 27.44 41.43
CA ASP A 52 9.12 27.92 42.74
C ASP A 52 8.90 26.76 43.72
N ASP A 53 9.42 26.93 44.94
CA ASP A 53 9.40 25.89 45.97
C ASP A 53 8.05 25.23 46.22
N GLY A 54 6.98 26.01 46.22
CA GLY A 54 5.65 25.53 46.59
C GLY A 54 4.88 24.83 45.48
N LYS A 55 5.33 25.00 44.24
CA LYS A 55 4.68 24.38 43.10
C LYS A 55 5.00 22.88 42.99
N THR A 56 4.01 22.11 42.54
CA THR A 56 4.18 20.68 42.36
C THR A 56 4.91 20.42 41.04
N LEU A 57 5.56 19.28 40.95
CA LEU A 57 6.25 18.86 39.74
C LEU A 57 5.25 18.74 38.58
N GLY A 58 4.01 18.36 38.91
CA GLY A 58 2.90 18.34 37.95
C GLY A 58 2.57 19.68 37.33
N GLU A 59 2.40 20.71 38.16
CA GLU A 59 2.18 22.09 37.67
C GLU A 59 3.35 22.57 36.81
N CAS A 60 4.56 22.24 37.24
CA CAS A 60 5.77 22.58 36.49
CB CAS A 60 6.95 22.51 37.46
C CAS A 60 6.03 21.67 35.30
O CAS A 60 7.11 21.71 34.72
SG CAS A 60 6.83 23.77 38.70
AS CAS A 60 6.51 25.72 37.59
CE1 CAS A 60 4.67 26.30 38.06
CE2 CAS A 60 7.76 27.17 38.11
N GLY A 61 5.05 20.84 34.92
CA GLY A 61 5.12 20.12 33.67
C GLY A 61 5.85 18.79 33.67
N PHE A 62 6.21 18.28 34.85
CA PHE A 62 6.73 16.90 34.93
C PHE A 62 5.59 15.97 35.23
N THR A 63 5.10 15.29 34.20
CA THR A 63 3.97 14.35 34.32
C THR A 63 4.41 12.92 34.06
N SER A 64 3.63 11.96 34.56
CA SER A 64 4.06 10.56 34.54
C SER A 64 4.26 10.03 33.15
N GLN A 65 3.57 10.60 32.16
CA GLN A 65 3.69 10.13 30.77
C GLN A 65 4.78 10.82 29.94
N THR A 66 5.38 11.89 30.46
CA THR A 66 6.54 12.53 29.81
C THR A 66 7.83 12.22 30.54
N ALA A 67 7.80 12.29 31.86
CA ALA A 67 8.92 11.87 32.68
C ALA A 67 8.88 10.34 32.91
N ARG A 68 9.33 9.58 31.92
CA ARG A 68 9.23 8.13 31.92
C ARG A 68 10.52 7.46 32.43
N PRO A 69 10.42 6.20 32.90
CA PRO A 69 11.61 5.48 33.40
C PRO A 69 12.72 5.34 32.36
N GLN A 70 12.32 5.03 31.13
CA GLN A 70 13.28 4.80 30.05
C GLN A 70 13.70 6.08 29.36
N ALA A 71 13.06 7.20 29.71
CA ALA A 71 13.33 8.49 29.06
C ALA A 71 12.90 9.64 29.97
N PRO A 72 13.64 9.84 31.07
CA PRO A 72 13.25 10.75 32.15
C PRO A 72 13.49 12.20 31.80
N ALA A 73 12.75 13.09 32.47
CA ALA A 73 12.84 14.53 32.24
C ALA A 73 14.04 15.12 32.96
N THR A 74 14.61 16.17 32.39
CA THR A 74 15.77 16.82 32.99
C THR A 74 15.34 18.00 33.87
N VAL A 75 15.92 18.08 35.06
CA VAL A 75 15.73 19.21 35.95
C VAL A 75 17.08 19.86 36.17
N GLY A 76 17.22 21.11 35.77
CA GLY A 76 18.46 21.86 35.94
C GLY A 76 18.70 22.14 37.42
N LEU A 77 19.97 22.22 37.81
CA LEU A 77 20.35 22.52 39.21
C LEU A 77 21.49 23.51 39.23
N ALA A 78 21.40 24.49 40.12
CA ALA A 78 22.45 25.50 40.29
C ALA A 78 22.66 25.75 41.78
N PHE A 79 23.92 25.90 42.19
CA PHE A 79 24.27 26.16 43.59
C PHE A 79 24.64 27.60 43.86
N ARG A 80 24.36 28.05 45.08
CA ARG A 80 24.83 29.32 45.58
C ARG A 80 26.17 29.08 46.29
N ALA A 81 27.24 29.56 45.68
CA ALA A 81 28.53 29.61 46.36
C ALA A 81 28.58 30.89 47.19
N ASP A 82 28.23 30.78 48.48
CA ASP A 82 28.34 31.87 49.46
C ASP A 82 27.26 32.98 49.31
N ASP A 83 27.54 34.03 48.53
CA ASP A 83 26.64 35.19 48.42
C ASP A 83 25.63 35.02 47.28
N THR A 84 26.13 34.72 46.07
CA THR A 84 25.32 34.71 44.85
C THR A 84 25.26 33.33 44.19
N PHE A 85 24.16 33.07 43.49
CA PHE A 85 24.00 31.84 42.73
C PHE A 85 24.82 31.89 41.47
N GLU A 86 25.43 30.76 41.14
CA GLU A 86 26.08 30.58 39.85
C GLU A 86 24.99 30.53 38.77
N ALA A 87 25.39 30.71 37.52
CA ALA A 87 24.49 30.53 36.39
C ALA A 87 24.24 29.03 36.15
N LEU A 88 23.06 28.69 35.64
CA LEU A 88 22.74 27.29 35.33
C LEU A 88 23.65 26.78 34.22
N CAS A 89 24.33 25.68 34.49
CA CAS A 89 25.26 25.10 33.52
CB CAS A 89 26.69 25.54 33.89
C CAS A 89 25.10 23.60 33.57
O CAS A 89 25.14 23.00 34.63
SG CAS A 89 27.97 24.54 33.22
AS CAS A 89 27.92 25.00 31.04
CE1 CAS A 89 26.70 26.51 30.60
CE2 CAS A 89 29.79 25.46 30.46
N ILE A 90 24.89 23.00 32.40
CA ILE A 90 24.76 21.56 32.25
C ILE A 90 25.70 21.09 31.14
N GLU A 91 26.78 20.39 31.50
CA GLU A 91 27.70 19.84 30.50
C GLU A 91 26.97 18.79 29.65
N PRO A 92 27.04 18.90 28.31
CA PRO A 92 26.36 17.89 27.53
C PRO A 92 27.04 16.52 27.63
N PHE A 93 26.31 15.46 27.32
CA PHE A 93 26.94 14.15 27.23
C PHE A 93 27.85 14.10 26.00
N SER A 94 28.80 13.17 26.02
CA SER A 94 29.70 12.96 24.90
C SER A 94 28.90 12.61 23.64
N SER A 95 29.51 12.81 22.49
CA SER A 95 28.85 12.57 21.22
C SER A 95 29.16 11.17 20.71
N PRO A 96 28.15 10.48 20.17
CA PRO A 96 28.41 9.20 19.53
C PRO A 96 29.13 9.41 18.21
N PRO A 97 29.87 8.41 17.76
CA PRO A 97 30.66 8.56 16.53
C PRO A 97 29.79 8.47 15.28
N GLU A 98 30.41 8.59 14.12
CA GLU A 98 29.72 8.36 12.87
C GLU A 98 29.19 6.92 12.86
N LEU A 99 27.97 6.73 12.37
CA LEU A 99 27.46 5.39 12.10
C LEU A 99 28.40 4.65 11.14
N PRO A 100 28.86 3.44 11.52
CA PRO A 100 29.67 2.65 10.60
C PRO A 100 29.00 2.49 9.23
N ASP A 101 29.80 2.28 8.19
CA ASP A 101 29.29 2.20 6.81
C ASP A 101 28.18 1.15 6.69
N VAL A 102 28.25 0.11 7.51
CA VAL A 102 27.27 -0.99 7.45
C VAL A 102 25.95 -0.75 8.20
N MET A 103 25.80 0.39 8.87
CA MET A 103 24.60 0.66 9.68
C MET A 103 23.74 1.80 9.15
N MET B 2 19.51 5.52 49.34
CA MET B 2 20.91 5.00 49.32
C MET B 2 21.47 4.93 47.90
N TYR B 3 22.56 5.65 47.66
CA TYR B 3 23.01 5.90 46.30
C TYR B 3 24.46 5.50 46.04
N VAL B 4 24.77 5.28 44.78
CA VAL B 4 26.13 5.01 44.34
C VAL B 4 26.43 5.92 43.17
N LYS B 5 27.72 6.09 42.91
CA LYS B 5 28.16 6.95 41.82
C LYS B 5 28.86 6.17 40.71
N LEU B 6 28.31 6.27 39.52
CA LEU B 6 28.88 5.66 38.35
C LEU B 6 29.49 6.79 37.53
N ILE B 7 30.78 6.69 37.24
CA ILE B 7 31.48 7.74 36.51
C ILE B 7 31.90 7.27 35.12
N SER B 8 31.50 8.04 34.11
CA SER B 8 31.82 7.74 32.72
C SER B 8 33.29 8.01 32.41
N SER B 9 33.74 7.56 31.24
CA SER B 9 35.14 7.75 30.81
C SER B 9 35.48 9.23 30.64
N ASP B 10 34.48 10.02 30.29
CA ASP B 10 34.65 11.46 30.08
C ASP B 10 34.27 12.31 31.30
N GLY B 11 34.24 11.70 32.49
CA GLY B 11 34.09 12.45 33.73
C GLY B 11 32.69 12.67 34.28
N HIS B 12 31.65 12.41 33.49
CA HIS B 12 30.28 12.58 33.97
C HIS B 12 29.98 11.63 35.12
N GLU B 13 29.35 12.15 36.17
CA GLU B 13 29.07 11.39 37.38
C GLU B 13 27.58 11.17 37.46
N PHE B 14 27.17 9.92 37.37
CA PHE B 14 25.78 9.55 37.43
C PHE B 14 25.49 8.96 38.79
N ILE B 15 24.49 9.51 39.48
CA ILE B 15 24.13 9.09 40.83
C ILE B 15 22.79 8.36 40.81
N VAL B 16 22.83 7.05 41.05
CA VAL B 16 21.65 6.20 41.04
C VAL B 16 21.51 5.44 42.35
N LYS B 17 20.30 4.93 42.61
CA LYS B 17 20.07 4.13 43.81
C LYS B 17 20.92 2.87 43.78
N ARG B 18 21.45 2.47 44.94
CA ARG B 18 22.34 1.31 45.02
C ARG B 18 21.70 0.06 44.42
N GLU B 19 20.46 -0.22 44.81
CA GLU B 19 19.73 -1.41 44.33
C GLU B 19 19.49 -1.40 42.83
N HIS B 20 19.33 -0.22 42.23
CA HIS B 20 19.26 -0.13 40.77
C HIS B 20 20.58 -0.57 40.13
N ALA B 21 21.70 -0.15 40.71
CA ALA B 21 23.01 -0.47 40.17
C ALA B 21 23.36 -1.95 40.38
N LEU B 22 22.94 -2.52 41.51
CA LEU B 22 23.19 -3.93 41.79
C LEU B 22 22.50 -4.89 40.81
N THR B 23 21.53 -4.40 40.04
CA THR B 23 21.09 -5.09 38.82
C THR B 23 22.29 -5.79 38.16
N SER B 24 23.35 -5.02 37.92
CA SER B 24 24.54 -5.50 37.23
C SER B 24 25.48 -6.25 38.17
N GLY B 25 25.76 -7.50 37.83
CA GLY B 25 26.68 -8.33 38.61
C GLY B 25 28.09 -7.78 38.60
N THR B 26 28.49 -7.23 37.45
CA THR B 26 29.79 -6.59 37.32
C THR B 26 29.96 -5.43 38.31
N ILE B 27 28.94 -4.57 38.44
CA ILE B 27 29.00 -3.43 39.36
C ILE B 27 28.95 -3.91 40.80
N LYS B 28 28.10 -4.90 41.10
CA LYS B 28 28.07 -5.52 42.43
C LYS B 28 29.49 -5.87 42.86
N ALA B 29 30.24 -6.47 41.93
CA ALA B 29 31.62 -6.91 42.17
C ALA B 29 32.61 -5.76 42.31
N MET B 30 32.48 -4.75 41.46
CA MET B 30 33.31 -3.56 41.56
C MET B 30 33.08 -2.75 42.84
N LEU B 31 31.93 -2.94 43.48
CA LEU B 31 31.63 -2.33 44.78
C LEU B 31 32.06 -3.19 45.99
N SER B 32 31.90 -4.51 45.91
CA SER B 32 32.34 -5.46 46.97
C SER B 32 33.49 -6.35 46.49
N ASN B 43 32.45 3.46 47.56
CA ASN B 43 31.30 3.22 46.69
C ASN B 43 31.11 4.27 45.56
N GLU B 44 32.17 4.42 44.77
CA GLU B 44 32.10 5.00 43.44
C GLU B 44 32.70 3.96 42.48
N VAL B 45 32.32 4.01 41.21
CA VAL B 45 32.92 3.13 40.20
C VAL B 45 33.29 3.96 38.98
N ASN B 46 34.54 3.84 38.54
CA ASN B 46 35.01 4.51 37.34
C ASN B 46 35.04 3.59 36.15
N PHE B 47 34.30 3.97 35.11
CA PHE B 47 34.25 3.24 33.87
C PHE B 47 35.12 3.94 32.82
N ARG B 48 36.28 3.38 32.56
CA ARG B 48 37.23 3.98 31.62
C ARG B 48 36.89 3.76 30.15
N GLU B 49 35.99 2.83 29.85
CA GLU B 49 35.61 2.55 28.46
C GLU B 49 34.21 3.03 28.08
N ILE B 50 33.44 3.51 29.06
CA ILE B 50 32.03 3.85 28.82
C ILE B 50 31.82 5.36 28.82
N PRO B 51 31.59 5.94 27.62
CA PRO B 51 31.33 7.37 27.56
C PRO B 51 29.95 7.70 28.13
N SER B 52 29.71 8.97 28.42
CA SER B 52 28.51 9.37 29.16
C SER B 52 27.23 9.13 28.36
N HIS B 53 27.29 9.30 27.04
CA HIS B 53 26.11 9.07 26.21
C HIS B 53 25.67 7.60 26.16
N VAL B 54 26.52 6.71 26.65
CA VAL B 54 26.17 5.31 26.84
C VAL B 54 25.77 5.08 28.30
N LEU B 55 26.57 5.56 29.24
CA LEU B 55 26.28 5.29 30.65
C LEU B 55 24.95 5.88 31.11
N SER B 56 24.57 7.03 30.57
CA SER B 56 23.25 7.60 30.86
C SER B 56 22.14 6.63 30.44
N LYS B 57 22.28 6.04 29.26
CA LYS B 57 21.35 4.99 28.81
C LYS B 57 21.33 3.74 29.68
N VAL B 58 22.50 3.32 30.15
CA VAL B 58 22.59 2.22 31.09
C VAL B 58 21.76 2.54 32.34
N CYS B 59 21.90 3.77 32.86
CA CYS B 59 21.15 4.18 34.06
C CYS B 59 19.66 4.24 33.79
N MET B 60 19.28 4.68 32.60
CA MET B 60 17.87 4.74 32.20
C MET B 60 17.27 3.34 32.14
N TYR B 61 18.06 2.37 31.69
CA TYR B 61 17.62 0.97 31.68
C TYR B 61 17.38 0.43 33.09
N PHE B 62 18.30 0.71 34.02
CA PHE B 62 18.08 0.30 35.41
C PHE B 62 16.70 0.75 35.87
N THR B 63 16.40 2.04 35.71
CA THR B 63 15.11 2.58 36.12
C THR B 63 14.00 1.76 35.47
N TYR B 64 14.12 1.59 34.15
CA TYR B 64 13.15 0.85 33.35
C TYR B 64 12.95 -0.59 33.82
N LYS B 65 14.03 -1.30 34.10
CA LYS B 65 13.91 -2.70 34.50
C LYS B 65 13.21 -2.81 35.84
N VAL B 66 13.60 -1.95 36.77
CA VAL B 66 13.04 -2.00 38.14
C VAL B 66 11.56 -1.66 38.11
N ARG B 67 11.17 -0.77 37.20
CA ARG B 67 9.78 -0.35 37.10
C ARG B 67 8.90 -1.42 36.46
N TYR B 68 9.40 -2.11 35.43
CA TYR B 68 8.55 -3.01 34.64
C TYR B 68 8.78 -4.50 34.86
N THR B 69 9.76 -4.87 35.68
CA THR B 69 9.94 -6.29 36.02
C THR B 69 8.76 -6.71 36.91
N ASN B 70 8.15 -7.83 36.55
CA ASN B 70 6.93 -8.33 37.23
C ASN B 70 5.89 -7.22 37.37
N SER B 71 5.31 -6.83 36.24
CA SER B 71 4.30 -5.79 36.20
C SER B 71 3.23 -6.18 35.18
N SER B 72 1.97 -6.02 35.59
CA SER B 72 0.84 -6.33 34.71
C SER B 72 0.59 -5.20 33.70
N THR B 73 0.82 -3.96 34.13
CA THR B 73 0.73 -2.80 33.25
C THR B 73 1.59 -3.01 32.01
N GLU B 74 0.99 -2.88 30.83
CA GLU B 74 1.68 -3.12 29.56
C GLU B 74 3.08 -2.50 29.53
N ILE B 75 4.02 -3.22 28.92
CA ILE B 75 5.42 -2.81 28.91
C ILE B 75 5.79 -2.14 27.58
N PRO B 76 6.33 -0.90 27.63
CA PRO B 76 6.79 -0.25 26.42
C PRO B 76 8.20 -0.65 26.03
N GLU B 77 8.49 -0.48 24.74
CA GLU B 77 9.79 -0.81 24.17
C GLU B 77 10.83 0.09 24.81
N PHE B 78 11.95 -0.48 25.22
CA PHE B 78 13.10 0.31 25.63
C PHE B 78 13.83 0.86 24.39
N PRO B 79 13.87 2.19 24.21
CA PRO B 79 14.39 2.78 22.98
C PRO B 79 15.90 2.86 22.96
N ILE B 80 16.49 2.63 21.78
CA ILE B 80 17.94 2.71 21.58
C ILE B 80 18.22 3.28 20.19
N ALA B 81 18.80 4.49 20.16
CA ALA B 81 19.20 5.10 18.90
C ALA B 81 20.22 4.23 18.17
N PRO B 82 20.13 4.17 16.83
CA PRO B 82 21.14 3.47 16.03
C PRO B 82 22.57 3.95 16.32
N GLU B 83 22.74 5.24 16.57
CA GLU B 83 24.06 5.86 16.78
C GLU B 83 24.81 5.26 17.98
N ILE B 84 24.08 4.88 19.02
CA ILE B 84 24.67 4.41 20.28
C ILE B 84 24.57 2.89 20.50
N ALA B 85 24.00 2.17 19.53
CA ALA B 85 23.67 0.76 19.72
C ALA B 85 24.91 -0.11 19.91
N LEU B 86 25.90 0.05 19.04
CA LEU B 86 27.15 -0.71 19.16
C LEU B 86 27.79 -0.49 20.53
N GLU B 87 28.04 0.76 20.88
CA GLU B 87 28.69 1.08 22.13
C GLU B 87 27.90 0.55 23.33
N LEU B 88 26.58 0.71 23.29
CA LEU B 88 25.73 0.24 24.37
C LEU B 88 25.79 -1.28 24.47
N LEU B 89 25.80 -1.97 23.32
CA LEU B 89 25.94 -3.41 23.29
C LEU B 89 27.22 -3.84 24.01
N MET B 90 28.32 -3.17 23.70
CA MET B 90 29.61 -3.49 24.33
C MET B 90 29.51 -3.35 25.85
N ALA B 91 28.90 -2.24 26.29
CA ALA B 91 28.76 -1.96 27.72
C ALA B 91 27.84 -2.96 28.42
N ALA B 92 26.70 -3.24 27.81
CA ALA B 92 25.74 -4.19 28.38
C ALA B 92 26.32 -5.59 28.45
N ASN B 93 27.18 -5.93 27.51
CA ASN B 93 27.88 -7.22 27.54
C ASN B 93 28.85 -7.29 28.72
N PHE B 94 29.63 -6.23 28.90
CA PHE B 94 30.62 -6.16 29.97
C PHE B 94 29.95 -6.12 31.35
N LEU B 95 28.88 -5.35 31.46
CA LEU B 95 28.13 -5.22 32.70
C LEU B 95 27.18 -6.40 32.99
N ASP B 96 26.97 -7.28 32.01
CA ASP B 96 26.01 -8.39 32.13
C ASP B 96 24.65 -7.93 32.64
N CYS B 97 24.01 -7.01 31.90
CA CYS B 97 22.65 -6.57 32.23
C CYS B 97 21.79 -6.48 30.97
N VAL C 11 8.14 -34.23 23.53
CA VAL C 11 7.66 -33.93 24.91
C VAL C 11 6.69 -32.74 24.90
N LEU C 12 7.11 -31.63 24.31
CA LEU C 12 6.23 -30.47 24.16
C LEU C 12 5.36 -30.60 22.91
N ARG C 13 4.14 -31.10 23.12
CA ARG C 13 3.14 -31.23 22.07
C ARG C 13 1.75 -30.91 22.59
N SER C 14 0.84 -30.59 21.68
CA SER C 14 -0.56 -30.37 22.05
C SER C 14 -1.18 -31.71 22.38
N VAL C 15 -2.09 -31.71 23.35
CA VAL C 15 -2.89 -32.88 23.68
C VAL C 15 -4.11 -32.91 22.76
N ASN C 16 -4.25 -33.96 21.98
CA ASN C 16 -5.39 -34.09 21.07
C ASN C 16 -6.68 -34.36 21.83
N SER C 17 -7.23 -33.31 22.44
CA SER C 17 -8.35 -33.44 23.35
C SER C 17 -9.69 -33.41 22.63
N ARG C 18 -9.74 -32.68 21.52
CA ARG C 18 -10.99 -32.43 20.78
C ARG C 18 -12.05 -31.71 21.61
N GLU C 19 -11.64 -30.87 22.57
CA GLU C 19 -12.59 -30.09 23.37
C GLU C 19 -12.42 -28.64 23.04
N PRO C 20 -13.37 -28.06 22.29
CA PRO C 20 -13.23 -26.68 21.84
C PRO C 20 -12.93 -25.74 22.98
N SER C 21 -12.11 -24.74 22.68
CA SER C 21 -11.83 -23.65 23.61
C SER C 21 -11.60 -22.40 22.77
N GLN C 22 -12.43 -21.38 22.97
CA GLN C 22 -12.27 -20.11 22.26
C GLN C 22 -11.32 -19.19 23.00
N VAL C 23 -10.47 -18.51 22.24
CA VAL C 23 -9.39 -17.71 22.78
C VAL C 23 -9.34 -16.37 22.07
N ILE C 24 -9.03 -15.30 22.82
CA ILE C 24 -8.76 -13.99 22.24
C ILE C 24 -7.26 -13.74 22.24
N PHE C 25 -6.65 -13.77 21.05
CA PHE C 25 -5.26 -13.34 20.91
C PHE C 25 -5.28 -11.82 20.90
N CAS C 26 -4.60 -11.23 21.88
CA CAS C 26 -4.56 -9.77 22.02
CB CAS C 26 -5.31 -9.42 23.31
C CAS C 26 -3.13 -9.32 22.01
O CAS C 26 -2.38 -9.57 22.97
SG CAS C 26 -5.28 -7.69 23.66
AS CAS C 26 -6.78 -6.90 22.25
CE1 CAS C 26 -5.94 -5.67 20.95
CE2 CAS C 26 -8.06 -5.77 23.26
N ASN C 27 -2.72 -8.65 20.93
CA ASN C 27 -1.35 -8.16 20.79
C ASN C 27 -1.19 -6.77 21.41
N ARG C 28 -0.84 -6.74 22.70
CA ARG C 28 -0.52 -5.50 23.39
C ARG C 28 0.99 -5.26 23.35
N SER C 29 1.56 -5.37 22.16
CA SER C 29 2.97 -5.13 21.98
C SER C 29 3.14 -4.25 20.74
N PRO C 30 4.32 -3.65 20.59
CA PRO C 30 4.56 -2.87 19.38
C PRO C 30 5.07 -3.72 18.21
N ARG C 31 5.12 -5.04 18.39
CA ARG C 31 5.64 -5.94 17.35
C ARG C 31 4.51 -6.57 16.54
N VAL C 32 4.82 -6.97 15.31
CA VAL C 32 3.93 -7.81 14.51
C VAL C 32 4.08 -9.21 15.08
N VAL C 33 2.98 -9.82 15.52
CA VAL C 33 3.05 -11.08 16.27
C VAL C 33 2.72 -12.29 15.39
N LEU C 34 3.57 -13.32 15.51
CA LEU C 34 3.38 -14.63 14.88
C LEU C 34 3.00 -15.64 15.97
N PRO C 35 1.75 -16.13 15.95
CA PRO C 35 1.36 -17.19 16.85
C PRO C 35 1.80 -18.53 16.31
N VAL C 36 2.34 -19.37 17.18
CA VAL C 36 2.85 -20.70 16.80
C VAL C 36 2.13 -21.79 17.60
N TRP C 37 1.43 -22.67 16.90
CA TRP C 37 0.76 -23.81 17.53
C TRP C 37 1.71 -24.99 17.47
N LEU C 38 2.00 -25.57 18.63
CA LEU C 38 2.80 -26.77 18.70
C LEU C 38 1.85 -27.92 18.44
N ASN C 39 2.01 -28.55 17.28
CA ASN C 39 1.11 -29.61 16.86
C ASN C 39 1.35 -30.93 17.63
N PHE C 40 0.71 -32.00 17.19
CA PHE C 40 0.62 -33.22 17.96
C PHE C 40 1.91 -34.04 17.95
N ASP C 41 2.81 -33.73 17.02
CA ASP C 41 4.13 -34.32 16.99
C ASP C 41 5.22 -33.36 17.47
N GLY C 42 4.81 -32.24 18.07
CA GLY C 42 5.75 -31.24 18.58
C GLY C 42 6.30 -30.25 17.55
N GLU C 43 5.80 -30.30 16.31
CA GLU C 43 6.26 -29.39 15.27
C GLU C 43 5.56 -28.03 15.40
N PRO C 44 6.33 -26.95 15.31
CA PRO C 44 5.74 -25.63 15.39
C PRO C 44 5.02 -25.28 14.09
N GLN C 45 3.73 -24.98 14.20
CA GLN C 45 2.95 -24.53 13.07
C GLN C 45 2.65 -23.03 13.17
N PRO C 46 3.15 -22.24 12.19
CA PRO C 46 2.85 -20.82 12.20
C PRO C 46 1.40 -20.55 11.77
N TYR C 47 0.82 -19.48 12.31
CA TYR C 47 -0.54 -19.04 11.97
C TYR C 47 -0.46 -17.61 11.46
N PRO C 48 -1.58 -17.04 10.98
CA PRO C 48 -1.50 -15.66 10.48
C PRO C 48 -1.05 -14.67 11.54
N THR C 49 -0.49 -13.55 11.12
CA THR C 49 0.09 -12.59 12.05
C THR C 49 -0.95 -11.64 12.62
N LEU C 50 -0.60 -10.98 13.72
CA LEU C 50 -1.39 -9.88 14.29
C LEU C 50 -0.57 -8.59 14.28
N PRO C 51 -1.11 -7.53 13.68
CA PRO C 51 -0.43 -6.23 13.82
C PRO C 51 -0.46 -5.71 15.25
N PRO C 52 0.45 -4.79 15.62
CA PRO C 52 0.47 -4.17 16.95
C PRO C 52 -0.89 -3.64 17.38
N GLY C 53 -1.29 -3.91 18.62
CA GLY C 53 -2.54 -3.40 19.17
C GLY C 53 -3.83 -4.05 18.66
N THR C 54 -3.71 -5.10 17.88
CA THR C 54 -4.89 -5.76 17.32
C THR C 54 -5.15 -7.05 18.05
N GLY C 55 -6.35 -7.59 17.85
CA GLY C 55 -6.75 -8.85 18.46
C GLY C 55 -7.57 -9.72 17.53
N ARG C 56 -7.64 -11.01 17.85
CA ARG C 56 -8.44 -11.94 17.07
C ARG C 56 -9.06 -12.97 17.97
N ARG C 57 -10.35 -13.24 17.74
CA ARG C 57 -11.04 -14.34 18.38
C ARG C 57 -10.77 -15.57 17.54
N ILE C 58 -10.21 -16.60 18.17
CA ILE C 58 -9.86 -17.82 17.43
C ILE C 58 -10.38 -19.04 18.14
N HIS C 59 -10.58 -20.10 17.37
CA HIS C 59 -10.98 -21.39 17.88
C HIS C 59 -9.72 -22.20 18.05
N SER C 60 -9.45 -22.63 19.27
CA SER C 60 -8.38 -23.60 19.53
C SER C 60 -8.99 -24.73 20.33
N TYR C 61 -8.22 -25.41 21.16
CA TYR C 61 -8.69 -26.59 21.89
C TYR C 61 -8.00 -26.73 23.23
N ARG C 62 -8.72 -27.28 24.22
CA ARG C 62 -8.15 -27.48 25.56
C ARG C 62 -6.92 -28.35 25.47
N GLY C 63 -5.85 -27.95 26.15
CA GLY C 63 -4.59 -28.70 26.13
C GLY C 63 -3.65 -28.35 24.99
N HIS C 64 -4.07 -27.50 24.05
CA HIS C 64 -3.18 -27.11 22.95
C HIS C 64 -2.13 -26.11 23.40
N LEU C 65 -0.95 -26.17 22.78
CA LEU C 65 0.17 -25.35 23.19
C LEU C 65 0.46 -24.28 22.16
N TRP C 66 0.55 -23.04 22.64
CA TRP C 66 0.85 -21.90 21.79
C TRP C 66 1.97 -21.09 22.39
N LEU C 67 2.86 -20.60 21.54
CA LEU C 67 3.79 -19.54 21.95
C LEU C 67 3.73 -18.47 20.88
N PHE C 68 4.35 -17.32 21.14
CA PHE C 68 4.18 -16.13 20.29
C PHE C 68 5.50 -15.38 20.07
N ARG C 69 5.78 -15.01 18.83
CA ARG C 69 7.03 -14.37 18.46
C ARG C 69 6.84 -13.12 17.61
N ASP C 70 7.92 -12.37 17.45
CA ASP C 70 7.97 -11.28 16.49
C ASP C 70 8.10 -11.89 15.09
N ALA C 71 7.09 -11.69 14.26
CA ALA C 71 7.05 -12.28 12.92
C ALA C 71 8.31 -12.03 12.08
N GLY C 72 8.99 -10.91 12.31
CA GLY C 72 10.14 -10.50 11.50
C GLY C 72 11.46 -11.02 12.01
N THR C 73 11.66 -10.93 13.32
CA THR C 73 12.94 -11.24 13.94
C THR C 73 12.91 -12.54 14.76
N HIS C 74 11.71 -13.08 14.96
CA HIS C 74 11.47 -14.22 15.85
C HIS C 74 11.83 -13.98 17.32
N ASP C 75 12.05 -12.72 17.69
CA ASP C 75 12.23 -12.33 19.08
C ASP C 75 11.07 -12.89 19.88
N GLY C 76 11.37 -13.38 21.08
CA GLY C 76 10.37 -14.04 21.91
C GLY C 76 9.46 -13.04 22.60
N LEU C 77 8.19 -13.41 22.73
CA LEU C 77 7.21 -12.60 23.44
C LEU C 77 6.56 -13.39 24.57
N LEU C 78 5.89 -12.67 25.47
CA LEU C 78 5.21 -13.31 26.59
C LEU C 78 3.72 -13.33 26.30
N VAL C 79 3.06 -14.31 26.90
CA VAL C 79 1.62 -14.41 26.85
C VAL C 79 1.15 -14.69 28.27
N ASN C 80 0.24 -13.85 28.77
CA ASN C 80 -0.17 -13.88 30.17
C ASN C 80 1.01 -14.12 31.10
N GLN C 81 2.09 -13.36 30.85
CA GLN C 81 3.30 -13.31 31.69
C GLN C 81 4.24 -14.52 31.57
N THR C 82 4.00 -15.42 30.63
CA THR C 82 4.83 -16.63 30.51
C THR C 82 5.09 -16.97 29.05
N GLU C 83 5.92 -18.00 28.84
CA GLU C 83 6.30 -18.45 27.50
C GLU C 83 5.17 -19.16 26.74
N LEU C 84 4.45 -20.04 27.42
CA LEU C 84 3.47 -20.91 26.79
C LEU C 84 2.06 -20.55 27.18
N PHE C 85 1.16 -20.65 26.22
CA PHE C 85 -0.26 -20.44 26.50
C PHE C 85 -1.03 -21.71 26.17
N VAL C 86 -1.81 -22.19 27.14
CA VAL C 86 -2.59 -23.40 26.97
C VAL C 86 -4.07 -23.09 27.21
N PRO C 87 -4.89 -23.10 26.13
CA PRO C 87 -6.31 -22.77 26.30
C PRO C 87 -6.97 -23.67 27.33
N SER C 88 -7.68 -23.05 28.26
CA SER C 88 -8.34 -23.77 29.35
C SER C 88 -9.85 -23.88 29.06
N LEU C 89 -10.59 -24.40 30.02
CA LEU C 89 -12.03 -24.54 29.90
C LEU C 89 -12.72 -23.18 29.89
N ASN C 90 -13.65 -22.98 28.95
CA ASN C 90 -14.46 -21.76 28.91
C ASN C 90 -15.58 -21.79 29.94
N VAL C 91 -15.62 -20.79 30.82
CA VAL C 91 -16.63 -20.69 31.87
C VAL C 91 -17.73 -19.68 31.49
N ASP C 92 -18.95 -20.18 31.32
CA ASP C 92 -20.15 -19.36 31.05
C ASP C 92 -20.12 -18.61 29.71
N GLY C 93 -19.65 -19.29 28.65
CA GLY C 93 -19.58 -18.69 27.31
C GLY C 93 -18.75 -17.42 27.28
N GLN C 94 -17.52 -17.53 27.78
CA GLN C 94 -16.56 -16.43 27.75
C GLN C 94 -15.23 -16.96 27.24
N PRO C 95 -14.62 -16.27 26.26
CA PRO C 95 -13.31 -16.72 25.77
C PRO C 95 -12.18 -16.51 26.77
N ILE C 96 -11.08 -17.25 26.59
CA ILE C 96 -9.91 -17.10 27.43
C ILE C 96 -9.07 -15.99 26.83
N PHE C 97 -8.63 -15.05 27.66
CA PHE C 97 -7.83 -13.93 27.16
C PHE C 97 -6.36 -14.31 27.10
N ALA C 98 -5.78 -14.24 25.91
CA ALA C 98 -4.37 -14.49 25.71
C ALA C 98 -3.67 -13.16 25.45
N ASN C 99 -2.97 -12.69 26.47
CA ASN C 99 -2.44 -11.34 26.48
C ASN C 99 -0.95 -11.28 26.12
N ILE C 100 -0.69 -10.83 24.90
CA ILE C 100 0.64 -10.90 24.32
C ILE C 100 1.36 -9.57 24.51
N THR C 101 2.49 -9.63 25.22
CA THR C 101 3.23 -8.43 25.63
C THR C 101 4.73 -8.57 25.39
N LEU C 102 5.44 -7.44 25.42
CA LEU C 102 6.90 -7.47 25.37
C LEU C 102 7.40 -8.00 26.70
N PRO C 103 8.44 -8.83 26.67
CA PRO C 103 9.11 -9.07 27.94
C PRO C 103 10.01 -7.90 28.26
N VAL C 104 10.50 -7.84 29.51
CA VAL C 104 11.59 -6.96 29.85
C VAL C 104 12.88 -7.64 29.37
N TYR C 105 13.24 -7.43 28.11
CA TYR C 105 14.51 -7.92 27.58
C TYR C 105 15.66 -7.38 28.39
N THR C 106 16.73 -8.15 28.53
CA THR C 106 17.96 -7.63 29.08
C THR C 106 18.44 -6.50 28.16
N LEU C 107 19.22 -5.58 28.70
CA LEU C 107 19.81 -4.57 27.86
C LEU C 107 20.66 -5.18 26.74
N LYS C 108 21.43 -6.22 27.04
CA LYS C 108 22.25 -6.91 26.03
C LYS C 108 21.45 -7.45 24.84
N GLU C 109 20.35 -8.15 25.13
CA GLU C 109 19.54 -8.73 24.06
C GLU C 109 18.84 -7.64 23.26
N ARG C 110 18.42 -6.58 23.95
CA ARG C 110 17.78 -5.46 23.27
C ARG C 110 18.77 -4.80 22.32
N CYS C 111 19.99 -4.55 22.79
CA CYS C 111 21.05 -4.04 21.93
C CYS C 111 21.24 -4.92 20.69
N LEU C 112 21.27 -6.24 20.89
CA LEU C 112 21.46 -7.19 19.78
C LEU C 112 20.33 -7.11 18.77
N GLN C 113 19.10 -6.94 19.25
CA GLN C 113 17.94 -6.75 18.34
C GLN C 113 18.15 -5.55 17.43
N VAL C 114 18.49 -4.41 18.03
CA VAL C 114 18.67 -3.19 17.27
C VAL C 114 19.84 -3.30 16.28
N VAL C 115 20.93 -3.93 16.70
CA VAL C 115 22.06 -4.10 15.79
C VAL C 115 21.66 -5.01 14.63
N ARG C 116 21.03 -6.14 14.92
CA ARG C 116 20.52 -7.03 13.88
C ARG C 116 19.62 -6.30 12.89
N SER C 117 18.78 -5.40 13.40
CA SER C 117 17.83 -4.65 12.57
C SER C 117 18.48 -3.62 11.66
N LEU C 118 19.73 -3.25 11.93
CA LEU C 118 20.46 -2.26 11.12
C LEU C 118 21.50 -2.87 10.18
N VAL C 119 22.05 -4.03 10.56
CA VAL C 119 23.15 -4.66 9.82
C VAL C 119 22.67 -5.97 9.19
N LYS C 120 22.98 -6.15 7.91
CA LYS C 120 22.64 -7.38 7.23
C LYS C 120 23.58 -8.47 7.73
N PRO C 121 23.06 -9.70 7.94
CA PRO C 121 23.90 -10.78 8.47
C PRO C 121 25.25 -10.95 7.78
N GLU C 122 25.32 -10.58 6.51
CA GLU C 122 26.56 -10.71 5.73
CA GLU C 122 26.56 -10.69 5.73
C GLU C 122 27.66 -9.79 6.29
N ASN C 123 27.25 -8.72 7.00
CA ASN C 123 28.19 -7.68 7.51
C ASN C 123 28.52 -7.72 9.01
N TYR C 124 28.01 -8.69 9.76
CA TYR C 124 28.33 -8.78 11.18
C TYR C 124 29.84 -8.86 11.43
N ARG C 125 30.55 -9.58 10.56
CA ARG C 125 32.00 -9.75 10.69
C ARG C 125 32.78 -8.45 10.49
N ARG C 126 32.19 -7.50 9.76
CA ARG C 126 32.83 -6.20 9.53
C ARG C 126 32.69 -5.22 10.71
N LEU C 127 31.79 -5.51 11.66
CA LEU C 127 31.60 -4.66 12.84
C LEU C 127 32.79 -4.77 13.77
N ASP C 128 33.22 -3.62 14.32
CA ASP C 128 34.41 -3.58 15.15
C ASP C 128 34.07 -3.89 16.62
N ILE C 129 33.95 -5.18 16.91
CA ILE C 129 33.58 -5.67 18.23
C ILE C 129 34.25 -7.00 18.47
N VAL C 130 34.37 -7.40 19.73
CA VAL C 130 35.01 -8.68 20.07
C VAL C 130 34.28 -9.85 19.40
N ARG C 131 35.03 -10.91 19.08
CA ARG C 131 34.48 -12.05 18.38
C ARG C 131 33.20 -12.55 19.05
N SER C 132 33.17 -12.60 20.38
CA SER C 132 32.05 -13.24 21.10
C SER C 132 30.71 -12.53 20.92
N LEU C 133 30.74 -11.23 20.63
CA LEU C 133 29.53 -10.49 20.26
C LEU C 133 29.10 -10.80 18.83
N TYR C 134 30.07 -11.04 17.95
CA TYR C 134 29.79 -11.50 16.60
C TYR C 134 29.02 -12.80 16.66
N GLU C 135 29.45 -13.72 17.53
CA GLU C 135 28.74 -15.00 17.72
C GLU C 135 27.34 -14.79 18.33
N ASP C 136 27.21 -13.87 19.28
CA ASP C 136 25.91 -13.58 19.91
C ASP C 136 24.90 -13.01 18.90
N LEU C 137 25.37 -12.17 17.97
CA LEU C 137 24.52 -11.64 16.88
C LEU C 137 24.03 -12.75 15.94
N GLU C 138 24.92 -13.65 15.56
CA GLU C 138 24.59 -14.74 14.65
C GLU C 138 23.67 -15.77 15.30
N ASP C 139 23.74 -15.89 16.62
CA ASP C 139 22.85 -16.75 17.38
C ASP C 139 21.47 -16.07 17.52
N HIS C 140 20.74 -16.00 16.40
CA HIS C 140 19.43 -15.37 16.34
C HIS C 140 18.44 -16.07 17.27
N PRO C 141 17.37 -15.38 17.68
CA PRO C 141 16.32 -16.10 18.37
C PRO C 141 15.71 -17.10 17.40
N ASN C 142 15.53 -18.34 17.87
CA ASN C 142 15.11 -19.45 17.03
C ASN C 142 14.11 -20.33 17.80
N VAL C 143 13.03 -20.73 17.15
CA VAL C 143 11.96 -21.47 17.82
C VAL C 143 12.41 -22.85 18.26
N GLN C 144 13.10 -23.58 17.40
CA GLN C 144 13.59 -24.91 17.74
C GLN C 144 14.52 -24.88 18.96
N LYS C 145 15.38 -23.87 19.02
CA LYS C 145 16.27 -23.67 20.16
C LYS C 145 15.50 -23.59 21.48
N ASP C 146 14.48 -22.74 21.51
CA ASP C 146 13.68 -22.52 22.71
C ASP C 146 12.80 -23.72 23.07
N LEU C 147 12.39 -24.50 22.07
CA LEU C 147 11.67 -25.74 22.34
C LEU C 147 12.56 -26.75 23.04
N GLU C 148 13.85 -26.76 22.66
CA GLU C 148 14.83 -27.61 23.35
C GLU C 148 15.11 -27.06 24.74
N ARG C 149 15.23 -25.72 24.85
CA ARG C 149 15.42 -25.04 26.14
C ARG C 149 14.26 -25.32 27.10
N LEU C 150 13.03 -25.16 26.61
CA LEU C 150 11.82 -25.41 27.41
C LEU C 150 11.71 -26.87 27.81
N THR C 151 12.25 -27.76 26.97
CA THR C 151 12.33 -29.19 27.26
C THR C 151 13.59 -29.50 28.08
N MET D 1 16.36 14.76 -3.47
CA MET D 1 16.96 14.55 -4.83
C MET D 1 18.44 14.94 -4.80
N ASP D 2 19.32 13.98 -5.07
CA ASP D 2 20.77 14.20 -4.98
C ASP D 2 21.31 14.95 -6.19
N VAL D 3 22.28 15.83 -5.95
CA VAL D 3 23.04 16.48 -7.01
C VAL D 3 24.51 16.12 -6.79
N PHE D 4 25.26 15.97 -7.88
CA PHE D 4 26.66 15.54 -7.80
C PHE D 4 27.60 16.63 -8.32
N LEU D 5 28.63 16.95 -7.54
CA LEU D 5 29.37 18.19 -7.72
C LEU D 5 30.88 18.01 -7.80
N MET D 6 31.52 18.85 -8.59
CA MET D 6 32.95 19.13 -8.48
C MET D 6 33.09 20.55 -7.95
N ILE D 7 33.66 20.69 -6.75
CA ILE D 7 33.92 22.00 -6.17
C ILE D 7 35.40 22.31 -6.37
N ARG D 8 35.67 23.33 -7.16
CA ARG D 8 36.99 23.53 -7.71
C ARG D 8 37.62 24.88 -7.33
N ARG D 9 38.87 24.83 -6.88
CA ARG D 9 39.70 26.02 -6.63
C ARG D 9 41.13 25.71 -7.05
N HIS D 10 41.72 26.61 -7.82
CA HIS D 10 43.11 26.47 -8.30
C HIS D 10 43.32 25.08 -8.95
N LYS D 11 44.02 24.17 -8.26
CA LYS D 11 44.21 22.81 -8.74
C LYS D 11 43.59 21.78 -7.78
N THR D 12 42.71 22.24 -6.91
CA THR D 12 41.92 21.36 -6.05
C THR D 12 40.56 21.09 -6.71
N THR D 13 40.12 19.83 -6.65
CA THR D 13 38.79 19.43 -7.09
C THR D 13 38.21 18.41 -6.10
N ILE D 14 37.12 18.80 -5.42
CA ILE D 14 36.41 17.91 -4.50
C ILE D 14 35.19 17.29 -5.18
N PHE D 15 35.08 15.96 -5.10
CA PHE D 15 33.88 15.26 -5.57
C PHE D 15 32.99 14.94 -4.39
N THR D 16 31.81 15.54 -4.35
CA THR D 16 30.86 15.26 -3.29
C THR D 16 29.45 15.40 -3.86
N ASP D 17 28.47 15.06 -3.04
CA ASP D 17 27.09 15.19 -3.42
C ASP D 17 26.34 15.94 -2.34
N ALA D 18 25.11 16.33 -2.66
CA ALA D 18 24.25 17.05 -1.73
C ALA D 18 22.83 17.01 -2.26
N LYS D 19 21.88 17.37 -1.40
CA LYS D 19 20.47 17.40 -1.78
C LYS D 19 20.17 18.67 -2.55
N GLU D 20 19.21 18.58 -3.46
CA GLU D 20 18.77 19.71 -4.27
C GLU D 20 18.23 20.86 -3.40
N SER D 21 17.65 20.51 -2.25
CA SER D 21 17.07 21.50 -1.33
C SER D 21 18.02 21.94 -0.19
N SER D 22 19.28 21.53 -0.26
CA SER D 22 20.27 21.94 0.74
C SER D 22 20.78 23.31 0.35
N THR D 23 21.24 24.09 1.33
CA THR D 23 21.62 25.47 1.08
C THR D 23 23.07 25.59 0.65
N VAL D 24 23.41 26.76 0.12
CA VAL D 24 24.79 27.10 -0.22
C VAL D 24 25.65 27.10 1.05
N PHE D 25 25.06 27.54 2.17
CA PHE D 25 25.75 27.56 3.46
C PHE D 25 26.07 26.15 3.87
N GLU D 26 25.05 25.28 3.85
CA GLU D 26 25.24 23.87 4.20
C GLU D 26 26.31 23.20 3.35
N LEU D 27 26.44 23.64 2.09
CA LEU D 27 27.53 23.16 1.22
C LEU D 27 28.89 23.71 1.66
N LYS D 28 28.95 24.96 2.13
CA LYS D 28 30.20 25.54 2.68
C LYS D 28 30.71 24.80 3.93
N ARG D 29 29.78 24.32 4.77
CA ARG D 29 30.13 23.48 5.92
C ARG D 29 30.87 22.21 5.50
N ILE D 30 30.41 21.60 4.41
CA ILE D 30 31.02 20.37 3.89
C ILE D 30 32.45 20.62 3.40
N VAL D 31 32.67 21.77 2.75
CA VAL D 31 34.01 22.17 2.32
C VAL D 31 34.90 22.42 3.55
N GLU D 32 34.31 23.03 4.59
CA GLU D 32 35.02 23.29 5.86
C GLU D 32 35.61 22.03 6.45
N GLY D 33 34.80 20.97 6.47
CA GLY D 33 35.24 19.67 6.98
C GLY D 33 36.44 19.12 6.25
N ILE D 34 36.47 19.32 4.93
CA ILE D 34 37.52 18.82 4.07
C ILE D 34 38.74 19.76 4.08
N LEU D 35 38.56 20.98 3.61
CA LEU D 35 39.69 21.92 3.42
C LEU D 35 40.02 22.83 4.62
N LYS D 36 39.31 22.63 5.74
CA LYS D 36 39.63 23.30 7.01
C LYS D 36 39.55 24.83 6.93
N ARG D 37 38.56 25.33 6.21
CA ARG D 37 38.29 26.77 6.15
C ARG D 37 36.84 27.03 6.54
N PRO D 38 36.59 27.99 7.44
CA PRO D 38 35.20 28.25 7.82
C PRO D 38 34.38 28.92 6.70
N PRO D 39 33.05 28.82 6.76
CA PRO D 39 32.18 29.41 5.73
C PRO D 39 32.51 30.87 5.39
N ASP D 40 32.63 31.71 6.42
CA ASP D 40 32.91 33.14 6.20
C ASP D 40 34.21 33.45 5.44
N GLU D 41 35.08 32.44 5.27
CA GLU D 41 36.28 32.58 4.44
C GLU D 41 36.11 31.95 3.07
N GLN D 42 34.87 31.70 2.65
CA GLN D 42 34.60 31.05 1.38
C GLN D 42 33.64 31.86 0.51
N ARG D 43 33.80 31.71 -0.80
CA ARG D 43 32.80 32.18 -1.77
C ARG D 43 32.56 31.08 -2.80
N LEU D 44 31.34 30.56 -2.83
CA LEU D 44 30.95 29.58 -3.84
C LEU D 44 30.36 30.30 -5.04
N TYR D 45 30.58 29.72 -6.21
CA TYR D 45 30.15 30.32 -7.47
C TYR D 45 29.48 29.28 -8.36
N LYS D 46 28.57 29.73 -9.20
CA LYS D 46 28.17 28.98 -10.38
C LYS D 46 28.65 29.79 -11.58
N ASP D 47 29.64 29.27 -12.29
CA ASP D 47 30.33 30.03 -13.32
C ASP D 47 30.83 31.33 -12.67
N ASP D 48 30.43 32.51 -13.15
CA ASP D 48 30.90 33.78 -12.56
C ASP D 48 30.02 34.37 -11.44
N GLN D 49 28.85 33.78 -11.21
CA GLN D 49 27.87 34.31 -10.25
C GLN D 49 28.15 33.88 -8.82
N LEU D 50 28.13 34.85 -7.91
CA LEU D 50 28.34 34.58 -6.49
C LEU D 50 27.05 34.00 -5.90
N LEU D 51 27.20 32.95 -5.10
CA LEU D 51 26.07 32.24 -4.51
C LEU D 51 25.77 32.68 -3.08
N ASP D 52 24.55 33.16 -2.84
CA ASP D 52 24.12 33.56 -1.49
C ASP D 52 23.91 32.34 -0.57
N ASP D 53 24.43 32.44 0.64
CA ASP D 53 24.35 31.38 1.65
C ASP D 53 22.94 30.81 1.83
N GLY D 54 21.94 31.68 1.86
CA GLY D 54 20.59 31.26 2.17
C GLY D 54 19.89 30.47 1.08
N LYS D 55 20.42 30.54 -0.13
CA LYS D 55 19.77 29.94 -1.30
C LYS D 55 20.03 28.43 -1.37
N THR D 56 19.08 27.70 -1.95
CA THR D 56 19.22 26.26 -2.11
C THR D 56 19.94 25.99 -3.42
N LEU D 57 20.58 24.84 -3.51
CA LEU D 57 21.26 24.45 -4.74
C LEU D 57 20.28 24.30 -5.91
N GLY D 58 19.04 23.92 -5.62
CA GLY D 58 17.98 23.83 -6.64
C GLY D 58 17.64 25.15 -7.29
N GLU D 59 17.50 26.18 -6.44
CA GLU D 59 17.30 27.57 -6.88
C GLU D 59 18.46 28.11 -7.73
N CAS D 60 19.69 27.72 -7.39
CA CAS D 60 20.87 28.17 -8.11
CB CAS D 60 22.07 28.19 -7.17
C CAS D 60 21.18 27.32 -9.32
O CAS D 60 22.28 27.44 -9.88
SG CAS D 60 21.85 29.35 -5.86
AS CAS D 60 21.52 31.31 -6.93
CE1 CAS D 60 19.72 31.94 -6.43
CE2 CAS D 60 22.81 32.70 -6.34
N GLY D 61 20.25 26.46 -9.72
CA GLY D 61 20.36 25.74 -10.97
C GLY D 61 21.18 24.46 -10.96
N PHE D 62 21.47 23.93 -9.77
CA PHE D 62 22.05 22.59 -9.65
C PHE D 62 20.92 21.63 -9.41
N THR D 63 20.58 20.83 -10.43
CA THR D 63 19.45 19.89 -10.39
C THR D 63 19.88 18.45 -10.64
N SER D 64 19.08 17.51 -10.15
CA SER D 64 19.31 16.08 -10.33
C SER D 64 19.83 15.74 -11.70
N GLN D 65 19.22 16.35 -12.70
CA GLN D 65 19.39 15.89 -14.08
C GLN D 65 20.53 16.56 -14.83
N THR D 66 21.17 17.58 -14.23
CA THR D 66 22.37 18.19 -14.80
C THR D 66 23.60 17.98 -13.94
N ALA D 67 23.44 17.99 -12.63
CA ALA D 67 24.52 17.63 -11.72
C ALA D 67 24.52 16.12 -11.50
N ARG D 68 24.98 15.36 -12.50
CA ARG D 68 24.88 13.90 -12.52
C ARG D 68 26.15 13.18 -11.99
N PRO D 69 26.00 11.91 -11.55
CA PRO D 69 27.16 11.18 -10.99
C PRO D 69 28.35 11.10 -11.96
N GLN D 70 28.04 10.90 -13.24
CA GLN D 70 29.05 10.68 -14.26
C GLN D 70 29.44 11.95 -14.98
N ALA D 71 28.71 13.03 -14.73
CA ALA D 71 29.00 14.34 -15.33
C ALA D 71 28.52 15.38 -14.36
N PRO D 72 29.28 15.56 -13.26
CA PRO D 72 28.88 16.47 -12.19
C PRO D 72 29.05 17.93 -12.59
N ALA D 73 28.29 18.79 -11.91
CA ALA D 73 28.31 20.23 -12.16
C ALA D 73 29.43 20.87 -11.35
N THR D 74 30.09 21.86 -11.94
CA THR D 74 31.20 22.53 -11.28
C THR D 74 30.72 23.69 -10.38
N VAL D 75 31.31 23.80 -9.20
CA VAL D 75 31.05 24.87 -8.27
C VAL D 75 32.38 25.55 -7.97
N GLY D 76 32.48 26.85 -8.24
CA GLY D 76 33.71 27.59 -8.03
C GLY D 76 33.92 27.93 -6.57
N LEU D 77 35.17 27.91 -6.12
CA LEU D 77 35.50 28.27 -4.76
C LEU D 77 36.67 29.27 -4.76
N ALA D 78 36.55 30.29 -3.89
CA ALA D 78 37.60 31.28 -3.66
C ALA D 78 37.71 31.52 -2.17
N PHE D 79 38.95 31.57 -1.67
CA PHE D 79 39.21 31.74 -0.25
C PHE D 79 39.54 33.20 0.11
N ARG D 80 39.38 33.54 1.38
CA ARG D 80 39.86 34.81 1.95
C ARG D 80 41.07 34.55 2.84
N ALA D 81 42.23 35.09 2.47
CA ALA D 81 43.47 34.89 3.22
C ALA D 81 43.52 35.78 4.46
N ASP D 83 42.13 39.19 4.69
CA ASP D 83 41.68 40.57 4.57
C ASP D 83 40.65 40.72 3.43
N THR D 84 41.04 40.30 2.24
CA THR D 84 40.17 40.34 1.05
C THR D 84 40.17 39.01 0.31
N PHE D 85 39.07 38.72 -0.38
CA PHE D 85 38.97 37.49 -1.16
C PHE D 85 39.85 37.54 -2.40
N GLU D 86 40.38 36.38 -2.77
CA GLU D 86 41.11 36.22 -4.03
C GLU D 86 40.10 36.22 -5.18
N ALA D 87 40.58 36.47 -6.39
CA ALA D 87 39.77 36.29 -7.59
C ALA D 87 39.50 34.79 -7.78
N LEU D 88 38.36 34.44 -8.37
CA LEU D 88 38.01 33.05 -8.67
C LEU D 88 38.93 32.52 -9.76
N CAS D 89 39.63 31.44 -9.45
CA CAS D 89 40.59 30.84 -10.37
CB CAS D 89 42.00 31.26 -9.94
C CAS D 89 40.36 29.36 -10.31
O CAS D 89 40.31 28.77 -9.23
SG CAS D 89 43.31 30.32 -10.70
AS CAS D 89 43.30 31.02 -12.82
CE1 CAS D 89 42.15 32.64 -13.09
CE2 CAS D 89 45.18 31.43 -13.36
N ILE D 90 40.17 28.77 -11.49
CA ILE D 90 40.07 27.32 -11.65
C ILE D 90 41.04 26.94 -12.74
N GLU D 91 42.11 26.24 -12.38
CA GLU D 91 43.09 25.78 -13.36
C GLU D 91 42.41 24.66 -14.15
N PRO D 92 42.47 24.73 -15.48
CA PRO D 92 41.81 23.70 -16.29
C PRO D 92 42.58 22.39 -16.24
N PHE D 93 41.90 21.28 -16.54
CA PHE D 93 42.56 19.99 -16.61
C PHE D 93 43.46 19.96 -17.83
N SER D 94 44.32 18.95 -17.90
CA SER D 94 45.21 18.78 -19.03
C SER D 94 44.41 18.50 -20.30
N SER D 95 45.07 18.61 -21.45
CA SER D 95 44.42 18.39 -22.72
C SER D 95 44.81 17.03 -23.28
N PRO D 96 43.86 16.32 -23.89
CA PRO D 96 44.20 15.04 -24.50
C PRO D 96 45.01 15.24 -25.79
N PRO D 97 45.67 14.17 -26.25
CA PRO D 97 46.50 14.26 -27.45
C PRO D 97 45.68 14.21 -28.73
N GLU D 98 46.36 14.30 -29.88
CA GLU D 98 45.71 14.06 -31.16
C GLU D 98 45.29 12.59 -31.23
N LEU D 99 44.08 12.35 -31.74
CA LEU D 99 43.58 10.99 -31.96
C LEU D 99 44.53 10.24 -32.91
N PRO D 100 44.96 9.04 -32.50
CA PRO D 100 45.80 8.22 -33.39
C PRO D 100 45.17 7.99 -34.78
N ASP D 101 46.02 7.75 -35.78
CA ASP D 101 45.57 7.56 -37.17
C ASP D 101 44.52 6.46 -37.33
N VAL D 102 44.54 5.45 -36.45
CA VAL D 102 43.58 4.34 -36.49
C VAL D 102 42.30 4.58 -35.66
N MET D 103 42.03 5.83 -35.28
CA MET D 103 40.84 6.19 -34.50
C MET D 103 40.15 7.42 -35.11
N MET E 2 37.38 9.29 6.09
CA MET E 2 36.39 9.97 5.21
C MET E 2 36.90 10.17 3.80
N TYR E 3 37.80 11.12 3.62
CA TYR E 3 38.25 11.53 2.29
C TYR E 3 39.73 11.19 2.06
N VAL E 4 40.06 10.99 0.79
CA VAL E 4 41.44 10.74 0.36
C VAL E 4 41.76 11.66 -0.81
N LYS E 5 43.05 11.83 -1.07
CA LYS E 5 43.52 12.75 -2.11
C LYS E 5 44.21 11.97 -3.21
N LEU E 6 43.80 12.20 -4.44
CA LEU E 6 44.39 11.54 -5.59
C LEU E 6 44.97 12.61 -6.49
N ILE E 7 46.28 12.56 -6.71
CA ILE E 7 46.98 13.63 -7.39
C ILE E 7 47.47 13.17 -8.76
N SER E 8 47.14 13.94 -9.81
CA SER E 8 47.54 13.59 -11.17
C SER E 8 49.01 13.86 -11.46
N SER E 9 49.47 13.43 -12.62
CA SER E 9 50.85 13.67 -13.05
C SER E 9 51.13 15.16 -13.21
N ASP E 10 50.13 15.92 -13.66
CA ASP E 10 50.27 17.38 -13.82
C ASP E 10 49.87 18.20 -12.58
N GLY E 11 49.68 17.56 -11.43
CA GLY E 11 49.51 18.29 -10.16
C GLY E 11 48.10 18.51 -9.60
N HIS E 12 47.05 18.21 -10.35
CA HIS E 12 45.67 18.37 -9.86
C HIS E 12 45.36 17.41 -8.72
N GLU E 13 44.77 17.95 -7.66
CA GLU E 13 44.46 17.18 -6.46
C GLU E 13 42.96 16.93 -6.39
N PHE E 14 42.55 15.69 -6.68
CA PHE E 14 41.15 15.30 -6.62
C PHE E 14 40.85 14.68 -5.26
N ILE E 15 39.92 15.26 -4.53
CA ILE E 15 39.55 14.77 -3.21
C ILE E 15 38.24 13.97 -3.29
N VAL E 16 38.30 12.70 -2.88
CA VAL E 16 37.13 11.82 -2.95
C VAL E 16 36.95 11.05 -1.66
N LYS E 17 35.74 10.50 -1.47
CA LYS E 17 35.43 9.65 -0.31
C LYS E 17 36.29 8.40 -0.31
N ARG E 18 36.73 7.96 0.88
CA ARG E 18 37.63 6.82 1.00
C ARG E 18 36.97 5.55 0.46
N GLU E 19 35.68 5.37 0.77
CA GLU E 19 34.86 4.26 0.24
C GLU E 19 34.95 4.18 -1.28
N HIS E 20 34.74 5.31 -1.94
CA HIS E 20 34.75 5.40 -3.40
C HIS E 20 36.11 5.02 -3.98
N ALA E 21 37.17 5.46 -3.32
CA ALA E 21 38.52 5.20 -3.79
C ALA E 21 38.97 3.75 -3.55
N LEU E 22 38.56 3.14 -2.44
CA LEU E 22 38.90 1.74 -2.16
C LEU E 22 38.21 0.75 -3.10
N THR E 23 37.23 1.22 -3.89
CA THR E 23 36.78 0.49 -5.08
C THR E 23 37.95 -0.21 -5.77
N SER E 24 39.02 0.55 -5.99
CA SER E 24 40.22 0.06 -6.63
C SER E 24 41.13 -0.60 -5.62
N GLY E 25 41.48 -1.86 -5.88
CA GLY E 25 42.45 -2.57 -5.06
C GLY E 25 43.85 -1.98 -5.12
N THR E 26 44.26 -1.48 -6.28
CA THR E 26 45.56 -0.84 -6.45
C THR E 26 45.71 0.37 -5.51
N ILE E 27 44.69 1.23 -5.47
CA ILE E 27 44.69 2.38 -4.56
C ILE E 27 44.68 1.92 -3.10
N LYS E 28 43.86 0.93 -2.78
CA LYS E 28 43.85 0.35 -1.43
C LYS E 28 45.27 0.00 -1.00
N ALA E 29 46.02 -0.62 -1.90
CA ALA E 29 47.40 -1.04 -1.59
C ALA E 29 48.34 0.14 -1.47
N MET E 30 48.15 1.13 -2.34
CA MET E 30 48.93 2.35 -2.25
C MET E 30 48.65 3.15 -0.97
N LEU E 31 47.44 3.01 -0.40
CA LEU E 31 47.08 3.68 0.86
C LEU E 31 47.61 2.97 2.11
N SER E 32 47.10 1.76 2.36
CA SER E 32 47.54 0.94 3.50
C SER E 32 48.70 0.05 3.07
N GLY E 33 49.83 0.68 2.75
CA GLY E 33 51.01 -0.05 2.29
C GLY E 33 52.22 0.84 2.14
N THR E 42 49.73 11.22 4.01
CA THR E 42 49.45 9.91 4.59
C THR E 42 48.32 9.21 3.82
N ASN E 43 47.24 9.95 3.58
CA ASN E 43 46.18 9.48 2.68
C ASN E 43 46.14 10.32 1.40
N GLU E 44 47.31 10.47 0.79
CA GLU E 44 47.47 11.00 -0.55
C GLU E 44 48.07 9.90 -1.43
N VAL E 45 47.63 9.83 -2.69
CA VAL E 45 48.29 8.96 -3.67
C VAL E 45 48.66 9.81 -4.89
N ASN E 46 49.90 9.67 -5.33
CA ASN E 46 50.40 10.36 -6.52
C ASN E 46 50.48 9.40 -7.70
N PHE E 47 50.05 9.86 -8.87
CA PHE E 47 50.05 9.08 -10.08
C PHE E 47 50.90 9.79 -11.12
N ARG E 48 52.08 9.25 -11.40
CA ARG E 48 53.03 9.89 -12.30
C ARG E 48 52.67 9.73 -13.77
N GLU E 49 51.84 8.74 -14.08
CA GLU E 49 51.46 8.47 -15.47
C GLU E 49 50.04 8.89 -15.80
N ILE E 50 49.24 9.22 -14.79
CA ILE E 50 47.82 9.53 -15.02
C ILE E 50 47.56 11.05 -14.97
N PRO E 51 47.34 11.67 -16.15
CA PRO E 51 47.05 13.11 -16.14
C PRO E 51 45.67 13.43 -15.60
N SER E 52 45.41 14.72 -15.38
CA SER E 52 44.18 15.19 -14.74
C SER E 52 42.94 14.99 -15.61
N HIS E 53 43.09 15.01 -16.93
CA HIS E 53 41.94 14.80 -17.81
C HIS E 53 41.52 13.34 -17.84
N VAL E 54 42.43 12.45 -17.45
CA VAL E 54 42.11 11.05 -17.26
C VAL E 54 41.62 10.78 -15.84
N LEU E 55 42.32 11.33 -14.85
CA LEU E 55 42.02 11.01 -13.44
C LEU E 55 40.67 11.55 -12.98
N SER E 56 40.30 12.74 -13.46
CA SER E 56 38.98 13.31 -13.17
C SER E 56 37.85 12.38 -13.62
N LYS E 57 38.03 11.75 -14.78
CA LYS E 57 37.09 10.73 -15.24
C LYS E 57 37.04 9.53 -14.32
N VAL E 58 38.19 9.12 -13.82
CA VAL E 58 38.27 8.00 -12.88
C VAL E 58 37.43 8.28 -11.64
N CYS E 59 37.50 9.51 -11.13
CA CYS E 59 36.73 9.90 -9.96
C CYS E 59 35.23 9.94 -10.23
N MET E 60 34.87 10.37 -11.44
CA MET E 60 33.46 10.39 -11.86
C MET E 60 32.91 8.98 -11.94
N TYR E 61 33.72 8.06 -12.46
CA TYR E 61 33.38 6.65 -12.45
C TYR E 61 33.08 6.17 -11.04
N PHE E 62 33.97 6.44 -10.08
CA PHE E 62 33.73 6.00 -8.69
C PHE E 62 32.34 6.42 -8.25
N THR E 63 32.01 7.68 -8.52
CA THR E 63 30.70 8.23 -8.17
C THR E 63 29.60 7.44 -8.90
N TYR E 64 29.79 7.23 -10.20
CA TYR E 64 28.83 6.53 -11.05
C TYR E 64 28.57 5.09 -10.56
N LYS E 65 29.63 4.36 -10.27
CA LYS E 65 29.51 2.98 -9.83
C LYS E 65 28.72 2.89 -8.53
N VAL E 66 29.14 3.67 -7.54
CA VAL E 66 28.49 3.65 -6.23
C VAL E 66 27.01 4.05 -6.34
N ARG E 67 26.69 4.92 -7.29
CA ARG E 67 25.33 5.39 -7.42
C ARG E 67 24.43 4.39 -8.12
N TYR E 68 24.96 3.65 -9.08
CA TYR E 68 24.12 2.78 -9.90
C TYR E 68 24.28 1.27 -9.67
N THR E 69 25.24 0.88 -8.83
CA THR E 69 25.44 -0.54 -8.53
C THR E 69 24.23 -1.08 -7.78
N ASN E 70 23.63 -2.15 -8.33
CA ASN E 70 22.40 -2.76 -7.79
C ASN E 70 21.34 -1.71 -7.53
N SER E 71 20.73 -1.26 -8.62
CA SER E 71 19.83 -0.12 -8.61
C SER E 71 18.55 -0.48 -9.34
N SER E 72 17.41 -0.08 -8.78
CA SER E 72 16.12 -0.29 -9.42
C SER E 72 16.02 0.59 -10.68
N THR E 73 16.44 1.86 -10.53
CA THR E 73 16.40 2.85 -11.61
C THR E 73 17.06 2.39 -12.92
N GLU E 74 16.75 3.08 -14.00
CA GLU E 74 17.45 2.89 -15.26
C GLU E 74 18.87 3.45 -15.13
N ILE E 75 19.80 2.78 -15.79
CA ILE E 75 21.22 3.10 -15.70
C ILE E 75 21.70 3.75 -17.00
N PRO E 76 22.29 4.96 -16.91
CA PRO E 76 22.81 5.60 -18.12
C PRO E 76 24.23 5.15 -18.46
N GLU E 77 24.55 5.30 -19.73
CA GLU E 77 25.85 4.92 -20.25
C GLU E 77 26.91 5.78 -19.60
N PHE E 78 28.02 5.17 -19.17
CA PHE E 78 29.14 5.98 -18.71
C PHE E 78 29.83 6.63 -19.91
N PRO E 79 29.85 7.97 -19.96
CA PRO E 79 30.40 8.63 -21.16
C PRO E 79 31.93 8.62 -21.19
N ILE E 80 32.49 8.28 -22.35
CA ILE E 80 33.93 8.35 -22.55
C ILE E 80 34.19 8.96 -23.92
N ALA E 81 34.77 10.15 -23.93
CA ALA E 81 35.16 10.78 -25.18
C ALA E 81 36.21 9.90 -25.88
N PRO E 82 36.11 9.77 -27.20
CA PRO E 82 37.13 9.05 -27.97
C PRO E 82 38.56 9.46 -27.66
N GLU E 83 38.77 10.76 -27.46
CA GLU E 83 40.10 11.33 -27.29
C GLU E 83 40.82 10.82 -26.05
N ILE E 84 40.08 10.56 -24.98
CA ILE E 84 40.66 10.08 -23.72
C ILE E 84 40.59 8.56 -23.56
N ALA E 85 39.87 7.88 -24.45
CA ALA E 85 39.64 6.44 -24.33
C ALA E 85 40.91 5.65 -24.05
N LEU E 86 41.93 5.81 -24.89
CA LEU E 86 43.16 5.02 -24.73
C LEU E 86 43.79 5.18 -23.36
N GLU E 87 44.02 6.42 -22.95
CA GLU E 87 44.68 6.67 -21.68
C GLU E 87 43.84 6.14 -20.53
N LEU E 88 42.53 6.30 -20.65
CA LEU E 88 41.62 5.86 -19.60
C LEU E 88 41.64 4.34 -19.46
N LEU E 89 41.74 3.63 -20.56
CA LEU E 89 41.86 2.17 -20.55
C LEU E 89 43.12 1.77 -19.78
N MET E 90 44.22 2.45 -20.10
CA MET E 90 45.51 2.19 -19.43
C MET E 90 45.40 2.39 -17.92
N ALA E 91 44.74 3.48 -17.50
CA ALA E 91 44.52 3.76 -16.08
C ALA E 91 43.56 2.76 -15.42
N ALA E 92 42.57 2.28 -16.16
CA ALA E 92 41.62 1.31 -15.61
C ALA E 92 42.28 -0.04 -15.48
N ASN E 93 43.23 -0.33 -16.36
CA ASN E 93 43.97 -1.59 -16.32
C ASN E 93 44.91 -1.62 -15.11
N PHE E 94 45.50 -0.47 -14.83
CA PHE E 94 46.48 -0.33 -13.75
C PHE E 94 45.79 -0.35 -12.39
N LEU E 95 44.70 0.40 -12.28
CA LEU E 95 43.93 0.55 -11.04
C LEU E 95 42.99 -0.63 -10.77
N ASP E 96 42.74 -1.46 -11.79
CA ASP E 96 41.85 -2.61 -11.70
C ASP E 96 40.40 -2.24 -11.36
N CYS E 97 39.85 -1.18 -11.96
CA CYS E 97 38.46 -0.80 -11.71
C CYS E 97 37.58 -0.89 -12.95
N VAL F 11 24.19 -28.29 -19.65
CA VAL F 11 23.70 -27.96 -18.28
C VAL F 11 22.73 -26.77 -18.30
N LEU F 12 23.05 -25.75 -19.09
CA LEU F 12 22.14 -24.63 -19.33
C LEU F 12 21.29 -24.86 -20.57
N ARG F 13 20.04 -25.25 -20.34
CA ARG F 13 19.08 -25.49 -21.41
C ARG F 13 17.70 -25.00 -20.95
N SER F 14 16.77 -24.81 -21.89
CA SER F 14 15.39 -24.52 -21.53
C SER F 14 14.68 -25.80 -21.15
N VAL F 15 13.80 -25.71 -20.16
CA VAL F 15 12.99 -26.86 -19.76
C VAL F 15 11.76 -26.92 -20.66
N ASN F 16 11.54 -28.08 -21.30
CA ASN F 16 10.39 -28.22 -22.20
C ASN F 16 9.09 -28.40 -21.41
N SER F 17 8.59 -27.29 -20.87
CA SER F 17 7.47 -27.32 -19.92
C SER F 17 6.10 -27.25 -20.59
N ARG F 18 6.01 -26.67 -21.78
CA ARG F 18 4.73 -26.43 -22.45
C ARG F 18 3.73 -25.70 -21.54
N GLU F 19 4.23 -24.77 -20.74
CA GLU F 19 3.41 -24.01 -19.80
C GLU F 19 3.49 -22.53 -20.19
N PRO F 20 2.49 -22.03 -20.95
CA PRO F 20 2.57 -20.65 -21.45
C PRO F 20 2.83 -19.61 -20.37
N SER F 21 3.72 -18.67 -20.67
CA SER F 21 4.01 -17.55 -19.79
C SER F 21 4.32 -16.35 -20.66
N GLN F 22 3.44 -15.35 -20.65
CA GLN F 22 3.65 -14.12 -21.42
C GLN F 22 4.62 -13.20 -20.70
N VAL F 23 5.46 -12.54 -21.49
CA VAL F 23 6.55 -11.72 -20.98
C VAL F 23 6.56 -10.38 -21.69
N ILE F 24 7.03 -9.34 -20.99
CA ILE F 24 7.27 -8.04 -21.58
C ILE F 24 8.78 -7.78 -21.60
N PHE F 25 9.38 -7.81 -22.78
CA PHE F 25 10.75 -7.40 -22.92
C PHE F 25 10.74 -5.88 -22.98
N CAS F 26 11.36 -5.22 -22.01
CA CAS F 26 11.34 -3.76 -21.95
CB CAS F 26 10.63 -3.30 -20.68
C CAS F 26 12.76 -3.29 -22.01
O CAS F 26 13.50 -3.44 -21.05
SG CAS F 26 10.71 -1.54 -20.52
AS CAS F 26 9.07 -0.80 -21.82
CE1 CAS F 26 9.80 0.28 -23.30
CE2 CAS F 26 7.97 0.47 -20.78
N ASN F 27 13.15 -2.70 -23.15
CA ASN F 27 14.53 -2.23 -23.32
C ASN F 27 14.76 -0.88 -22.64
N ARG F 28 15.21 -0.92 -21.39
CA ARG F 28 15.55 0.30 -20.67
C ARG F 28 17.05 0.58 -20.77
N SER F 29 17.59 0.45 -21.98
CA SER F 29 18.98 0.69 -22.24
C SER F 29 19.12 1.54 -23.49
N PRO F 30 20.30 2.13 -23.69
CA PRO F 30 20.51 2.88 -24.92
C PRO F 30 20.97 1.98 -26.07
N ARG F 31 21.14 0.69 -25.79
CA ARG F 31 21.60 -0.26 -26.78
C ARG F 31 20.42 -0.88 -27.55
N VAL F 32 20.68 -1.20 -28.81
CA VAL F 32 19.81 -2.10 -29.57
C VAL F 32 20.02 -3.48 -28.97
N VAL F 33 18.94 -4.07 -28.46
CA VAL F 33 19.03 -5.34 -27.71
C VAL F 33 18.71 -6.58 -28.57
N LEU F 34 19.59 -7.57 -28.49
CA LEU F 34 19.36 -8.91 -29.03
C LEU F 34 18.91 -9.88 -27.92
N PRO F 35 17.64 -10.29 -27.93
CA PRO F 35 17.23 -11.32 -27.00
C PRO F 35 17.64 -12.68 -27.52
N VAL F 36 18.21 -13.51 -26.63
CA VAL F 36 18.69 -14.85 -26.99
C VAL F 36 18.01 -15.92 -26.14
N TRP F 37 17.32 -16.86 -26.78
CA TRP F 37 16.66 -17.97 -26.09
C TRP F 37 17.59 -19.16 -26.12
N LEU F 38 17.83 -19.79 -24.98
CA LEU F 38 18.58 -21.05 -24.95
C LEU F 38 17.64 -22.23 -25.21
N ASN F 39 17.80 -22.89 -26.34
CA ASN F 39 16.87 -23.95 -26.71
C ASN F 39 17.10 -25.23 -25.90
N PHE F 40 16.42 -26.32 -26.28
CA PHE F 40 16.41 -27.53 -25.48
C PHE F 40 17.75 -28.28 -25.49
N ASP F 41 18.53 -28.06 -26.55
CA ASP F 41 19.90 -28.58 -26.63
C ASP F 41 20.92 -27.62 -26.04
N GLY F 42 20.49 -26.44 -25.61
CA GLY F 42 21.39 -25.43 -25.05
C GLY F 42 22.05 -24.55 -26.10
N GLU F 43 21.55 -24.61 -27.33
CA GLU F 43 22.04 -23.72 -28.38
C GLU F 43 21.39 -22.34 -28.25
N PRO F 44 22.18 -21.26 -28.32
CA PRO F 44 21.59 -19.94 -28.25
C PRO F 44 20.85 -19.63 -29.53
N GLN F 45 19.58 -19.29 -29.41
CA GLN F 45 18.75 -18.92 -30.56
C GLN F 45 18.45 -17.41 -30.50
N PRO F 46 18.92 -16.64 -31.49
CA PRO F 46 18.61 -15.21 -31.52
C PRO F 46 17.18 -14.91 -31.96
N TYR F 47 16.60 -13.88 -31.38
CA TYR F 47 15.25 -13.40 -31.72
C TYR F 47 15.31 -11.95 -32.22
N PRO F 48 14.19 -11.41 -32.73
CA PRO F 48 14.23 -10.05 -33.31
C PRO F 48 14.72 -8.98 -32.33
N THR F 49 15.43 -7.97 -32.83
CA THR F 49 16.01 -6.95 -31.96
C THR F 49 14.96 -5.99 -31.42
N LEU F 50 15.32 -5.33 -30.32
CA LEU F 50 14.54 -4.25 -29.73
C LEU F 50 15.36 -2.97 -29.73
N PRO F 51 14.87 -1.90 -30.42
CA PRO F 51 15.52 -0.58 -30.28
C PRO F 51 15.46 -0.07 -28.84
N PRO F 52 16.29 0.94 -28.51
CA PRO F 52 16.29 1.54 -27.17
C PRO F 52 14.92 2.08 -26.76
N GLY F 53 14.57 1.91 -25.49
CA GLY F 53 13.32 2.46 -24.96
C GLY F 53 12.08 1.94 -25.64
N THR F 54 12.13 0.68 -26.06
CA THR F 54 10.97 0.02 -26.67
C THR F 54 10.67 -1.28 -25.95
N GLY F 55 9.45 -1.75 -26.11
CA GLY F 55 8.97 -2.95 -25.44
C GLY F 55 8.12 -3.81 -26.35
N ARG F 56 8.14 -5.11 -26.11
CA ARG F 56 7.36 -6.05 -26.86
C ARG F 56 6.76 -7.09 -25.94
N ARG F 57 5.47 -7.36 -26.13
CA ARG F 57 4.77 -8.41 -25.42
C ARG F 57 5.00 -9.70 -26.19
N ILE F 58 5.65 -10.68 -25.55
CA ILE F 58 6.02 -11.93 -26.23
C ILE F 58 5.51 -13.19 -25.54
N HIS F 59 5.22 -14.22 -26.34
CA HIS F 59 4.74 -15.51 -25.81
C HIS F 59 5.92 -16.44 -25.56
N SER F 60 6.20 -16.70 -24.28
CA SER F 60 7.23 -17.66 -23.91
C SER F 60 6.64 -18.76 -23.04
N TYR F 61 7.49 -19.48 -22.31
CA TYR F 61 7.05 -20.60 -21.48
C TYR F 61 7.86 -20.68 -20.19
N ARG F 62 7.25 -21.27 -19.17
CA ARG F 62 7.88 -21.39 -17.85
C ARG F 62 9.13 -22.27 -17.93
N GLY F 63 10.17 -21.88 -17.21
CA GLY F 63 11.44 -22.62 -17.20
C GLY F 63 12.36 -22.38 -18.41
N HIS F 64 11.93 -21.52 -19.34
CA HIS F 64 12.76 -21.19 -20.49
C HIS F 64 13.82 -20.15 -20.12
N LEU F 65 15.02 -20.28 -20.67
CA LEU F 65 16.14 -19.41 -20.33
C LEU F 65 16.38 -18.40 -21.45
N TRP F 66 16.46 -17.12 -21.07
CA TRP F 66 16.79 -16.04 -22.00
C TRP F 66 17.93 -15.24 -21.42
N LEU F 67 18.80 -14.75 -22.27
CA LEU F 67 19.71 -13.66 -21.89
C LEU F 67 19.65 -12.59 -22.97
N PHE F 68 20.33 -11.46 -22.74
CA PHE F 68 20.16 -10.27 -23.59
C PHE F 68 21.47 -9.55 -23.83
N ARG F 69 21.74 -9.21 -25.09
CA ARG F 69 23.00 -8.59 -25.51
C ARG F 69 22.79 -7.35 -26.37
N ASP F 70 23.85 -6.56 -26.50
CA ASP F 70 23.90 -5.51 -27.51
C ASP F 70 23.97 -6.21 -28.85
N ALA F 71 23.04 -5.89 -29.75
CA ALA F 71 22.94 -6.58 -31.04
C ALA F 71 24.13 -6.33 -31.96
N GLY F 72 24.82 -5.22 -31.79
CA GLY F 72 25.97 -4.88 -32.62
C GLY F 72 27.27 -5.45 -32.08
N THR F 73 27.45 -5.37 -30.77
CA THR F 73 28.73 -5.72 -30.15
C THR F 73 28.70 -7.00 -29.34
N HIS F 74 27.51 -7.44 -28.94
CA HIS F 74 27.36 -8.58 -28.05
C HIS F 74 27.82 -8.32 -26.64
N ASP F 75 28.00 -7.04 -26.29
CA ASP F 75 28.18 -6.67 -24.89
C ASP F 75 27.06 -7.28 -24.07
N GLY F 76 27.35 -7.62 -22.83
CA GLY F 76 26.35 -8.19 -21.94
C GLY F 76 25.36 -7.13 -21.51
N LEU F 77 24.16 -7.57 -21.17
CA LEU F 77 23.16 -6.71 -20.55
C LEU F 77 22.48 -7.45 -19.40
N LEU F 78 21.90 -6.70 -18.48
CA LEU F 78 21.15 -7.29 -17.38
C LEU F 78 19.68 -7.31 -17.71
N VAL F 79 18.97 -8.24 -17.09
CA VAL F 79 17.53 -8.34 -17.18
C VAL F 79 17.08 -8.61 -15.73
N ASN F 80 16.29 -7.71 -15.17
CA ASN F 80 15.92 -7.75 -13.77
C ASN F 80 17.14 -8.01 -12.87
N GLN F 81 18.16 -7.17 -13.05
CA GLN F 81 19.34 -7.16 -12.20
C GLN F 81 20.28 -8.35 -12.33
N THR F 82 20.02 -9.30 -13.23
CA THR F 82 20.92 -10.45 -13.39
C THR F 82 21.12 -10.83 -14.87
N GLU F 83 21.93 -11.87 -15.10
CA GLU F 83 22.25 -12.32 -16.45
C GLU F 83 21.13 -13.13 -17.13
N LEU F 84 20.47 -14.00 -16.38
CA LEU F 84 19.47 -14.88 -16.96
C LEU F 84 18.07 -14.47 -16.58
N PHE F 85 17.14 -14.68 -17.50
CA PHE F 85 15.74 -14.49 -17.23
C PHE F 85 14.95 -15.78 -17.48
N VAL F 86 14.17 -16.18 -16.47
CA VAL F 86 13.32 -17.35 -16.55
C VAL F 86 11.88 -16.90 -16.32
N PRO F 87 11.04 -16.94 -17.37
CA PRO F 87 9.64 -16.58 -17.18
C PRO F 87 9.05 -17.42 -16.07
N SER F 88 8.42 -16.75 -15.10
CA SER F 88 7.75 -17.44 -13.99
C SER F 88 6.23 -17.45 -14.22
N LEU F 89 5.51 -17.96 -13.22
CA LEU F 89 4.05 -17.98 -13.25
C LEU F 89 3.45 -16.58 -13.36
N ASN F 90 2.50 -16.42 -14.28
CA ASN F 90 1.71 -15.20 -14.43
C ASN F 90 0.53 -15.20 -13.47
N VAL F 91 0.48 -14.21 -12.59
CA VAL F 91 -0.59 -14.14 -11.59
C VAL F 91 -1.74 -13.27 -12.11
N ASP F 92 -2.95 -13.81 -12.07
CA ASP F 92 -4.17 -13.12 -12.57
C ASP F 92 -4.04 -12.66 -14.03
N GLY F 93 -3.27 -13.38 -14.83
CA GLY F 93 -3.04 -13.06 -16.24
C GLY F 93 -1.95 -12.04 -16.53
N GLN F 94 -1.38 -11.45 -15.47
CA GLN F 94 -0.40 -10.37 -15.63
C GLN F 94 0.90 -10.92 -16.24
N PRO F 95 1.40 -10.27 -17.30
CA PRO F 95 2.66 -10.73 -17.88
C PRO F 95 3.85 -10.43 -16.98
N ILE F 96 4.94 -11.15 -17.18
CA ILE F 96 6.15 -10.91 -16.40
C ILE F 96 6.86 -9.73 -17.05
N PHE F 97 7.38 -8.82 -16.23
CA PHE F 97 8.15 -7.71 -16.78
C PHE F 97 9.63 -8.07 -16.83
N ALA F 98 10.17 -8.16 -18.05
CA ALA F 98 11.60 -8.40 -18.26
C ALA F 98 12.28 -7.08 -18.54
N ASN F 99 12.95 -6.55 -17.53
CA ASN F 99 13.45 -5.20 -17.55
C ASN F 99 14.93 -5.16 -17.90
N ILE F 100 15.23 -4.74 -19.13
CA ILE F 100 16.56 -4.87 -19.71
C ILE F 100 17.32 -3.55 -19.60
N THR F 101 18.47 -3.60 -18.93
CA THR F 101 19.25 -2.40 -18.65
C THR F 101 20.71 -2.66 -18.90
N LEU F 102 21.51 -1.58 -18.92
CA LEU F 102 22.96 -1.72 -18.90
C LEU F 102 23.35 -2.22 -17.54
N PRO F 103 24.39 -3.04 -17.48
CA PRO F 103 25.02 -3.23 -16.19
C PRO F 103 25.94 -2.05 -15.92
N VAL F 104 26.40 -1.93 -14.69
CA VAL F 104 27.53 -1.09 -14.39
C VAL F 104 28.76 -1.89 -14.80
N TYR F 105 29.21 -1.67 -16.04
CA TYR F 105 30.45 -2.25 -16.50
C TYR F 105 31.59 -1.74 -15.65
N THR F 106 32.67 -2.50 -15.59
CA THR F 106 33.93 -2.03 -15.02
C THR F 106 34.44 -0.93 -15.94
N LEU F 107 35.18 0.02 -15.41
CA LEU F 107 35.75 1.08 -16.25
C LEU F 107 36.61 0.46 -17.37
N LYS F 108 37.37 -0.57 -17.03
CA LYS F 108 38.19 -1.24 -18.02
C LYS F 108 37.35 -1.74 -19.19
N GLU F 109 36.27 -2.45 -18.89
CA GLU F 109 35.47 -3.04 -19.93
C GLU F 109 34.79 -1.96 -20.77
N ARG F 110 34.42 -0.87 -20.10
CA ARG F 110 33.77 0.24 -20.78
C ARG F 110 34.74 0.90 -21.75
N CYS F 111 35.99 1.05 -21.33
CA CYS F 111 37.04 1.57 -22.20
C CYS F 111 37.26 0.66 -23.40
N LEU F 112 37.26 -0.65 -23.18
CA LEU F 112 37.44 -1.60 -24.28
C LEU F 112 36.28 -1.49 -25.28
N GLN F 113 35.06 -1.33 -24.78
CA GLN F 113 33.90 -1.11 -25.65
C GLN F 113 34.11 0.07 -26.60
N VAL F 114 34.53 1.22 -26.05
CA VAL F 114 34.69 2.43 -26.82
C VAL F 114 35.84 2.33 -27.82
N VAL F 115 36.96 1.77 -27.40
CA VAL F 115 38.09 1.56 -28.33
C VAL F 115 37.68 0.58 -29.44
N ARG F 116 36.97 -0.49 -29.10
CA ARG F 116 36.48 -1.44 -30.11
C ARG F 116 35.56 -0.79 -31.16
N SER F 117 34.65 0.06 -30.70
CA SER F 117 33.76 0.78 -31.60
C SER F 117 34.53 1.68 -32.56
N LEU F 118 35.64 2.26 -32.09
CA LEU F 118 36.44 3.19 -32.89
C LEU F 118 37.47 2.56 -33.80
N VAL F 119 38.02 1.42 -33.40
CA VAL F 119 39.17 0.83 -34.09
C VAL F 119 38.79 -0.49 -34.74
N LYS F 120 39.12 -0.63 -36.03
CA LYS F 120 38.87 -1.87 -36.74
C LYS F 120 39.73 -2.97 -36.14
N PRO F 121 39.17 -4.18 -35.95
CA PRO F 121 39.97 -5.29 -35.43
C PRO F 121 41.30 -5.47 -36.17
N GLU F 122 41.30 -5.22 -37.48
CA GLU F 122 42.52 -5.25 -38.29
C GLU F 122 43.65 -4.32 -37.79
N ASN F 123 43.33 -3.39 -36.90
CA ASN F 123 44.29 -2.37 -36.44
C ASN F 123 44.63 -2.39 -34.94
N TYR F 124 43.94 -3.19 -34.13
CA TYR F 124 44.20 -3.20 -32.67
C TYR F 124 45.69 -3.20 -32.39
N ARG F 125 46.41 -4.01 -33.19
CA ARG F 125 47.84 -4.21 -33.01
C ARG F 125 48.71 -2.97 -33.23
N ARG F 126 48.21 -1.97 -33.95
CA ARG F 126 48.96 -0.72 -34.17
C ARG F 126 48.90 0.19 -32.95
N LEU F 127 47.88 0.02 -32.10
CA LEU F 127 47.67 0.92 -30.96
C LEU F 127 48.84 0.84 -29.98
N ASP F 128 49.32 1.99 -29.53
CA ASP F 128 50.49 2.03 -28.66
C ASP F 128 50.12 1.70 -27.20
N ILE F 129 49.92 0.42 -26.93
CA ILE F 129 49.51 -0.06 -25.61
C ILE F 129 50.14 -1.41 -25.34
N VAL F 130 50.23 -1.78 -24.06
CA VAL F 130 50.89 -3.04 -23.66
C VAL F 130 50.23 -4.29 -24.25
N ARG F 131 51.02 -5.34 -24.46
CA ARG F 131 50.55 -6.56 -25.14
C ARG F 131 49.23 -7.08 -24.59
N SER F 132 49.09 -7.10 -23.26
CA SER F 132 47.91 -7.71 -22.63
C SER F 132 46.61 -6.97 -22.96
N LEU F 133 46.71 -5.68 -23.28
CA LEU F 133 45.54 -4.93 -23.71
C LEU F 133 45.07 -5.30 -25.13
N TYR F 134 45.99 -5.72 -26.00
CA TYR F 134 45.60 -6.27 -27.31
C TYR F 134 44.75 -7.49 -27.08
N GLU F 135 45.22 -8.39 -26.22
CA GLU F 135 44.50 -9.63 -25.94
C GLU F 135 43.14 -9.37 -25.30
N ASP F 136 43.04 -8.29 -24.52
CA ASP F 136 41.78 -7.92 -23.89
C ASP F 136 40.82 -7.35 -24.93
N LEU F 137 41.35 -6.55 -25.84
CA LEU F 137 40.53 -6.01 -26.93
C LEU F 137 40.03 -7.09 -27.87
N GLU F 138 40.90 -8.04 -28.21
CA GLU F 138 40.56 -9.12 -29.14
C GLU F 138 39.57 -10.11 -28.55
N ASP F 139 39.64 -10.30 -27.23
CA ASP F 139 38.73 -11.19 -26.52
C ASP F 139 37.36 -10.52 -26.37
N HIS F 140 36.63 -10.44 -27.49
CA HIS F 140 35.32 -9.79 -27.55
C HIS F 140 34.33 -10.43 -26.60
N PRO F 141 33.35 -9.66 -26.12
CA PRO F 141 32.26 -10.33 -25.42
C PRO F 141 31.66 -11.37 -26.36
N ASN F 142 31.33 -12.53 -25.84
CA ASN F 142 30.95 -13.67 -26.65
C ASN F 142 29.95 -14.52 -25.87
N VAL F 143 28.84 -14.89 -26.51
CA VAL F 143 27.75 -15.58 -25.82
C VAL F 143 28.18 -16.95 -25.33
N GLN F 144 28.83 -17.71 -26.20
CA GLN F 144 29.30 -19.05 -25.85
C GLN F 144 30.27 -19.02 -24.66
N LYS F 145 31.18 -18.04 -24.64
CA LYS F 145 32.13 -17.89 -23.53
C LYS F 145 31.40 -17.74 -22.20
N ASP F 146 30.41 -16.85 -22.17
CA ASP F 146 29.63 -16.60 -20.96
C ASP F 146 28.79 -17.81 -20.53
N LEU F 147 28.37 -18.65 -21.48
CA LEU F 147 27.63 -19.86 -21.16
C LEU F 147 28.51 -20.89 -20.45
N GLU F 148 29.70 -21.13 -20.99
CA GLU F 148 30.68 -22.02 -20.35
C GLU F 148 31.03 -21.49 -18.97
N ARG F 149 31.13 -20.17 -18.86
CA ARG F 149 31.50 -19.52 -17.62
C ARG F 149 30.37 -19.59 -16.59
N LEU F 150 29.14 -19.34 -17.03
CA LEU F 150 27.97 -19.50 -16.16
C LEU F 150 27.78 -20.95 -15.74
N THR F 151 28.04 -21.88 -16.66
CA THR F 151 28.00 -23.32 -16.35
C THR F 151 29.14 -23.73 -15.42
N GLN F 152 30.34 -23.15 -15.63
CA GLN F 152 31.53 -23.45 -14.82
C GLN F 152 31.25 -23.57 -13.32
N GLU F 153 30.28 -22.83 -12.81
CA GLU F 153 29.77 -23.03 -11.45
C GLU F 153 28.34 -22.51 -11.29
N ARG F 154 27.43 -22.98 -12.15
CA ARG F 154 26.03 -22.59 -12.09
C ARG F 154 25.32 -23.31 -10.95
N MET G 1 -26.15 12.73 -17.66
CA MET G 1 -25.69 12.49 -19.06
C MET G 1 -24.20 12.79 -19.18
N ASP G 2 -23.39 11.76 -19.38
CA ASP G 2 -21.95 11.91 -19.40
C ASP G 2 -21.47 12.56 -20.70
N VAL G 3 -20.43 13.38 -20.58
CA VAL G 3 -19.73 13.90 -21.75
C VAL G 3 -18.24 13.56 -21.61
N PHE G 4 -17.58 13.32 -22.73
CA PHE G 4 -16.20 12.86 -22.76
C PHE G 4 -15.32 13.86 -23.45
N LEU G 5 -14.24 14.26 -22.77
CA LEU G 5 -13.49 15.45 -23.14
C LEU G 5 -11.98 15.20 -23.24
N MET G 6 -11.36 15.85 -24.21
CA MET G 6 -9.94 16.11 -24.17
C MET G 6 -9.76 17.56 -23.73
N ILE G 7 -9.05 17.78 -22.63
CA ILE G 7 -8.67 19.13 -22.23
C ILE G 7 -7.22 19.33 -22.65
N ARG G 8 -6.98 20.33 -23.48
CA ARG G 8 -5.71 20.40 -24.23
C ARG G 8 -5.00 21.75 -24.08
N ARG G 9 -3.72 21.67 -23.73
CA ARG G 9 -2.83 22.82 -23.70
C ARG G 9 -1.45 22.41 -24.23
N HIS G 10 -0.97 23.12 -25.26
CA HIS G 10 0.36 22.91 -25.83
C HIS G 10 0.50 21.44 -26.26
N LYS G 11 1.36 20.67 -25.56
CA LYS G 11 1.47 19.23 -25.80
C LYS G 11 0.92 18.40 -24.61
N THR G 12 -0.02 18.98 -23.88
CA THR G 12 -0.69 18.27 -22.78
C THR G 12 -2.15 18.05 -23.16
N THR G 13 -2.57 16.79 -23.16
CA THR G 13 -3.96 16.42 -23.42
C THR G 13 -4.48 15.57 -22.26
N ILE G 14 -5.43 16.10 -21.51
CA ILE G 14 -6.06 15.30 -20.47
C ILE G 14 -7.31 14.65 -21.07
N PHE G 15 -7.51 13.38 -20.79
CA PHE G 15 -8.77 12.70 -21.12
C PHE G 15 -9.56 12.63 -19.82
N THR G 16 -10.80 13.12 -19.85
CA THR G 16 -11.71 12.90 -18.72
C THR G 16 -13.15 13.02 -19.16
N ASP G 17 -14.04 12.78 -18.21
CA ASP G 17 -15.46 12.90 -18.45
C ASP G 17 -16.09 13.75 -17.36
N ALA G 18 -17.27 14.25 -17.66
CA ALA G 18 -18.05 15.03 -16.71
C ALA G 18 -19.53 14.88 -17.05
N LYS G 19 -20.39 15.48 -16.23
CA LYS G 19 -21.82 15.49 -16.50
C LYS G 19 -22.17 16.69 -17.36
N GLU G 20 -23.18 16.55 -18.22
CA GLU G 20 -23.74 17.71 -18.93
C GLU G 20 -24.14 18.83 -17.96
N SER G 21 -24.65 18.43 -16.78
CA SER G 21 -25.13 19.39 -15.79
C SER G 21 -24.02 20.02 -14.92
N SER G 22 -22.78 19.58 -15.09
CA SER G 22 -21.67 20.11 -14.27
C SER G 22 -21.08 21.37 -14.90
N THR G 23 -20.48 22.21 -14.05
CA THR G 23 -20.04 23.53 -14.48
C THR G 23 -18.60 23.54 -14.99
N VAL G 24 -18.28 24.64 -15.65
CA VAL G 24 -16.93 24.90 -16.11
C VAL G 24 -15.98 24.99 -14.92
N PHE G 25 -16.45 25.57 -13.81
CA PHE G 25 -15.63 25.69 -12.60
C PHE G 25 -15.28 24.33 -12.04
N GLU G 26 -16.29 23.47 -11.87
CA GLU G 26 -16.07 22.10 -11.39
C GLU G 26 -15.06 21.36 -12.28
N LEU G 27 -15.06 21.70 -13.56
CA LEU G 27 -14.10 21.16 -14.52
C LEU G 27 -12.68 21.70 -14.26
N LYS G 28 -12.57 22.97 -13.87
CA LYS G 28 -11.27 23.54 -13.48
C LYS G 28 -10.71 22.93 -12.17
N ARG G 29 -11.58 22.40 -11.32
CA ARG G 29 -11.14 21.67 -10.12
C ARG G 29 -10.46 20.35 -10.50
N ILE G 30 -10.93 19.75 -11.58
CA ILE G 30 -10.38 18.49 -12.06
C ILE G 30 -9.01 18.72 -12.69
N VAL G 31 -8.85 19.82 -13.41
CA VAL G 31 -7.55 20.22 -13.97
C VAL G 31 -6.57 20.55 -12.83
N GLU G 32 -7.07 21.18 -11.78
CA GLU G 32 -6.25 21.51 -10.60
C GLU G 32 -5.70 20.28 -9.92
N GLY G 33 -6.54 19.26 -9.74
CA GLY G 33 -6.12 17.98 -9.17
C GLY G 33 -4.99 17.32 -9.93
N ILE G 34 -4.96 17.55 -11.25
CA ILE G 34 -4.00 16.93 -12.15
C ILE G 34 -2.73 17.80 -12.36
N LEU G 35 -2.92 19.03 -12.84
CA LEU G 35 -1.79 19.88 -13.23
C LEU G 35 -1.36 20.89 -12.16
N LYS G 36 -2.05 20.88 -11.02
CA LYS G 36 -1.63 21.62 -9.81
C LYS G 36 -1.65 23.15 -9.95
N ARG G 37 -2.68 23.65 -10.64
CA ARG G 37 -2.89 25.08 -10.81
C ARG G 37 -4.34 25.39 -10.48
N PRO G 38 -4.59 26.39 -9.61
CA PRO G 38 -5.98 26.64 -9.19
C PRO G 38 -6.85 27.22 -10.32
N PRO G 39 -8.19 27.18 -10.16
CA PRO G 39 -9.13 27.68 -11.17
C PRO G 39 -8.87 29.10 -11.66
N ASP G 40 -8.55 30.01 -10.75
CA ASP G 40 -8.31 31.43 -11.09
C ASP G 40 -7.08 31.64 -11.98
N GLU G 41 -6.20 30.64 -12.07
CA GLU G 41 -5.08 30.64 -13.02
C GLU G 41 -5.37 29.80 -14.28
N GLN G 42 -6.65 29.56 -14.58
CA GLN G 42 -7.04 28.74 -15.73
C GLN G 42 -8.06 29.44 -16.58
N ARG G 43 -7.91 29.33 -17.89
CA ARG G 43 -8.96 29.74 -18.82
C ARG G 43 -9.31 28.58 -19.73
N LEU G 44 -10.59 28.18 -19.74
CA LEU G 44 -11.05 27.10 -20.59
C LEU G 44 -11.82 27.64 -21.78
N TYR G 45 -11.64 27.01 -22.93
CA TYR G 45 -12.16 27.49 -24.20
C TYR G 45 -12.95 26.42 -24.95
N LYS G 46 -14.05 26.82 -25.59
CA LYS G 46 -14.65 26.01 -26.65
C LYS G 46 -14.26 26.63 -27.98
N ASP G 47 -13.27 26.02 -28.65
CA ASP G 47 -12.59 26.67 -29.77
C ASP G 47 -12.06 28.01 -29.26
N ASP G 48 -12.47 29.13 -29.85
CA ASP G 48 -11.97 30.45 -29.44
C ASP G 48 -12.80 31.11 -28.34
N GLN G 49 -13.97 30.53 -28.01
CA GLN G 49 -14.86 31.14 -27.01
C GLN G 49 -14.47 30.78 -25.58
N LEU G 50 -14.17 31.82 -24.80
CA LEU G 50 -13.88 31.71 -23.38
C LEU G 50 -15.10 31.21 -22.61
N LEU G 51 -14.88 30.32 -21.67
CA LEU G 51 -15.97 29.71 -20.92
C LEU G 51 -16.11 30.33 -19.55
N ASP G 52 -17.32 30.82 -19.25
CA ASP G 52 -17.67 31.39 -17.95
C ASP G 52 -17.77 30.28 -16.92
N ASP G 53 -17.24 30.53 -15.72
CA ASP G 53 -17.25 29.54 -14.63
C ASP G 53 -18.65 28.99 -14.29
N GLY G 54 -19.66 29.86 -14.29
CA GLY G 54 -20.99 29.49 -13.82
C GLY G 54 -21.88 28.73 -14.80
N LYS G 55 -21.41 28.58 -16.04
CA LYS G 55 -22.18 27.89 -17.07
C LYS G 55 -21.95 26.40 -17.02
N THR G 56 -22.98 25.63 -17.38
CA THR G 56 -22.86 24.17 -17.47
C THR G 56 -22.23 23.80 -18.81
N LEU G 57 -21.65 22.60 -18.88
CA LEU G 57 -21.03 22.09 -20.10
C LEU G 57 -22.09 21.89 -21.18
N GLY G 58 -23.32 21.58 -20.79
CA GLY G 58 -24.43 21.42 -21.72
C GLY G 58 -24.81 22.73 -22.41
N GLU G 59 -24.95 23.79 -21.61
CA GLU G 59 -25.20 25.16 -22.12
C GLU G 59 -24.15 25.53 -23.17
N CAS G 60 -22.89 25.21 -22.88
CA CAS G 60 -21.79 25.52 -23.76
CB CAS G 60 -20.47 25.50 -22.98
C CAS G 60 -21.70 24.57 -24.92
O CAS G 60 -20.77 24.65 -25.72
SG CAS G 60 -20.44 26.76 -21.74
AS CAS G 60 -20.79 28.65 -22.90
CE1 CAS G 60 -22.67 29.20 -22.59
CE2 CAS G 60 -19.64 30.16 -22.31
N GLY G 61 -22.64 23.64 -25.04
CA GLY G 61 -22.77 22.82 -26.24
C GLY G 61 -21.90 21.58 -26.27
N PHE G 62 -21.47 21.11 -25.11
CA PHE G 62 -20.86 19.79 -25.00
C PHE G 62 -22.00 18.86 -24.63
N THR G 63 -22.41 18.00 -25.56
CA THR G 63 -23.52 17.08 -25.34
C THR G 63 -23.09 15.62 -25.47
N SER G 64 -23.91 14.73 -24.91
CA SER G 64 -23.69 13.30 -24.97
C SER G 64 -23.30 12.85 -26.37
N GLN G 65 -24.04 13.33 -27.36
CA GLN G 65 -23.91 12.83 -28.72
C GLN G 65 -22.77 13.46 -29.53
N THR G 66 -22.12 14.49 -29.01
CA THR G 66 -20.93 15.06 -29.68
C THR G 66 -19.66 14.76 -28.91
N ALA G 67 -19.73 14.88 -27.58
CA ALA G 67 -18.58 14.59 -26.74
C ALA G 67 -18.59 13.10 -26.38
N ARG G 68 -18.27 12.25 -27.36
CA ARG G 68 -18.42 10.80 -27.24
C ARG G 68 -17.13 10.15 -26.74
N PRO G 69 -17.22 8.96 -26.10
CA PRO G 69 -16.02 8.29 -25.58
C PRO G 69 -14.98 7.98 -26.65
N GLN G 70 -15.43 7.50 -27.80
CA GLN G 70 -14.54 7.16 -28.92
C GLN G 70 -14.12 8.36 -29.77
N ALA G 71 -14.71 9.54 -29.49
CA ALA G 71 -14.43 10.77 -30.23
C ALA G 71 -14.74 12.00 -29.37
N PRO G 72 -13.93 12.26 -28.33
CA PRO G 72 -14.24 13.29 -27.35
C PRO G 72 -14.07 14.71 -27.86
N ALA G 73 -14.73 15.65 -27.20
CA ALA G 73 -14.71 17.05 -27.61
C ALA G 73 -13.54 17.78 -26.96
N THR G 74 -12.95 18.70 -27.70
CA THR G 74 -11.78 19.43 -27.22
C THR G 74 -12.21 20.63 -26.37
N VAL G 75 -11.64 20.73 -25.17
CA VAL G 75 -11.71 21.95 -24.39
C VAL G 75 -10.31 22.56 -24.31
N GLY G 76 -10.18 23.81 -24.73
CA GLY G 76 -8.90 24.52 -24.72
C GLY G 76 -8.54 24.99 -23.32
N LEU G 77 -7.24 25.03 -23.01
CA LEU G 77 -6.75 25.42 -21.70
C LEU G 77 -5.57 26.38 -21.85
N ALA G 78 -5.64 27.48 -21.11
CA ALA G 78 -4.56 28.44 -21.03
C ALA G 78 -4.33 28.83 -19.56
N PHE G 79 -3.05 28.86 -19.16
CA PHE G 79 -2.66 29.20 -17.78
C PHE G 79 -2.26 30.67 -17.61
N ARG G 80 -2.52 31.21 -16.43
CA ARG G 80 -1.96 32.49 -16.06
C ARG G 80 -0.61 32.23 -15.40
N ALA G 81 0.46 32.76 -15.98
CA ALA G 81 1.78 32.68 -15.40
C ALA G 81 2.15 34.09 -14.93
N ASP G 82 2.48 34.22 -13.66
CA ASP G 82 2.74 35.53 -13.07
C ASP G 82 1.55 36.49 -13.36
N ASP G 83 1.82 37.72 -13.78
CA ASP G 83 0.78 38.77 -13.86
C ASP G 83 -0.36 38.55 -14.87
N THR G 84 -0.07 37.97 -16.04
CA THR G 84 -1.08 37.85 -17.14
C THR G 84 -1.28 36.45 -17.73
N PHE G 85 -2.46 36.24 -18.31
CA PHE G 85 -2.80 34.97 -18.96
C PHE G 85 -2.06 34.75 -20.28
N GLU G 86 -1.64 33.51 -20.51
CA GLU G 86 -1.01 33.15 -21.77
C GLU G 86 -2.09 33.05 -22.84
N ALA G 87 -1.67 33.02 -24.10
CA ALA G 87 -2.58 32.78 -25.20
C ALA G 87 -2.82 31.26 -25.36
N LEU G 88 -4.04 30.91 -25.77
CA LEU G 88 -4.44 29.52 -26.03
C LEU G 88 -3.62 28.97 -27.21
N CAS G 89 -2.93 27.86 -26.97
CA CAS G 89 -2.10 27.19 -27.97
CB CAS G 89 -0.62 27.58 -27.84
C CAS G 89 -2.25 25.69 -27.84
O CAS G 89 -2.00 25.13 -26.77
SG CAS G 89 0.52 26.43 -28.58
AS CAS G 89 0.61 27.27 -30.66
CE1 CAS G 89 -1.16 27.31 -31.55
CE2 CAS G 89 1.92 26.18 -31.72
N ILE G 90 -2.66 25.03 -28.91
CA ILE G 90 -2.81 23.58 -28.92
C ILE G 90 -1.93 23.00 -30.03
N GLU G 91 -0.84 22.33 -29.63
CA GLU G 91 0.04 21.69 -30.59
C GLU G 91 -0.71 20.51 -31.17
N PRO G 92 -0.79 20.43 -32.51
CA PRO G 92 -1.53 19.34 -33.12
C PRO G 92 -0.75 18.04 -33.05
N PHE G 93 -1.47 16.92 -33.06
CA PHE G 93 -0.84 15.60 -33.13
C PHE G 93 -0.10 15.45 -34.46
N SER G 94 0.81 14.48 -34.53
CA SER G 94 1.64 14.29 -35.71
C SER G 94 0.81 13.94 -36.95
N SER G 95 1.35 14.22 -38.12
CA SER G 95 0.69 13.87 -39.38
C SER G 95 0.94 12.41 -39.72
N PRO G 96 -0.14 11.68 -40.04
CA PRO G 96 0.07 10.32 -40.51
C PRO G 96 0.73 10.38 -41.89
N PRO G 97 1.53 9.36 -42.24
CA PRO G 97 2.14 9.36 -43.56
C PRO G 97 1.10 9.10 -44.65
N GLU G 98 1.52 9.24 -45.90
CA GLU G 98 0.66 8.93 -47.02
C GLU G 98 0.29 7.46 -46.94
N LEU G 99 -0.95 7.14 -47.32
CA LEU G 99 -1.37 5.74 -47.36
C LEU G 99 -0.40 4.98 -48.24
N PRO G 100 -0.05 3.75 -47.84
CA PRO G 100 0.67 2.88 -48.78
C PRO G 100 -0.12 2.67 -50.07
N ASP G 101 0.59 2.45 -51.18
CA ASP G 101 -0.03 2.28 -52.50
C ASP G 101 -1.11 1.18 -52.54
N VAL G 102 -0.99 0.18 -51.68
CA VAL G 102 -1.99 -0.91 -51.58
C VAL G 102 -3.23 -0.58 -50.71
N MET G 103 -3.41 0.69 -50.34
CA MET G 103 -4.58 1.11 -49.55
C MET G 103 -5.30 2.29 -50.20
N MET H 2 -4.42 8.06 -9.45
CA MET H 2 -5.73 8.29 -10.13
C MET H 2 -5.55 8.56 -11.61
N TYR H 3 -4.61 9.43 -11.95
CA TYR H 3 -4.24 9.69 -13.34
C TYR H 3 -2.81 9.22 -13.59
N VAL H 4 -2.53 8.86 -14.84
CA VAL H 4 -1.19 8.46 -15.26
C VAL H 4 -0.88 9.19 -16.55
N LYS H 5 0.38 9.14 -16.96
CA LYS H 5 0.83 9.88 -18.12
C LYS H 5 1.44 8.96 -19.16
N LEU H 6 0.91 9.05 -20.38
CA LEU H 6 1.42 8.30 -21.51
C LEU H 6 2.02 9.31 -22.48
N ILE H 7 3.31 9.20 -22.74
CA ILE H 7 4.01 10.16 -23.59
C ILE H 7 4.26 9.56 -24.96
N SER H 8 3.96 10.28 -26.03
CA SER H 8 4.20 9.78 -27.38
C SER H 8 5.66 9.98 -27.81
N SER H 9 6.01 9.41 -28.96
CA SER H 9 7.37 9.53 -29.52
C SER H 9 7.71 10.98 -29.82
N ASP H 10 6.72 11.73 -30.33
CA ASP H 10 6.91 13.15 -30.67
C ASP H 10 6.59 14.10 -29.51
N GLY H 11 6.63 13.60 -28.28
CA GLY H 11 6.59 14.44 -27.09
C GLY H 11 5.23 14.84 -26.56
N HIS H 12 4.16 14.23 -27.09
CA HIS H 12 2.81 14.54 -26.60
C HIS H 12 2.55 13.79 -25.30
N GLU H 13 1.93 14.48 -24.35
CA GLU H 13 1.67 13.92 -23.03
C GLU H 13 0.17 13.73 -22.84
N PHE H 14 -0.26 12.48 -22.74
CA PHE H 14 -1.66 12.14 -22.57
C PHE H 14 -1.92 11.66 -21.14
N ILE H 15 -2.75 12.42 -20.42
CA ILE H 15 -3.09 12.10 -19.05
C ILE H 15 -4.48 11.46 -19.02
N VAL H 16 -4.52 10.18 -18.61
CA VAL H 16 -5.76 9.40 -18.54
C VAL H 16 -5.94 8.84 -17.14
N LYS H 17 -7.15 8.40 -16.82
CA LYS H 17 -7.41 7.78 -15.53
C LYS H 17 -6.65 6.47 -15.42
N ARG H 18 -6.18 6.14 -14.21
CA ARG H 18 -5.44 4.91 -13.99
C ARG H 18 -6.33 3.72 -14.35
N GLU H 19 -7.54 3.69 -13.79
CA GLU H 19 -8.52 2.64 -14.08
C GLU H 19 -8.68 2.39 -15.58
N HIS H 20 -8.63 3.45 -16.37
CA HIS H 20 -8.78 3.36 -17.81
C HIS H 20 -7.52 2.82 -18.47
N ALA H 21 -6.36 3.16 -17.94
CA ALA H 21 -5.09 2.69 -18.50
C ALA H 21 -4.84 1.23 -18.15
N LEU H 22 -5.28 0.83 -16.95
CA LEU H 22 -5.12 -0.56 -16.50
C LEU H 22 -5.93 -1.56 -17.35
N THR H 23 -6.74 -1.02 -18.26
CA THR H 23 -7.42 -1.82 -19.28
C THR H 23 -6.40 -2.57 -20.14
N SER H 24 -5.25 -1.96 -20.39
CA SER H 24 -4.14 -2.64 -21.06
C SER H 24 -3.33 -3.40 -20.02
N GLY H 25 -3.17 -4.70 -20.24
CA GLY H 25 -2.33 -5.55 -19.39
C GLY H 25 -0.85 -5.17 -19.47
N THR H 26 -0.42 -4.74 -20.65
CA THR H 26 0.95 -4.27 -20.84
C THR H 26 1.19 -3.00 -20.03
N ILE H 27 0.26 -2.06 -20.09
CA ILE H 27 0.41 -0.82 -19.32
C ILE H 27 0.37 -1.10 -17.83
N LYS H 28 -0.55 -1.97 -17.42
CA LYS H 28 -0.66 -2.37 -16.02
C LYS H 28 0.64 -2.98 -15.50
N ALA H 29 1.34 -3.70 -16.37
CA ALA H 29 2.66 -4.23 -16.05
C ALA H 29 3.71 -3.11 -16.03
N MET H 30 3.74 -2.27 -17.07
CA MET H 30 4.69 -1.14 -17.16
C MET H 30 4.62 -0.25 -15.93
N LEU H 31 3.41 -0.04 -15.42
CA LEU H 31 3.19 0.74 -14.21
C LEU H 31 3.64 0.02 -12.96
N SER H 32 3.48 -1.30 -12.92
CA SER H 32 4.01 -2.14 -11.83
C SER H 32 5.50 -2.51 -12.03
N GLY H 33 6.20 -1.78 -12.91
CA GLY H 33 7.63 -1.98 -13.11
C GLY H 33 7.97 -3.34 -13.69
N THR H 42 6.57 4.10 -10.99
CA THR H 42 6.47 4.65 -12.34
C THR H 42 5.03 5.08 -12.62
N ASN H 43 4.79 6.40 -12.68
CA ASN H 43 3.49 6.97 -13.06
C ASN H 43 3.46 7.60 -14.45
N GLU H 44 4.63 7.69 -15.09
CA GLU H 44 4.74 8.09 -16.50
C GLU H 44 5.22 6.89 -17.33
N VAL H 45 4.87 6.88 -18.61
CA VAL H 45 5.27 5.81 -19.52
C VAL H 45 5.66 6.39 -20.89
N ASN H 46 6.92 6.24 -21.28
CA ASN H 46 7.39 6.69 -22.59
C ASN H 46 7.18 5.62 -23.66
N PHE H 47 6.50 5.98 -24.73
CA PHE H 47 6.37 5.13 -25.90
C PHE H 47 7.16 5.75 -27.04
N ARG H 48 8.48 5.53 -27.05
CA ARG H 48 9.35 6.08 -28.11
C ARG H 48 8.97 5.69 -29.54
N GLU H 49 8.23 4.60 -29.73
CA GLU H 49 7.81 4.18 -31.08
C GLU H 49 6.45 4.72 -31.51
N ILE H 50 5.60 5.08 -30.55
CA ILE H 50 4.20 5.38 -30.87
C ILE H 50 3.98 6.88 -31.01
N PRO H 51 3.66 7.34 -32.24
CA PRO H 51 3.40 8.78 -32.40
C PRO H 51 2.07 9.21 -31.79
N SER H 52 1.92 10.52 -31.58
CA SER H 52 0.75 11.08 -30.92
C SER H 52 -0.57 10.79 -31.66
N HIS H 53 -0.51 10.77 -33.00
CA HIS H 53 -1.71 10.51 -33.79
C HIS H 53 -2.18 9.06 -33.67
N VAL H 54 -1.30 8.19 -33.17
CA VAL H 54 -1.69 6.84 -32.79
C VAL H 54 -2.04 6.80 -31.31
N LEU H 55 -1.18 7.35 -30.45
CA LEU H 55 -1.35 7.18 -29.01
C LEU H 55 -2.63 7.84 -28.50
N SER H 56 -3.04 8.92 -29.14
CA SER H 56 -4.29 9.60 -28.79
C SER H 56 -5.48 8.69 -29.01
N LYS H 57 -5.45 7.92 -30.10
CA LYS H 57 -6.51 6.97 -30.39
C LYS H 57 -6.54 5.85 -29.35
N VAL H 58 -5.36 5.44 -28.91
CA VAL H 58 -5.27 4.43 -27.86
C VAL H 58 -6.02 4.88 -26.60
N CYS H 59 -5.86 6.14 -26.24
CA CYS H 59 -6.59 6.71 -25.08
C CYS H 59 -8.08 6.75 -25.32
N MET H 60 -8.47 7.13 -26.53
CA MET H 60 -9.88 7.15 -26.89
C MET H 60 -10.47 5.76 -26.69
N TYR H 61 -9.74 4.74 -27.12
CA TYR H 61 -10.18 3.36 -26.98
C TYR H 61 -10.42 2.96 -25.53
N PHE H 62 -9.52 3.36 -24.63
CA PHE H 62 -9.69 3.08 -23.19
C PHE H 62 -11.02 3.62 -22.67
N THR H 63 -11.37 4.83 -23.09
CA THR H 63 -12.61 5.49 -22.68
C THR H 63 -13.80 4.69 -23.21
N TYR H 64 -13.73 4.39 -24.51
CA TYR H 64 -14.72 3.55 -25.18
C TYR H 64 -14.93 2.22 -24.44
N LYS H 65 -13.84 1.51 -24.16
CA LYS H 65 -13.95 0.17 -23.57
C LYS H 65 -14.58 0.16 -22.17
N VAL H 66 -14.19 1.13 -21.33
CA VAL H 66 -14.71 1.20 -19.97
C VAL H 66 -16.18 1.57 -20.02
N ARG H 67 -16.55 2.50 -20.88
CA ARG H 67 -17.93 2.95 -21.00
C ARG H 67 -18.83 1.82 -21.51
N TYR H 68 -18.40 1.10 -22.53
CA TYR H 68 -19.27 0.12 -23.19
C TYR H 68 -19.09 -1.36 -22.79
N THR H 69 -18.12 -1.66 -21.92
CA THR H 69 -17.93 -3.04 -21.47
C THR H 69 -19.03 -3.42 -20.48
N ASN H 70 -19.82 -4.44 -20.82
CA ASN H 70 -20.95 -4.88 -20.00
C ASN H 70 -22.00 -3.77 -19.83
N SER H 71 -22.69 -3.44 -20.92
CA SER H 71 -23.62 -2.30 -20.94
C SER H 71 -24.95 -2.63 -21.62
N SER H 72 -26.03 -2.01 -21.13
CA SER H 72 -27.36 -2.16 -21.71
C SER H 72 -27.47 -1.35 -22.99
N THR H 73 -26.91 -0.14 -22.96
CA THR H 73 -26.92 0.76 -24.12
C THR H 73 -26.27 0.11 -25.35
N GLU H 74 -26.89 0.31 -26.51
CA GLU H 74 -26.31 -0.10 -27.79
C GLU H 74 -24.88 0.44 -27.94
N ILE H 75 -24.00 -0.37 -28.48
CA ILE H 75 -22.58 -0.06 -28.57
C ILE H 75 -22.26 0.39 -29.98
N PRO H 76 -21.71 1.60 -30.13
CA PRO H 76 -21.38 2.07 -31.47
C PRO H 76 -20.01 1.58 -31.91
N GLU H 77 -19.75 1.67 -33.21
CA GLU H 77 -18.46 1.29 -33.78
C GLU H 77 -17.35 2.16 -33.23
N PHE H 78 -16.17 1.60 -33.07
CA PHE H 78 -14.97 2.38 -32.76
C PHE H 78 -14.27 2.80 -34.05
N PRO H 79 -14.29 4.10 -34.37
CA PRO H 79 -13.76 4.56 -35.66
C PRO H 79 -12.24 4.60 -35.70
N ILE H 80 -11.69 4.34 -36.89
CA ILE H 80 -10.25 4.32 -37.11
C ILE H 80 -9.99 4.80 -38.53
N ALA H 81 -9.32 5.93 -38.67
CA ALA H 81 -9.03 6.47 -39.99
C ALA H 81 -8.06 5.56 -40.76
N PRO H 82 -8.35 5.32 -42.05
CA PRO H 82 -7.46 4.51 -42.87
C PRO H 82 -5.99 4.91 -42.74
N GLU H 83 -5.73 6.22 -42.68
CA GLU H 83 -4.39 6.77 -42.63
C GLU H 83 -3.60 6.30 -41.41
N ILE H 84 -4.29 6.02 -40.32
CA ILE H 84 -3.64 5.63 -39.06
C ILE H 84 -3.79 4.16 -38.70
N ALA H 85 -4.50 3.40 -39.52
CA ALA H 85 -4.84 2.01 -39.19
C ALA H 85 -3.61 1.11 -39.04
N LEU H 86 -2.67 1.24 -39.98
CA LEU H 86 -1.47 0.41 -39.94
C LEU H 86 -0.66 0.61 -38.68
N GLU H 87 -0.41 1.88 -38.36
CA GLU H 87 0.39 2.22 -37.19
C GLU H 87 -0.34 1.86 -35.92
N LEU H 88 -1.64 2.10 -35.88
CA LEU H 88 -2.44 1.75 -34.70
C LEU H 88 -2.47 0.24 -34.45
N LEU H 89 -2.49 -0.54 -35.54
CA LEU H 89 -2.40 -1.99 -35.44
C LEU H 89 -1.12 -2.42 -34.72
N MET H 90 0.02 -1.87 -35.16
CA MET H 90 1.33 -2.17 -34.56
C MET H 90 1.32 -1.85 -33.07
N ALA H 91 0.79 -0.69 -32.73
CA ALA H 91 0.71 -0.26 -31.34
C ALA H 91 -0.15 -1.23 -30.53
N ALA H 92 -1.34 -1.54 -31.05
CA ALA H 92 -2.28 -2.41 -30.35
C ALA H 92 -1.71 -3.81 -30.14
N ASN H 93 -0.86 -4.25 -31.06
CA ASN H 93 -0.17 -5.53 -30.90
C ASN H 93 0.59 -5.54 -29.56
N PHE H 94 1.56 -4.64 -29.41
CA PHE H 94 2.41 -4.62 -28.24
C PHE H 94 1.81 -3.83 -27.06
N LEU H 95 0.50 -3.96 -26.85
CA LEU H 95 -0.16 -3.46 -25.64
C LEU H 95 -1.12 -4.49 -24.99
N ASP H 96 -1.55 -5.50 -25.73
CA ASP H 96 -2.64 -6.39 -25.31
C ASP H 96 -3.88 -5.58 -24.95
N CYS H 97 -4.26 -4.68 -25.85
CA CYS H 97 -5.51 -3.93 -25.75
C CYS H 97 -6.40 -4.26 -26.96
N VAL I 11 -21.33 -32.12 -31.51
CA VAL I 11 -21.84 -31.65 -30.18
C VAL I 11 -22.76 -30.43 -30.32
N LEU I 12 -22.23 -29.34 -30.90
CA LEU I 12 -23.02 -28.12 -31.14
C LEU I 12 -23.95 -28.25 -32.36
N ARG I 13 -25.21 -28.61 -32.10
CA ARG I 13 -26.23 -28.71 -33.14
C ARG I 13 -27.59 -28.28 -32.61
N SER I 14 -28.55 -28.14 -33.51
CA SER I 14 -29.94 -27.87 -33.13
C SER I 14 -30.62 -29.16 -32.73
N VAL I 15 -31.47 -29.06 -31.71
CA VAL I 15 -32.33 -30.17 -31.31
C VAL I 15 -33.55 -30.19 -32.22
N ASN I 16 -33.97 -31.36 -32.68
CA ASN I 16 -35.15 -31.44 -33.53
C ASN I 16 -36.40 -31.61 -32.68
N SER I 17 -36.78 -30.52 -32.01
CA SER I 17 -37.90 -30.52 -31.08
C SER I 17 -39.24 -30.51 -31.78
N ARG I 18 -39.28 -29.94 -32.98
CA ARG I 18 -40.54 -29.64 -33.67
C ARG I 18 -41.46 -28.75 -32.82
N GLU I 19 -40.86 -27.94 -31.94
CA GLU I 19 -41.61 -27.04 -31.07
C GLU I 19 -41.41 -25.62 -31.58
N PRO I 20 -42.39 -25.08 -32.33
CA PRO I 20 -42.22 -23.72 -32.86
C PRO I 20 -41.91 -22.69 -31.78
N SER I 21 -41.13 -21.69 -32.15
CA SER I 21 -40.82 -20.59 -31.25
C SER I 21 -40.60 -19.35 -32.10
N GLN I 22 -41.45 -18.35 -31.90
CA GLN I 22 -41.29 -17.09 -32.63
C GLN I 22 -40.22 -16.20 -31.97
N VAL I 23 -39.41 -15.57 -32.81
CA VAL I 23 -38.24 -14.80 -32.38
C VAL I 23 -38.22 -13.43 -33.09
N ILE I 24 -37.68 -12.42 -32.43
CA ILE I 24 -37.39 -11.15 -33.12
C ILE I 24 -35.87 -10.96 -33.25
N PHE I 25 -35.39 -11.01 -34.49
CA PHE I 25 -34.00 -10.71 -34.76
C PHE I 25 -33.92 -9.20 -34.84
N CAS I 26 -33.30 -8.58 -33.84
CA CAS I 26 -33.20 -7.13 -33.78
CB CAS I 26 -33.82 -6.67 -32.46
C CAS I 26 -31.76 -6.74 -33.91
O CAS I 26 -30.96 -7.00 -33.01
SG CAS I 26 -33.63 -4.91 -32.24
AS CAS I 26 -35.16 -4.14 -33.66
CE1 CAS I 26 -34.36 -2.76 -34.86
CE2 CAS I 26 -36.63 -3.31 -32.62
N ASN I 27 -31.41 -6.11 -35.03
CA ASN I 27 -30.03 -5.71 -35.31
C ASN I 27 -29.72 -4.34 -34.71
N ARG I 28 -29.30 -4.35 -33.45
CA ARG I 28 -28.85 -3.13 -32.78
C ARG I 28 -27.35 -2.97 -32.95
N SER I 29 -26.89 -2.98 -34.20
CA SER I 29 -25.47 -2.82 -34.50
C SER I 29 -25.35 -2.05 -35.80
N PRO I 30 -24.15 -1.55 -36.11
CA PRO I 30 -23.98 -0.85 -37.37
C PRO I 30 -23.56 -1.78 -38.52
N ARG I 31 -23.52 -3.09 -38.29
CA ARG I 31 -23.17 -4.06 -39.34
C ARG I 31 -24.41 -4.62 -40.05
N VAL I 32 -24.22 -5.01 -41.32
CA VAL I 32 -25.20 -5.83 -42.02
C VAL I 32 -25.02 -7.22 -41.42
N VAL I 33 -26.08 -7.77 -40.82
CA VAL I 33 -25.97 -9.01 -40.04
C VAL I 33 -26.36 -10.24 -40.85
N LEU I 34 -25.58 -11.30 -40.71
CA LEU I 34 -25.93 -12.60 -41.28
C LEU I 34 -26.31 -13.49 -40.09
N PRO I 35 -27.58 -13.92 -40.03
CA PRO I 35 -27.96 -14.93 -39.06
C PRO I 35 -27.55 -16.31 -39.57
N VAL I 36 -27.09 -17.17 -38.68
CA VAL I 36 -26.55 -18.46 -39.05
C VAL I 36 -27.15 -19.53 -38.17
N TRP I 37 -27.93 -20.42 -38.78
CA TRP I 37 -28.58 -21.49 -38.04
C TRP I 37 -27.66 -22.70 -38.09
N LEU I 38 -27.40 -23.31 -36.94
CA LEU I 38 -26.72 -24.60 -36.89
C LEU I 38 -27.77 -25.67 -37.12
N ASN I 39 -27.62 -26.41 -38.21
CA ASN I 39 -28.61 -27.42 -38.55
C ASN I 39 -28.37 -28.69 -37.75
N PHE I 40 -29.11 -29.75 -38.07
CA PHE I 40 -29.19 -30.92 -37.17
C PHE I 40 -27.92 -31.77 -37.16
N ASP I 41 -27.09 -31.64 -38.19
CA ASP I 41 -25.75 -32.24 -38.20
C ASP I 41 -24.67 -31.28 -37.67
N GLY I 42 -25.09 -30.16 -37.07
CA GLY I 42 -24.16 -29.14 -36.57
C GLY I 42 -23.54 -28.27 -37.65
N GLU I 43 -24.06 -28.35 -38.87
CA GLU I 43 -23.52 -27.58 -40.00
C GLU I 43 -24.14 -26.19 -40.06
N PRO I 44 -23.32 -25.13 -40.18
CA PRO I 44 -23.90 -23.80 -40.18
C PRO I 44 -24.61 -23.51 -41.49
N GLN I 45 -25.72 -22.80 -41.39
CA GLN I 45 -26.56 -22.46 -42.54
C GLN I 45 -26.90 -20.97 -42.54
N PRO I 46 -26.53 -20.25 -43.61
CA PRO I 46 -26.82 -18.83 -43.67
C PRO I 46 -28.29 -18.53 -43.99
N TYR I 47 -28.83 -17.53 -43.30
CA TYR I 47 -30.17 -17.03 -43.52
C TYR I 47 -30.04 -15.62 -44.06
N PRO I 48 -31.16 -15.00 -44.51
CA PRO I 48 -31.07 -13.67 -45.11
C PRO I 48 -30.47 -12.59 -44.20
N THR I 49 -29.74 -11.65 -44.78
CA THR I 49 -29.07 -10.59 -44.01
C THR I 49 -30.06 -9.56 -43.49
N LEU I 50 -29.70 -8.92 -42.39
CA LEU I 50 -30.49 -7.82 -41.83
C LEU I 50 -29.69 -6.53 -41.90
N PRO I 51 -30.19 -5.52 -42.62
CA PRO I 51 -29.54 -4.21 -42.60
C PRO I 51 -29.40 -3.65 -41.19
N PRO I 52 -28.42 -2.76 -40.96
CA PRO I 52 -28.26 -2.14 -39.64
C PRO I 52 -29.52 -1.44 -39.13
N GLY I 53 -29.76 -1.55 -37.82
CA GLY I 53 -30.91 -0.90 -37.20
C GLY I 53 -32.28 -1.47 -37.53
N THR I 54 -32.31 -2.66 -38.13
CA THR I 54 -33.58 -3.27 -38.53
C THR I 54 -33.90 -4.51 -37.71
N GLY I 55 -35.15 -4.98 -37.83
CA GLY I 55 -35.62 -6.15 -37.13
C GLY I 55 -36.58 -6.99 -37.94
N ARG I 56 -36.55 -8.30 -37.70
CA ARG I 56 -37.51 -9.22 -38.32
C ARG I 56 -38.07 -10.23 -37.35
N ARG I 57 -39.38 -10.41 -37.44
CA ARG I 57 -40.07 -11.48 -36.75
C ARG I 57 -39.90 -12.72 -37.59
N ILE I 58 -39.29 -13.75 -37.02
CA ILE I 58 -38.99 -14.98 -37.74
C ILE I 58 -39.47 -16.19 -36.96
N HIS I 59 -39.80 -17.24 -37.70
CA HIS I 59 -40.29 -18.49 -37.13
C HIS I 59 -39.14 -19.47 -36.98
N SER I 60 -38.85 -19.90 -35.75
CA SER I 60 -37.82 -20.90 -35.49
C SER I 60 -38.39 -21.99 -34.60
N TYR I 61 -37.54 -22.68 -33.84
CA TYR I 61 -37.98 -23.82 -32.99
C TYR I 61 -37.18 -23.91 -31.69
N ARG I 62 -37.79 -24.50 -30.67
CA ARG I 62 -37.13 -24.59 -29.37
C ARG I 62 -35.87 -25.41 -29.47
N GLY I 63 -34.82 -24.98 -28.76
CA GLY I 63 -33.56 -25.71 -28.75
C GLY I 63 -32.69 -25.60 -29.99
N HIS I 64 -33.11 -24.82 -30.99
CA HIS I 64 -32.27 -24.56 -32.15
C HIS I 64 -31.15 -23.58 -31.80
N LEU I 65 -30.01 -23.75 -32.44
CA LEU I 65 -28.86 -22.90 -32.17
C LEU I 65 -28.67 -21.91 -33.31
N TRP I 66 -28.49 -20.65 -32.94
CA TRP I 66 -28.23 -19.57 -33.89
C TRP I 66 -27.01 -18.81 -33.42
N LEU I 67 -26.24 -18.30 -34.37
CA LEU I 67 -25.29 -17.25 -34.09
C LEU I 67 -25.31 -16.20 -35.20
N PHE I 68 -24.64 -15.07 -34.98
CA PHE I 68 -24.76 -13.93 -35.90
C PHE I 68 -23.43 -13.28 -36.20
N ARG I 69 -23.29 -12.82 -37.44
CA ARG I 69 -22.01 -12.33 -37.97
C ARG I 69 -22.19 -11.15 -38.90
N ASP I 70 -21.12 -10.41 -39.12
CA ASP I 70 -21.10 -9.42 -40.18
C ASP I 70 -21.22 -10.14 -41.50
N ALA I 71 -22.20 -9.77 -42.31
CA ALA I 71 -22.45 -10.43 -43.60
C ALA I 71 -21.25 -10.42 -44.52
N GLY I 72 -20.48 -9.35 -44.50
CA GLY I 72 -19.40 -9.16 -45.45
C GLY I 72 -18.08 -9.73 -44.99
N THR I 73 -17.75 -9.48 -43.73
CA THR I 73 -16.43 -9.83 -43.16
C THR I 73 -16.44 -11.03 -42.23
N HIS I 74 -17.62 -11.47 -41.81
CA HIS I 74 -17.78 -12.55 -40.84
C HIS I 74 -17.25 -12.23 -39.44
N ASP I 75 -17.06 -10.95 -39.14
CA ASP I 75 -16.77 -10.52 -37.78
C ASP I 75 -17.87 -11.04 -36.87
N GLY I 76 -17.48 -11.54 -35.70
CA GLY I 76 -18.42 -12.11 -34.75
C GLY I 76 -19.22 -11.02 -34.05
N LEU I 77 -20.46 -11.34 -33.72
CA LEU I 77 -21.37 -10.41 -33.07
C LEU I 77 -21.95 -11.10 -31.86
N LEU I 78 -22.46 -10.33 -30.91
CA LEU I 78 -23.08 -10.92 -29.73
C LEU I 78 -24.55 -10.97 -30.01
N VAL I 79 -25.27 -11.80 -29.27
CA VAL I 79 -26.72 -11.84 -29.30
C VAL I 79 -27.16 -12.09 -27.88
N ASN I 80 -27.95 -11.17 -27.35
CA ASN I 80 -28.29 -11.19 -25.93
C ASN I 80 -27.05 -11.35 -25.05
N GLN I 81 -25.97 -10.66 -25.44
CA GLN I 81 -24.71 -10.60 -24.68
C GLN I 81 -23.80 -11.82 -24.77
N THR I 82 -24.15 -12.82 -25.57
CA THR I 82 -23.34 -14.05 -25.67
C THR I 82 -23.16 -14.47 -27.14
N GLU I 83 -22.44 -15.57 -27.35
CA GLU I 83 -22.16 -16.09 -28.69
C GLU I 83 -23.36 -16.78 -29.35
N LEU I 84 -24.04 -17.64 -28.58
CA LEU I 84 -25.10 -18.49 -29.13
C LEU I 84 -26.49 -18.03 -28.70
N PHE I 85 -27.46 -18.16 -29.61
CA PHE I 85 -28.85 -17.90 -29.26
C PHE I 85 -29.73 -19.15 -29.49
N VAL I 86 -30.48 -19.52 -28.45
CA VAL I 86 -31.39 -20.66 -28.48
C VAL I 86 -32.81 -20.21 -28.17
N PRO I 87 -33.70 -20.24 -29.18
CA PRO I 87 -35.11 -19.90 -28.96
C PRO I 87 -35.72 -20.71 -27.83
N SER I 88 -36.26 -20.03 -26.84
CA SER I 88 -36.93 -20.67 -25.73
C SER I 88 -38.43 -20.73 -26.03
N LEU I 89 -39.20 -21.22 -25.07
CA LEU I 89 -40.64 -21.31 -25.19
C LEU I 89 -41.29 -19.93 -25.19
N ASN I 90 -42.24 -19.69 -26.10
CA ASN I 90 -43.04 -18.45 -26.12
C ASN I 90 -44.09 -18.45 -25.02
N VAL I 91 -44.20 -17.37 -24.25
CA VAL I 91 -45.22 -17.28 -23.21
C VAL I 91 -46.28 -16.23 -23.55
N ASP I 92 -47.51 -16.70 -23.70
CA ASP I 92 -48.67 -15.86 -23.97
C ASP I 92 -48.45 -14.98 -25.21
N GLY I 93 -48.05 -15.64 -26.29
CA GLY I 93 -47.89 -14.98 -27.59
C GLY I 93 -46.70 -14.04 -27.74
N GLN I 94 -45.84 -13.97 -26.72
CA GLN I 94 -44.67 -13.10 -26.77
C GLN I 94 -43.53 -13.75 -27.54
N PRO I 95 -43.07 -13.11 -28.62
CA PRO I 95 -41.87 -13.64 -29.25
C PRO I 95 -40.64 -13.42 -28.38
N ILE I 96 -39.62 -14.26 -28.57
CA ILE I 96 -38.35 -14.12 -27.85
C ILE I 96 -37.55 -13.04 -28.56
N PHE I 97 -36.85 -12.22 -27.79
CA PHE I 97 -36.08 -11.15 -28.40
C PHE I 97 -34.64 -11.59 -28.54
N ALA I 98 -34.08 -11.43 -29.74
CA ALA I 98 -32.68 -11.75 -30.00
C ALA I 98 -31.95 -10.47 -30.38
N ASN I 99 -31.41 -9.78 -29.38
CA ASN I 99 -30.71 -8.52 -29.58
C ASN I 99 -29.28 -8.70 -30.08
N ILE I 100 -29.04 -8.31 -31.32
CA ILE I 100 -27.73 -8.42 -31.92
C ILE I 100 -26.99 -7.09 -31.77
N THR I 101 -25.79 -7.15 -31.20
CA THR I 101 -24.96 -5.96 -30.95
C THR I 101 -23.51 -6.22 -31.31
N LEU I 102 -22.72 -5.15 -31.40
CA LEU I 102 -21.27 -5.29 -31.53
C LEU I 102 -20.74 -5.69 -30.18
N PRO I 103 -19.77 -6.61 -30.14
CA PRO I 103 -19.04 -6.80 -28.90
C PRO I 103 -18.07 -5.65 -28.75
N VAL I 104 -17.43 -5.58 -27.60
CA VAL I 104 -16.36 -4.64 -27.43
C VAL I 104 -15.10 -5.32 -27.92
N TYR I 105 -14.81 -5.17 -29.21
CA TYR I 105 -13.60 -5.74 -29.80
C TYR I 105 -12.33 -5.24 -29.13
N THR I 106 -11.29 -6.09 -29.11
CA THR I 106 -9.97 -5.60 -28.76
C THR I 106 -9.56 -4.61 -29.86
N LEU I 107 -8.73 -3.64 -29.47
CA LEU I 107 -8.17 -2.70 -30.42
C LEU I 107 -7.39 -3.44 -31.49
N LYS I 108 -6.75 -4.54 -31.10
CA LYS I 108 -5.97 -5.30 -32.06
C LYS I 108 -6.89 -5.82 -33.15
N GLU I 109 -8.02 -6.39 -32.75
CA GLU I 109 -8.94 -7.00 -33.70
C GLU I 109 -9.65 -5.91 -34.52
N ARG I 110 -10.01 -4.83 -33.85
CA ARG I 110 -10.62 -3.72 -34.56
C ARG I 110 -9.64 -3.17 -35.62
N CYS I 111 -8.38 -3.04 -35.26
CA CYS I 111 -7.38 -2.61 -36.22
C CYS I 111 -7.27 -3.58 -37.39
N LEU I 112 -7.27 -4.88 -37.09
CA LEU I 112 -7.21 -5.89 -38.15
C LEU I 112 -8.38 -5.80 -39.12
N GLN I 113 -9.58 -5.58 -38.57
CA GLN I 113 -10.80 -5.42 -39.38
C GLN I 113 -10.68 -4.29 -40.38
N VAL I 114 -10.17 -3.16 -39.91
CA VAL I 114 -10.06 -1.97 -40.75
C VAL I 114 -9.03 -2.19 -41.85
N VAL I 115 -7.90 -2.82 -41.51
CA VAL I 115 -6.84 -3.09 -42.48
C VAL I 115 -7.30 -4.09 -43.55
N ARG I 116 -8.01 -5.14 -43.14
CA ARG I 116 -8.60 -6.11 -44.09
C ARG I 116 -9.53 -5.42 -45.10
N SER I 117 -10.26 -4.41 -44.63
CA SER I 117 -11.18 -3.69 -45.51
C SER I 117 -10.43 -2.86 -46.56
N LEU I 118 -9.24 -2.38 -46.20
CA LEU I 118 -8.51 -1.45 -47.06
C LEU I 118 -7.51 -2.13 -47.99
N VAL I 119 -7.08 -3.34 -47.64
CA VAL I 119 -6.05 -4.05 -48.41
C VAL I 119 -6.60 -5.35 -49.02
N LYS I 120 -6.27 -5.57 -50.29
CA LYS I 120 -6.66 -6.81 -50.98
C LYS I 120 -5.80 -7.96 -50.47
N PRO I 121 -6.40 -9.13 -50.20
CA PRO I 121 -5.66 -10.26 -49.62
C PRO I 121 -4.39 -10.70 -50.37
N GLU I 122 -4.30 -10.41 -51.67
CA GLU I 122 -3.09 -10.65 -52.44
C GLU I 122 -1.95 -9.72 -52.00
N ASN I 123 -2.30 -8.52 -51.52
CA ASN I 123 -1.33 -7.47 -51.19
C ASN I 123 -0.97 -7.32 -49.70
N TYR I 124 -1.45 -8.20 -48.84
CA TYR I 124 -1.05 -8.17 -47.42
C TYR I 124 0.46 -8.28 -47.27
N ARG I 125 1.10 -9.03 -48.18
CA ARG I 125 2.53 -9.27 -48.13
C ARG I 125 3.36 -8.03 -48.49
N ARG I 126 2.76 -7.10 -49.25
CA ARG I 126 3.42 -5.85 -49.63
C ARG I 126 3.41 -4.76 -48.51
N LEU I 127 2.69 -5.01 -47.42
CA LEU I 127 2.65 -4.08 -46.28
C LEU I 127 3.92 -4.11 -45.46
N ASP I 128 4.39 -2.95 -45.01
CA ASP I 128 5.59 -2.90 -44.16
C ASP I 128 5.24 -3.04 -42.67
N ILE I 129 4.97 -4.28 -42.29
CA ILE I 129 4.60 -4.64 -40.92
C ILE I 129 5.30 -5.94 -40.58
N VAL I 130 5.33 -6.30 -39.29
CA VAL I 130 5.97 -7.56 -38.90
C VAL I 130 5.21 -8.71 -39.54
N ARG I 131 5.88 -9.84 -39.69
CA ARG I 131 5.36 -10.93 -40.47
C ARG I 131 4.25 -11.69 -39.72
N SER I 132 4.32 -11.76 -38.39
CA SER I 132 3.25 -12.37 -37.60
C SER I 132 1.89 -11.71 -37.87
N LEU I 133 1.90 -10.40 -38.01
CA LEU I 133 0.70 -9.65 -38.36
C LEU I 133 0.16 -10.02 -39.74
N TYR I 134 1.04 -10.43 -40.68
CA TYR I 134 0.54 -11.00 -41.96
C TYR I 134 -0.39 -12.18 -41.64
N GLU I 135 0.10 -13.08 -40.78
CA GLU I 135 -0.66 -14.28 -40.38
C GLU I 135 -1.97 -13.92 -39.67
N ASP I 136 -1.94 -12.89 -38.85
CA ASP I 136 -3.15 -12.40 -38.20
C ASP I 136 -4.13 -11.82 -39.22
N LEU I 137 -3.61 -11.11 -40.23
CA LEU I 137 -4.44 -10.57 -41.29
C LEU I 137 -5.09 -11.65 -42.18
N GLU I 138 -4.33 -12.71 -42.47
CA GLU I 138 -4.85 -13.82 -43.28
C GLU I 138 -5.79 -14.74 -42.50
N ASP I 139 -5.67 -14.71 -41.16
CA ASP I 139 -6.56 -15.46 -40.29
C ASP I 139 -7.91 -14.73 -40.16
N HIS I 140 -8.69 -14.77 -41.23
CA HIS I 140 -9.97 -14.08 -41.25
C HIS I 140 -10.92 -14.71 -40.23
N PRO I 141 -11.82 -13.90 -39.66
CA PRO I 141 -12.87 -14.49 -38.83
C PRO I 141 -13.64 -15.54 -39.61
N ASN I 142 -13.92 -16.66 -38.95
CA ASN I 142 -14.43 -17.84 -39.64
C ASN I 142 -15.34 -18.61 -38.69
N VAL I 143 -16.55 -18.93 -39.17
CA VAL I 143 -17.57 -19.54 -38.32
C VAL I 143 -17.19 -20.95 -37.84
N GLN I 144 -16.70 -21.79 -38.75
CA GLN I 144 -16.31 -23.15 -38.37
C GLN I 144 -15.20 -23.12 -37.31
N LYS I 145 -14.22 -22.24 -37.49
CA LYS I 145 -13.15 -22.08 -36.50
C LYS I 145 -13.73 -21.77 -35.11
N ASP I 146 -14.71 -20.86 -35.07
CA ASP I 146 -15.29 -20.45 -33.80
C ASP I 146 -16.13 -21.53 -33.14
N LEU I 147 -16.83 -22.32 -33.95
CA LEU I 147 -17.56 -23.48 -33.43
C LEU I 147 -16.60 -24.49 -32.80
N GLU I 148 -15.42 -24.63 -33.40
CA GLU I 148 -14.36 -25.49 -32.85
C GLU I 148 -13.86 -24.94 -31.50
N ARG I 149 -13.58 -23.63 -31.45
CA ARG I 149 -13.15 -22.97 -30.21
C ARG I 149 -14.19 -23.09 -29.10
N LEU I 150 -15.45 -22.88 -29.43
CA LEU I 150 -16.52 -22.95 -28.45
C LEU I 150 -16.62 -24.35 -27.87
N THR I 151 -16.70 -25.34 -28.75
CA THR I 151 -16.79 -26.74 -28.37
C THR I 151 -15.73 -27.18 -27.35
N GLN I 152 -14.47 -26.77 -27.56
CA GLN I 152 -13.37 -27.11 -26.64
C GLN I 152 -13.58 -26.49 -25.25
N GLU I 153 -14.05 -25.24 -25.22
CA GLU I 153 -14.40 -24.57 -23.98
C GLU I 153 -15.85 -24.85 -23.58
N MET J 1 -41.96 6.86 26.48
CA MET J 1 -41.46 6.48 25.12
C MET J 1 -39.95 6.79 25.00
N ASP J 2 -39.15 5.76 24.74
CA ASP J 2 -37.71 5.93 24.71
C ASP J 2 -37.23 6.62 23.43
N VAL J 3 -36.23 7.47 23.60
CA VAL J 3 -35.51 8.05 22.48
C VAL J 3 -34.06 7.70 22.68
N PHE J 4 -33.37 7.46 21.57
CA PHE J 4 -32.00 6.98 21.58
C PHE J 4 -31.11 7.97 20.88
N LEU J 5 -30.00 8.30 21.56
CA LEU J 5 -29.19 9.46 21.25
C LEU J 5 -27.71 9.15 21.14
N MET J 6 -27.03 9.93 20.31
CA MET J 6 -25.59 10.07 20.35
C MET J 6 -25.33 11.49 20.82
N ILE J 7 -24.65 11.65 21.95
CA ILE J 7 -24.27 12.99 22.45
C ILE J 7 -22.82 13.23 22.05
N ARG J 8 -22.60 14.20 21.17
CA ARG J 8 -21.32 14.31 20.51
C ARG J 8 -20.61 15.66 20.73
N ARG J 9 -19.33 15.58 21.09
CA ARG J 9 -18.45 16.73 21.20
C ARG J 9 -17.09 16.31 20.73
N HIS J 10 -16.55 17.05 19.77
CA HIS J 10 -15.20 16.82 19.26
C HIS J 10 -15.07 15.38 18.78
N LYS J 11 -14.27 14.54 19.46
CA LYS J 11 -14.19 13.13 19.09
C LYS J 11 -14.76 12.22 20.18
N THR J 12 -15.74 12.75 20.92
CA THR J 12 -16.41 12.02 21.97
C THR J 12 -17.85 11.79 21.54
N THR J 13 -18.30 10.54 21.61
CA THR J 13 -19.69 10.20 21.30
C THR J 13 -20.30 9.35 22.43
N ILE J 14 -21.25 9.92 23.18
CA ILE J 14 -21.94 9.18 24.22
C ILE J 14 -23.24 8.60 23.66
N PHE J 15 -23.34 7.28 23.64
CA PHE J 15 -24.58 6.59 23.29
C PHE J 15 -25.43 6.42 24.56
N THR J 16 -26.61 7.01 24.56
CA THR J 16 -27.50 6.81 25.68
C THR J 16 -28.91 6.97 25.22
N ASP J 17 -29.84 6.60 26.09
CA ASP J 17 -31.24 6.76 25.84
C ASP J 17 -31.89 7.54 26.98
N ALA J 18 -33.05 8.10 26.70
CA ALA J 18 -33.81 8.84 27.71
C ALA J 18 -35.28 8.76 27.32
N LYS J 19 -36.16 9.37 28.12
CA LYS J 19 -37.58 9.41 27.80
C LYS J 19 -37.90 10.62 26.96
N GLU J 20 -38.85 10.44 26.05
CA GLU J 20 -39.37 11.56 25.25
C GLU J 20 -39.81 12.72 26.16
N SER J 21 -40.35 12.40 27.33
CA SER J 21 -40.82 13.41 28.27
C SER J 21 -39.73 14.01 29.15
N SER J 22 -38.55 13.41 29.16
CA SER J 22 -37.47 13.88 30.03
C SER J 22 -36.89 15.18 29.46
N THR J 23 -36.11 15.89 30.26
CA THR J 23 -35.69 17.24 29.90
C THR J 23 -34.26 17.30 29.42
N VAL J 24 -33.91 18.46 28.88
CA VAL J 24 -32.56 18.74 28.44
C VAL J 24 -31.61 18.77 29.64
N PHE J 25 -32.08 19.29 30.76
CA PHE J 25 -31.24 19.33 31.95
C PHE J 25 -30.90 17.92 32.42
N GLU J 26 -31.87 17.02 32.38
CA GLU J 26 -31.68 15.64 32.85
C GLU J 26 -30.67 14.92 31.97
N LEU J 27 -30.70 15.25 30.69
CA LEU J 27 -29.69 14.81 29.73
C LEU J 27 -28.30 15.36 30.08
N LYS J 28 -28.24 16.58 30.62
CA LYS J 28 -26.98 17.15 31.08
C LYS J 28 -26.43 16.42 32.30
N ARG J 29 -27.32 15.94 33.17
CA ARG J 29 -26.89 15.16 34.34
C ARG J 29 -26.18 13.90 33.93
N ILE J 30 -26.63 13.29 32.84
CA ILE J 30 -26.01 12.09 32.32
C ILE J 30 -24.61 12.40 31.83
N VAL J 31 -24.47 13.51 31.13
CA VAL J 31 -23.16 13.95 30.69
C VAL J 31 -22.26 14.23 31.90
N GLU J 32 -22.83 14.86 32.94
CA GLU J 32 -22.09 15.15 34.15
C GLU J 32 -21.45 13.89 34.70
N GLY J 33 -22.25 12.84 34.88
CA GLY J 33 -21.75 11.59 35.44
C GLY J 33 -20.64 10.95 34.62
N ILE J 34 -20.66 11.16 33.31
CA ILE J 34 -19.69 10.51 32.42
C ILE J 34 -18.46 11.38 32.18
N LEU J 35 -18.66 12.62 31.75
CA LEU J 35 -17.54 13.51 31.41
C LEU J 35 -17.11 14.48 32.53
N LYS J 36 -17.81 14.43 33.68
CA LYS J 36 -17.37 15.11 34.92
C LYS J 36 -17.43 16.63 34.89
N ARG J 37 -18.48 17.16 34.28
CA ARG J 37 -18.68 18.61 34.16
C ARG J 37 -20.12 18.96 34.50
N PRO J 38 -20.32 19.92 35.42
CA PRO J 38 -21.69 20.21 35.81
C PRO J 38 -22.52 20.79 34.65
N PRO J 39 -23.86 20.67 34.73
CA PRO J 39 -24.78 21.20 33.73
C PRO J 39 -24.57 22.67 33.36
N ASP J 40 -24.39 23.54 34.35
CA ASP J 40 -24.12 24.96 34.08
C ASP J 40 -22.90 25.20 33.18
N GLU J 41 -22.00 24.24 33.10
CA GLU J 41 -20.82 24.31 32.22
C GLU J 41 -21.04 23.63 30.86
N GLN J 42 -22.28 23.25 30.53
CA GLN J 42 -22.61 22.54 29.27
C GLN J 42 -23.58 23.33 28.41
N ARG J 43 -23.45 23.18 27.09
CA ARG J 43 -24.51 23.59 26.17
C ARG J 43 -24.83 22.41 25.26
N LEU J 44 -26.11 22.07 25.16
CA LEU J 44 -26.57 21.00 24.27
C LEU J 44 -27.27 21.61 23.09
N TYR J 45 -27.23 20.90 21.96
CA TYR J 45 -27.66 21.43 20.66
C TYR J 45 -28.41 20.40 19.80
N LYS J 46 -29.56 20.79 19.26
CA LYS J 46 -30.13 20.08 18.12
C LYS J 46 -29.69 20.81 16.86
N ASP J 47 -28.82 20.17 16.08
CA ASP J 47 -28.10 20.81 14.99
C ASP J 47 -27.39 22.05 15.52
N ASP J 48 -27.74 23.24 15.02
CA ASP J 48 -27.13 24.48 15.48
C ASP J 48 -27.95 25.15 16.57
N GLN J 49 -29.12 24.59 16.90
CA GLN J 49 -30.04 25.21 17.83
C GLN J 49 -29.79 24.85 19.29
N LEU J 50 -29.57 25.89 20.10
CA LEU J 50 -29.35 25.77 21.55
C LEU J 50 -30.59 25.27 22.27
N LEU J 51 -30.42 24.30 23.16
CA LEU J 51 -31.53 23.68 23.86
C LEU J 51 -31.68 24.24 25.27
N ASP J 52 -32.91 24.56 25.67
CA ASP J 52 -33.20 25.08 27.01
C ASP J 52 -33.39 23.94 28.00
N ASP J 53 -32.81 24.10 29.19
CA ASP J 53 -32.92 23.11 30.27
C ASP J 53 -34.36 22.60 30.50
N GLY J 54 -35.31 23.51 30.60
CA GLY J 54 -36.69 23.16 30.98
C GLY J 54 -37.52 22.43 29.95
N LYS J 55 -37.06 22.44 28.70
CA LYS J 55 -37.81 21.83 27.61
C LYS J 55 -37.64 20.32 27.59
N THR J 56 -38.68 19.60 27.17
CA THR J 56 -38.61 18.15 27.05
C THR J 56 -37.98 17.79 25.71
N LEU J 57 -37.40 16.59 25.64
CA LEU J 57 -36.78 16.13 24.41
C LEU J 57 -37.81 16.05 23.28
N GLY J 58 -39.04 15.70 23.64
CA GLY J 58 -40.14 15.64 22.69
C GLY J 58 -40.42 16.98 22.03
N GLU J 59 -40.48 18.04 22.82
CA GLU J 59 -40.64 19.40 22.30
C GLU J 59 -39.45 19.81 21.43
N CAS J 60 -38.25 19.40 21.83
CA CAS J 60 -37.05 19.68 21.04
CB CAS J 60 -35.79 19.62 21.91
C CAS J 60 -36.92 18.75 19.85
O CAS J 60 -35.94 18.80 19.13
SG CAS J 60 -35.72 20.96 23.05
AS CAS J 60 -36.09 22.87 21.87
CE1 CAS J 60 -37.81 23.63 22.53
CE2 CAS J 60 -34.70 24.27 22.12
N GLY J 61 -37.91 17.89 19.63
CA GLY J 61 -38.04 17.19 18.36
C GLY J 61 -37.32 15.85 18.29
N PHE J 62 -36.91 15.34 19.45
CA PHE J 62 -36.38 13.98 19.54
C PHE J 62 -37.53 13.04 19.90
N THR J 63 -37.99 12.27 18.91
CA THR J 63 -39.10 11.31 19.09
C THR J 63 -38.68 9.85 18.98
N SER J 64 -39.54 8.96 19.45
CA SER J 64 -39.34 7.50 19.37
C SER J 64 -38.99 7.06 17.97
N GLN J 65 -39.67 7.67 16.99
CA GLN J 65 -39.63 7.18 15.62
C GLN J 65 -38.56 7.84 14.77
N THR J 66 -37.86 8.82 15.34
CA THR J 66 -36.69 9.40 14.68
C THR J 66 -35.40 9.00 15.41
N ALA J 67 -35.39 9.16 16.72
CA ALA J 67 -34.27 8.77 17.54
C ALA J 67 -34.33 7.27 17.87
N ARG J 68 -33.92 6.43 16.93
CA ARG J 68 -34.11 4.98 17.04
C ARG J 68 -32.87 4.26 17.57
N PRO J 69 -33.06 3.07 18.19
CA PRO J 69 -31.92 2.28 18.68
C PRO J 69 -30.85 2.07 17.61
N GLN J 70 -31.27 1.66 16.42
CA GLN J 70 -30.36 1.41 15.29
C GLN J 70 -29.98 2.62 14.45
N ALA J 71 -30.55 3.78 14.79
CA ALA J 71 -30.28 5.03 14.06
C ALA J 71 -30.57 6.22 14.98
N PRO J 72 -29.74 6.37 16.02
CA PRO J 72 -29.99 7.35 17.08
C PRO J 72 -29.76 8.78 16.64
N ALA J 73 -30.45 9.71 17.30
CA ALA J 73 -30.37 11.14 16.97
C ALA J 73 -29.15 11.75 17.61
N THR J 74 -28.57 12.73 16.95
CA THR J 74 -27.37 13.39 17.46
C THR J 74 -27.72 14.64 18.28
N VAL J 75 -27.13 14.73 19.46
CA VAL J 75 -27.21 15.92 20.30
C VAL J 75 -25.81 16.51 20.37
N GLY J 76 -25.67 17.78 19.99
CA GLY J 76 -24.36 18.47 20.07
C GLY J 76 -24.04 18.87 21.49
N LEU J 77 -22.75 18.90 21.84
CA LEU J 77 -22.29 19.27 23.19
C LEU J 77 -21.08 20.21 23.12
N ALA J 78 -21.13 21.27 23.92
CA ALA J 78 -20.08 22.27 24.01
C ALA J 78 -19.88 22.62 25.49
N PHE J 79 -18.62 22.62 25.94
CA PHE J 79 -18.28 22.98 27.32
C PHE J 79 -17.87 24.44 27.51
N ARG J 80 -17.94 24.90 28.75
CA ARG J 80 -17.32 26.15 29.13
C ARG J 80 -15.86 25.87 29.41
N ALA J 81 -14.99 26.78 28.98
CA ALA J 81 -13.56 26.68 29.24
C ALA J 81 -13.02 28.04 29.61
N ASP J 82 -12.88 28.29 30.91
CA ASP J 82 -12.45 29.59 31.45
C ASP J 82 -13.40 30.73 31.08
N ASP J 83 -14.51 30.80 31.78
CA ASP J 83 -15.43 31.96 31.66
C ASP J 83 -16.35 31.90 30.44
N THR J 84 -15.80 31.51 29.27
CA THR J 84 -16.52 31.54 27.99
C THR J 84 -16.73 30.14 27.42
N PHE J 85 -17.85 29.91 26.75
CA PHE J 85 -18.15 28.62 26.11
C PHE J 85 -17.40 28.46 24.79
N GLU J 86 -16.88 27.27 24.55
CA GLU J 86 -16.29 26.93 23.24
C GLU J 86 -17.38 26.82 22.17
N ALA J 87 -17.00 26.91 20.90
CA ALA J 87 -17.95 26.75 19.81
C ALA J 87 -18.33 25.27 19.65
N LEU J 88 -19.53 25.01 19.13
CA LEU J 88 -19.99 23.64 18.90
C LEU J 88 -19.15 23.00 17.80
N CAS J 89 -18.44 21.92 18.14
CA CAS J 89 -17.57 21.24 17.17
CB CAS J 89 -16.14 21.70 17.41
C CAS J 89 -17.75 19.74 17.27
O CAS J 89 -17.51 19.15 18.32
SG CAS J 89 -14.91 20.62 16.75
AS CAS J 89 -14.92 21.01 14.55
CE1 CAS J 89 -16.27 22.40 14.03
CE2 CAS J 89 -13.08 21.56 14.02
N ILE J 90 -18.18 19.11 16.18
CA ILE J 90 -18.37 17.66 16.13
C ILE J 90 -17.52 17.08 15.02
N GLU J 91 -16.45 16.38 15.37
CA GLU J 91 -15.60 15.75 14.37
C GLU J 91 -16.38 14.63 13.68
N PRO J 92 -16.46 14.67 12.33
CA PRO J 92 -17.18 13.60 11.62
C PRO J 92 -16.46 12.28 11.71
N PHE J 93 -17.18 11.16 11.62
CA PHE J 93 -16.55 9.84 11.61
C PHE J 93 -15.72 9.69 10.35
N SER J 94 -14.91 8.64 10.28
CA SER J 94 -14.05 8.40 9.13
C SER J 94 -14.89 8.07 7.89
N SER J 95 -14.33 8.33 6.71
CA SER J 95 -14.98 8.01 5.45
C SER J 95 -14.70 6.56 5.08
N PRO J 96 -15.73 5.83 4.62
CA PRO J 96 -15.46 4.50 4.09
C PRO J 96 -14.71 4.59 2.76
N PRO J 97 -14.09 3.48 2.33
CA PRO J 97 -13.41 3.47 1.05
C PRO J 97 -14.43 3.36 -0.10
N GLU J 98 -13.94 3.44 -1.33
CA GLU J 98 -14.79 3.22 -2.49
C GLU J 98 -15.30 1.76 -2.42
N LEU J 99 -16.52 1.53 -2.89
CA LEU J 99 -17.02 0.16 -3.01
C LEU J 99 -16.12 -0.62 -3.98
N PRO J 100 -15.63 -1.80 -3.55
CA PRO J 100 -14.86 -2.61 -4.49
C PRO J 100 -15.63 -2.89 -5.79
N ASP J 101 -14.89 -3.25 -6.84
CA ASP J 101 -15.48 -3.53 -8.15
C ASP J 101 -16.76 -4.36 -8.01
N VAL J 102 -16.69 -5.46 -7.27
CA VAL J 102 -17.79 -6.44 -7.20
C VAL J 102 -19.04 -5.99 -6.43
N MET J 103 -18.99 -4.82 -5.80
CA MET J 103 -20.13 -4.29 -5.06
C MET J 103 -20.64 -2.99 -5.69
N MET K 1 -25.35 4.43 36.83
CA MET K 1 -25.23 3.70 35.55
C MET K 1 -23.76 3.62 35.13
N MET K 2 -23.26 2.41 34.92
CA MET K 2 -21.88 2.24 34.47
C MET K 2 -21.75 2.31 32.95
N TYR K 3 -20.65 2.92 32.53
CA TYR K 3 -20.36 3.16 31.13
C TYR K 3 -18.95 2.67 30.86
N VAL K 4 -18.66 2.38 29.60
CA VAL K 4 -17.32 2.00 29.16
C VAL K 4 -16.94 2.80 27.93
N LYS K 5 -15.64 2.83 27.63
CA LYS K 5 -15.13 3.57 26.49
C LYS K 5 -14.53 2.60 25.46
N LEU K 6 -15.00 2.71 24.22
CA LEU K 6 -14.43 1.97 23.09
C LEU K 6 -13.79 2.98 22.14
N ILE K 7 -12.49 2.85 21.90
CA ILE K 7 -11.76 3.82 21.11
C ILE K 7 -11.42 3.28 19.73
N SER K 8 -11.81 4.02 18.70
CA SER K 8 -11.59 3.59 17.31
C SER K 8 -10.15 3.85 16.88
N SER K 9 -9.80 3.32 15.71
CA SER K 9 -8.45 3.44 15.15
C SER K 9 -8.08 4.89 14.83
N ASP K 10 -9.09 5.67 14.40
CA ASP K 10 -8.90 7.10 14.12
C ASP K 10 -9.10 8.01 15.35
N GLY K 11 -9.19 7.44 16.55
CA GLY K 11 -9.17 8.20 17.79
C GLY K 11 -10.53 8.63 18.35
N HIS K 12 -11.62 8.23 17.70
CA HIS K 12 -12.96 8.50 18.21
C HIS K 12 -13.24 7.66 19.44
N GLU K 13 -13.77 8.31 20.47
CA GLU K 13 -13.99 7.68 21.75
C GLU K 13 -15.49 7.51 21.91
N PHE K 14 -15.93 6.25 21.96
CA PHE K 14 -17.34 5.93 22.08
C PHE K 14 -17.65 5.44 23.47
N ILE K 15 -18.64 6.08 24.11
CA ILE K 15 -18.99 5.73 25.47
C ILE K 15 -20.39 5.11 25.49
N VAL K 16 -20.45 3.84 25.85
CA VAL K 16 -21.71 3.08 25.90
C VAL K 16 -21.88 2.46 27.28
N LYS K 17 -23.13 2.15 27.64
CA LYS K 17 -23.39 1.53 28.94
C LYS K 17 -22.67 0.18 29.02
N ARG K 18 -22.16 -0.14 30.22
CA ARG K 18 -21.47 -1.41 30.43
C ARG K 18 -22.36 -2.55 29.95
N GLU K 19 -23.56 -2.62 30.52
CA GLU K 19 -24.56 -3.63 30.17
C GLU K 19 -24.62 -3.90 28.67
N HIS K 20 -24.64 -2.82 27.89
CA HIS K 20 -24.74 -2.91 26.43
C HIS K 20 -23.49 -3.53 25.81
N ALA K 21 -22.31 -3.08 26.24
CA ALA K 21 -21.07 -3.59 25.68
C ALA K 21 -20.87 -5.07 25.97
N LEU K 22 -21.37 -5.53 27.12
CA LEU K 22 -21.24 -6.93 27.51
C LEU K 22 -22.08 -7.87 26.63
N THR K 23 -22.90 -7.30 25.75
CA THR K 23 -23.44 -8.00 24.59
C THR K 23 -22.37 -8.81 23.83
N SER K 24 -21.18 -8.25 23.70
CA SER K 24 -20.06 -8.90 23.04
C SER K 24 -19.24 -9.65 24.06
N GLY K 25 -19.12 -10.96 23.88
CA GLY K 25 -18.29 -11.79 24.76
C GLY K 25 -16.83 -11.38 24.69
N THR K 26 -16.39 -10.99 23.50
CA THR K 26 -15.04 -10.53 23.31
C THR K 26 -14.78 -9.31 24.19
N ILE K 27 -15.68 -8.33 24.16
CA ILE K 27 -15.54 -7.15 25.00
C ILE K 27 -15.67 -7.52 26.47
N LYS K 28 -16.59 -8.41 26.77
CA LYS K 28 -16.79 -8.86 28.14
C LYS K 28 -15.52 -9.45 28.73
N ALA K 29 -14.71 -10.09 27.89
CA ALA K 29 -13.41 -10.59 28.30
C ALA K 29 -12.40 -9.45 28.44
N MET K 30 -12.29 -8.60 27.42
CA MET K 30 -11.31 -7.50 27.39
C MET K 30 -11.37 -6.60 28.61
N LEU K 31 -12.57 -6.45 29.17
CA LEU K 31 -12.78 -5.66 30.37
C LEU K 31 -12.47 -6.49 31.63
N SER K 32 -12.86 -7.76 31.62
CA SER K 32 -12.61 -8.67 32.74
C SER K 32 -11.23 -9.32 32.65
N THR K 42 -9.41 -1.98 32.42
CA THR K 42 -10.68 -2.49 32.95
C THR K 42 -11.90 -1.67 32.49
N ASN K 43 -11.74 -0.36 32.28
CA ASN K 43 -12.86 0.51 31.83
C ASN K 43 -12.81 0.98 30.36
N GLU K 44 -11.63 0.93 29.73
CA GLU K 44 -11.45 1.36 28.34
C GLU K 44 -10.96 0.22 27.46
N VAL K 45 -11.16 0.34 26.16
CA VAL K 45 -10.68 -0.65 25.19
C VAL K 45 -10.29 0.02 23.87
N ASN K 46 -9.06 -0.20 23.42
CA ASN K 46 -8.60 0.29 22.12
C ASN K 46 -8.73 -0.73 21.01
N PHE K 47 -9.36 -0.31 19.91
CA PHE K 47 -9.52 -1.14 18.72
C PHE K 47 -8.75 -0.52 17.57
N ARG K 48 -7.45 -0.79 17.50
CA ARG K 48 -6.57 -0.13 16.54
C ARG K 48 -6.81 -0.45 15.04
N GLU K 49 -7.68 -1.40 14.72
CA GLU K 49 -8.01 -1.65 13.30
C GLU K 49 -9.49 -1.48 12.98
N ILE K 50 -10.24 -0.86 13.90
CA ILE K 50 -11.67 -0.59 13.63
C ILE K 50 -11.87 0.92 13.54
N PRO K 51 -12.15 1.44 12.35
CA PRO K 51 -12.38 2.88 12.24
C PRO K 51 -13.74 3.29 12.83
N SER K 52 -13.95 4.59 12.98
CA SER K 52 -15.11 5.12 13.68
C SER K 52 -16.41 4.86 12.93
N HIS K 53 -16.39 4.90 11.60
CA HIS K 53 -17.60 4.66 10.80
C HIS K 53 -18.10 3.23 10.93
N VAL K 54 -17.22 2.34 11.39
CA VAL K 54 -17.55 0.96 11.72
C VAL K 54 -17.88 0.83 13.20
N LEU K 55 -17.01 1.34 14.08
CA LEU K 55 -17.23 1.17 15.51
C LEU K 55 -18.51 1.84 15.96
N SER K 56 -18.88 2.94 15.30
CA SER K 56 -20.13 3.62 15.61
C SER K 56 -21.32 2.70 15.35
N LYS K 57 -21.26 1.95 14.27
CA LYS K 57 -22.33 1.00 13.95
C LYS K 57 -22.39 -0.16 14.93
N VAL K 58 -21.22 -0.64 15.35
CA VAL K 58 -21.17 -1.66 16.39
C VAL K 58 -21.96 -1.19 17.61
N CYS K 59 -21.71 0.05 18.02
CA CYS K 59 -22.37 0.62 19.17
C CYS K 59 -23.87 0.69 18.93
N MET K 60 -24.28 1.15 17.76
CA MET K 60 -25.71 1.15 17.43
C MET K 60 -26.32 -0.26 17.59
N TYR K 61 -25.64 -1.29 17.07
CA TYR K 61 -26.10 -2.67 17.19
C TYR K 61 -26.33 -3.07 18.64
N PHE K 62 -25.37 -2.77 19.51
CA PHE K 62 -25.54 -3.02 20.95
C PHE K 62 -26.90 -2.51 21.43
N THR K 63 -27.15 -1.22 21.19
CA THR K 63 -28.39 -0.57 21.62
C THR K 63 -29.56 -1.37 21.08
N TYR K 64 -29.49 -1.65 19.79
CA TYR K 64 -30.52 -2.39 19.06
C TYR K 64 -30.78 -3.77 19.65
N LYS K 65 -29.71 -4.53 19.93
CA LYS K 65 -29.89 -5.84 20.51
C LYS K 65 -30.57 -5.78 21.88
N VAL K 66 -30.09 -4.91 22.75
CA VAL K 66 -30.62 -4.83 24.11
C VAL K 66 -32.09 -4.38 24.09
N ARG K 67 -32.44 -3.53 23.14
CA ARG K 67 -33.81 -3.06 23.02
C ARG K 67 -34.74 -4.16 22.51
N TYR K 68 -34.30 -4.96 21.54
CA TYR K 68 -35.22 -5.88 20.85
C TYR K 68 -35.08 -7.35 21.22
N THR K 69 -34.13 -7.70 22.08
CA THR K 69 -34.01 -9.09 22.52
C THR K 69 -35.20 -9.44 23.43
N ASN K 70 -35.77 -10.63 23.20
CA ASN K 70 -37.04 -11.04 23.82
C ASN K 70 -38.02 -9.88 24.04
N SER K 71 -38.65 -9.45 22.95
CA SER K 71 -39.56 -8.31 22.98
C SER K 71 -40.87 -8.65 22.28
N SER K 72 -41.94 -7.99 22.72
CA SER K 72 -43.27 -8.18 22.14
C SER K 72 -43.41 -7.38 20.85
N THR K 73 -42.97 -6.11 20.90
CA THR K 73 -43.08 -5.21 19.74
C THR K 73 -42.30 -5.72 18.54
N GLU K 74 -42.85 -5.49 17.35
CA GLU K 74 -42.24 -5.91 16.09
C GLU K 74 -40.81 -5.37 15.96
N ILE K 75 -39.94 -6.20 15.39
CA ILE K 75 -38.53 -5.89 15.30
C ILE K 75 -38.25 -5.35 13.91
N PRO K 76 -37.57 -4.20 13.82
CA PRO K 76 -37.16 -3.70 12.50
C PRO K 76 -35.80 -4.23 12.08
N GLU K 77 -35.54 -4.17 10.79
CA GLU K 77 -34.27 -4.60 10.23
C GLU K 77 -33.20 -3.72 10.80
N PHE K 78 -32.05 -4.32 11.10
CA PHE K 78 -30.86 -3.55 11.42
C PHE K 78 -30.15 -3.15 10.13
N PRO K 79 -30.07 -1.83 9.85
CA PRO K 79 -29.54 -1.36 8.58
C PRO K 79 -28.01 -1.32 8.51
N ILE K 80 -27.49 -1.61 7.33
CA ILE K 80 -26.06 -1.64 7.09
C ILE K 80 -25.85 -1.18 5.66
N ALA K 81 -25.26 0.01 5.49
CA ALA K 81 -25.02 0.56 4.17
C ALA K 81 -23.95 -0.26 3.46
N PRO K 82 -24.13 -0.50 2.15
CA PRO K 82 -23.18 -1.29 1.38
C PRO K 82 -21.72 -0.90 1.58
N GLU K 83 -21.44 0.38 1.75
CA GLU K 83 -20.06 0.88 1.83
C GLU K 83 -19.30 0.35 3.04
N ILE K 84 -20.01 0.15 4.16
CA ILE K 84 -19.37 -0.27 5.40
C ILE K 84 -19.54 -1.76 5.74
N ALA K 85 -20.30 -2.49 4.92
CA ALA K 85 -20.61 -3.91 5.19
C ALA K 85 -19.37 -4.79 5.33
N LEU K 86 -18.40 -4.63 4.44
CA LEU K 86 -17.19 -5.45 4.51
C LEU K 86 -16.42 -5.27 5.81
N GLU K 87 -16.15 -4.02 6.15
CA GLU K 87 -15.38 -3.73 7.35
C GLU K 87 -16.15 -4.12 8.61
N LEU K 88 -17.45 -3.87 8.62
CA LEU K 88 -18.29 -4.22 9.77
C LEU K 88 -18.32 -5.73 9.98
N LEU K 89 -18.38 -6.49 8.89
CA LEU K 89 -18.31 -7.95 8.95
C LEU K 89 -17.06 -8.40 9.69
N MET K 90 -15.92 -7.81 9.35
CA MET K 90 -14.62 -8.11 10.00
C MET K 90 -14.65 -7.79 11.49
N ALA K 91 -15.20 -6.63 11.83
CA ALA K 91 -15.28 -6.24 13.23
C ALA K 91 -16.17 -7.22 14.01
N ALA K 92 -17.31 -7.56 13.42
CA ALA K 92 -18.30 -8.44 14.05
C ALA K 92 -17.76 -9.86 14.28
N ASN K 93 -16.86 -10.31 13.42
CA ASN K 93 -16.20 -11.60 13.65
C ASN K 93 -15.41 -11.53 14.95
N PHE K 94 -14.49 -10.58 15.00
CA PHE K 94 -13.60 -10.36 16.13
C PHE K 94 -14.34 -10.24 17.46
N LEU K 95 -15.46 -9.52 17.44
CA LEU K 95 -16.18 -9.20 18.68
C LEU K 95 -17.16 -10.29 19.18
N ASP K 96 -17.47 -11.29 18.35
CA ASP K 96 -18.45 -12.32 18.70
C ASP K 96 -19.77 -11.65 19.12
N CYS K 97 -20.27 -10.77 18.26
CA CYS K 97 -21.57 -10.12 18.47
C CYS K 97 -22.45 -10.29 17.24
N VAL L 11 -37.34 -38.02 11.92
CA VAL L 11 -37.89 -37.53 13.22
C VAL L 11 -38.78 -36.30 12.98
N LEU L 12 -38.22 -35.21 12.47
CA LEU L 12 -39.01 -33.98 12.20
C LEU L 12 -39.90 -34.10 10.97
N ARG L 13 -41.15 -34.49 11.20
CA ARG L 13 -42.14 -34.58 10.15
C ARG L 13 -43.51 -34.22 10.73
N SER L 14 -44.47 -34.02 9.84
CA SER L 14 -45.85 -33.79 10.25
C SER L 14 -46.52 -35.12 10.63
N VAL L 15 -47.37 -35.06 11.64
CA VAL L 15 -48.22 -36.17 12.02
C VAL L 15 -49.48 -36.13 11.15
N ASN L 16 -49.91 -37.28 10.64
CA ASN L 16 -51.09 -37.32 9.80
C ASN L 16 -52.36 -37.54 10.65
N SER L 17 -52.86 -36.45 11.22
CA SER L 17 -54.02 -36.49 12.12
C SER L 17 -55.35 -36.32 11.39
N ARG L 18 -55.31 -35.67 10.23
CA ARG L 18 -56.51 -35.28 9.49
C ARG L 18 -57.47 -34.44 10.35
N GLU L 19 -56.95 -33.75 11.34
CA GLU L 19 -57.77 -32.92 12.21
C GLU L 19 -57.55 -31.45 11.85
N PRO L 20 -58.53 -30.81 11.17
CA PRO L 20 -58.36 -29.43 10.74
C PRO L 20 -57.94 -28.48 11.85
N SER L 21 -57.13 -27.51 11.46
CA SER L 21 -56.78 -26.41 12.32
C SER L 21 -56.65 -25.22 11.40
N GLN L 22 -57.42 -24.17 11.68
CA GLN L 22 -57.30 -22.92 10.93
C GLN L 22 -56.27 -22.05 11.63
N VAL L 23 -55.38 -21.45 10.83
CA VAL L 23 -54.26 -20.64 11.35
C VAL L 23 -54.26 -19.28 10.67
N ILE L 24 -53.63 -18.29 11.31
CA ILE L 24 -53.29 -17.05 10.61
C ILE L 24 -51.77 -16.92 10.49
N PHE L 25 -51.29 -16.90 9.24
CA PHE L 25 -49.90 -16.58 8.98
C PHE L 25 -49.88 -15.07 8.93
N CAS L 26 -49.21 -14.46 9.90
CA CAS L 26 -49.14 -13.01 10.00
CB CAS L 26 -49.84 -12.63 11.31
C CAS L 26 -47.68 -12.59 9.91
O CAS L 26 -46.90 -12.82 10.84
SG CAS L 26 -49.69 -10.91 11.63
AS CAS L 26 -50.84 -9.99 9.98
CE1 CAS L 26 -52.75 -9.91 10.44
CE2 CAS L 26 -50.29 -8.09 9.79
N ASN L 27 -47.31 -11.97 8.78
CA ASN L 27 -45.95 -11.53 8.56
C ASN L 27 -45.68 -10.17 9.21
N ARG L 28 -45.13 -10.21 10.42
CA ARG L 28 -44.71 -9.01 11.12
C ARG L 28 -43.21 -8.84 10.95
N SER L 29 -42.74 -8.97 9.71
CA SER L 29 -41.33 -8.80 9.40
C SER L 29 -41.26 -7.93 8.17
N PRO L 30 -40.07 -7.37 7.88
CA PRO L 30 -39.91 -6.63 6.65
C PRO L 30 -39.51 -7.51 5.46
N ARG L 31 -39.49 -8.83 5.65
CA ARG L 31 -39.09 -9.76 4.58
C ARG L 31 -40.29 -10.38 3.88
N VAL L 32 -40.12 -10.67 2.60
CA VAL L 32 -41.05 -11.53 1.89
C VAL L 32 -40.87 -12.90 2.49
N VAL L 33 -41.94 -13.47 3.05
CA VAL L 33 -41.85 -14.73 3.78
C VAL L 33 -42.29 -15.94 2.94
N LEU L 34 -41.48 -17.00 3.00
CA LEU L 34 -41.83 -18.32 2.48
C LEU L 34 -42.24 -19.23 3.66
N PRO L 35 -43.52 -19.63 3.72
CA PRO L 35 -43.95 -20.67 4.66
C PRO L 35 -43.54 -22.04 4.14
N VAL L 36 -43.02 -22.89 5.03
CA VAL L 36 -42.50 -24.20 4.62
C VAL L 36 -43.17 -25.28 5.45
N TRP L 37 -43.94 -26.15 4.80
CA TRP L 37 -44.61 -27.24 5.50
C TRP L 37 -43.71 -28.46 5.47
N LEU L 38 -43.47 -29.07 6.63
CA LEU L 38 -42.79 -30.35 6.66
C LEU L 38 -43.81 -31.44 6.40
N ASN L 39 -43.61 -32.15 5.28
CA ASN L 39 -44.53 -33.20 4.89
C ASN L 39 -44.33 -34.46 5.71
N PHE L 40 -45.09 -35.50 5.39
CA PHE L 40 -45.18 -36.67 6.27
C PHE L 40 -43.91 -37.50 6.32
N ASP L 41 -43.01 -37.27 5.36
CA ASP L 41 -41.68 -37.89 5.37
C ASP L 41 -40.59 -36.97 5.94
N GLY L 42 -40.97 -35.77 6.34
CA GLY L 42 -40.02 -34.79 6.85
C GLY L 42 -39.43 -33.87 5.79
N GLU L 43 -39.95 -33.95 4.57
CA GLU L 43 -39.45 -33.16 3.45
C GLU L 43 -40.08 -31.76 3.43
N PRO L 44 -39.26 -30.72 3.24
CA PRO L 44 -39.82 -29.37 3.31
C PRO L 44 -40.57 -29.00 2.03
N GLN L 45 -41.81 -28.56 2.20
CA GLN L 45 -42.67 -28.20 1.09
C GLN L 45 -42.99 -26.70 1.11
N PRO L 46 -42.54 -25.97 0.09
CA PRO L 46 -42.80 -24.53 0.03
C PRO L 46 -44.24 -24.21 -0.34
N TYR L 47 -44.77 -23.14 0.25
CA TYR L 47 -46.13 -22.67 0.04
C TYR L 47 -46.04 -21.22 -0.44
N PRO L 48 -47.17 -20.62 -0.88
CA PRO L 48 -47.07 -19.27 -1.44
C PRO L 48 -46.49 -18.21 -0.49
N THR L 49 -45.82 -17.22 -1.05
CA THR L 49 -45.12 -16.24 -0.25
C THR L 49 -46.05 -15.16 0.31
N LEU L 50 -45.69 -14.64 1.49
CA LEU L 50 -46.40 -13.52 2.09
C LEU L 50 -45.52 -12.27 2.04
N PRO L 51 -45.99 -11.20 1.34
CA PRO L 51 -45.28 -9.92 1.42
C PRO L 51 -45.21 -9.35 2.85
N PRO L 52 -44.23 -8.48 3.12
CA PRO L 52 -44.12 -7.83 4.45
C PRO L 52 -45.44 -7.16 4.89
N GLY L 53 -45.76 -7.26 6.17
CA GLY L 53 -46.96 -6.66 6.73
C GLY L 53 -48.31 -7.27 6.33
N THR L 54 -48.29 -8.43 5.68
CA THR L 54 -49.54 -9.06 5.26
C THR L 54 -49.82 -10.30 6.10
N GLY L 55 -51.04 -10.80 5.98
CA GLY L 55 -51.44 -12.01 6.66
C GLY L 55 -52.39 -12.83 5.80
N ARG L 56 -52.41 -14.15 6.03
CA ARG L 56 -53.36 -15.03 5.37
C ARG L 56 -53.94 -16.04 6.34
N ARG L 57 -55.24 -16.29 6.16
CA ARG L 57 -55.94 -17.32 6.89
C ARG L 57 -55.82 -18.58 6.06
N ILE L 58 -55.25 -19.63 6.65
CA ILE L 58 -54.93 -20.86 5.90
C ILE L 58 -55.45 -22.10 6.59
N HIS L 59 -55.77 -23.11 5.80
CA HIS L 59 -56.29 -24.37 6.33
C HIS L 59 -55.16 -25.36 6.52
N SER L 60 -54.90 -25.75 7.77
CA SER L 60 -53.88 -26.76 8.06
C SER L 60 -54.49 -27.87 8.94
N TYR L 61 -53.67 -28.49 9.78
CA TYR L 61 -54.08 -29.69 10.52
C TYR L 61 -53.29 -29.80 11.81
N ARG L 62 -53.91 -30.35 12.85
CA ARG L 62 -53.25 -30.52 14.13
C ARG L 62 -52.00 -31.36 13.97
N GLY L 63 -50.93 -30.99 14.66
CA GLY L 63 -49.70 -31.77 14.61
C GLY L 63 -48.83 -31.63 13.36
N HIS L 64 -49.25 -30.79 12.40
CA HIS L 64 -48.41 -30.49 11.25
C HIS L 64 -47.31 -29.51 11.65
N LEU L 65 -46.15 -29.62 11.02
CA LEU L 65 -45.02 -28.74 11.37
C LEU L 65 -44.76 -27.72 10.28
N TRP L 66 -44.56 -26.47 10.70
CA TRP L 66 -44.17 -25.40 9.78
C TRP L 66 -42.95 -24.67 10.29
N LEU L 67 -42.16 -24.15 9.35
CA LEU L 67 -41.18 -23.13 9.66
C LEU L 67 -41.27 -22.06 8.58
N PHE L 68 -40.54 -20.95 8.76
CA PHE L 68 -40.68 -19.79 7.88
C PHE L 68 -39.36 -19.13 7.59
N ARG L 69 -39.18 -18.71 6.33
CA ARG L 69 -37.91 -18.20 5.82
C ARG L 69 -38.12 -17.00 4.92
N ASP L 70 -37.05 -16.23 4.72
CA ASP L 70 -37.03 -15.22 3.69
C ASP L 70 -37.10 -15.94 2.34
N ALA L 71 -38.05 -15.55 1.49
CA ALA L 71 -38.22 -16.20 0.18
C ALA L 71 -37.04 -15.98 -0.78
N GLY L 72 -36.29 -14.89 -0.61
CA GLY L 72 -35.17 -14.57 -1.49
C GLY L 72 -33.86 -15.20 -1.06
N THR L 73 -33.53 -15.07 0.22
CA THR L 73 -32.25 -15.52 0.77
C THR L 73 -32.31 -16.76 1.66
N HIS L 74 -33.51 -17.17 2.08
CA HIS L 74 -33.71 -18.29 3.00
C HIS L 74 -33.23 -18.05 4.44
N ASP L 75 -32.95 -16.79 4.78
CA ASP L 75 -32.65 -16.43 6.16
C ASP L 75 -33.76 -16.97 7.05
N GLY L 76 -33.37 -17.58 8.16
CA GLY L 76 -34.33 -18.10 9.13
C GLY L 76 -35.11 -17.00 9.80
N LEU L 77 -36.38 -17.29 10.11
CA LEU L 77 -37.28 -16.34 10.77
C LEU L 77 -37.93 -17.04 11.96
N LEU L 78 -38.46 -16.26 12.89
CA LEU L 78 -39.10 -16.85 14.06
C LEU L 78 -40.60 -16.91 13.85
N VAL L 79 -41.25 -17.82 14.57
CA VAL L 79 -42.69 -17.90 14.57
C VAL L 79 -43.15 -18.14 15.99
N ASN L 80 -43.95 -17.21 16.50
CA ASN L 80 -44.32 -17.19 17.90
C ASN L 80 -43.11 -17.39 18.79
N GLN L 81 -42.04 -16.65 18.47
CA GLN L 81 -40.79 -16.60 19.22
C GLN L 81 -39.88 -17.82 19.09
N THR L 82 -40.13 -18.69 18.13
CA THR L 82 -39.31 -19.90 17.97
C THR L 82 -39.26 -20.43 16.53
N GLU L 83 -38.54 -21.53 16.35
CA GLU L 83 -38.23 -22.07 15.04
C GLU L 83 -39.41 -22.74 14.35
N LEU L 84 -40.14 -23.56 15.08
CA LEU L 84 -41.17 -24.39 14.48
C LEU L 84 -42.55 -23.98 14.97
N PHE L 85 -43.53 -24.04 14.08
CA PHE L 85 -44.92 -23.80 14.45
C PHE L 85 -45.76 -25.03 14.20
N VAL L 86 -46.51 -25.45 15.23
CA VAL L 86 -47.40 -26.60 15.17
C VAL L 86 -48.83 -26.20 15.50
N PRO L 87 -49.76 -26.32 14.53
CA PRO L 87 -51.17 -25.97 14.72
C PRO L 87 -51.84 -26.77 15.82
N SER L 88 -52.40 -26.07 16.80
CA SER L 88 -53.12 -26.71 17.89
C SER L 88 -54.62 -26.83 17.55
N LEU L 89 -55.42 -27.22 18.55
CA LEU L 89 -56.87 -27.26 18.42
C LEU L 89 -57.44 -25.84 18.55
N ASN L 90 -58.51 -25.56 17.80
CA ASN L 90 -59.15 -24.25 17.83
C ASN L 90 -60.06 -24.06 19.05
N VAL L 91 -59.92 -22.93 19.74
CA VAL L 91 -60.57 -22.72 21.04
C VAL L 91 -62.09 -22.47 20.97
N ASP L 92 -62.53 -21.64 20.02
CA ASP L 92 -63.95 -21.30 19.90
C ASP L 92 -64.23 -20.66 18.56
N GLY L 93 -63.98 -21.42 17.49
CA GLY L 93 -64.00 -20.89 16.13
C GLY L 93 -62.93 -19.82 15.96
N GLN L 94 -61.83 -19.97 16.71
CA GLN L 94 -60.76 -18.98 16.80
C GLN L 94 -59.52 -19.55 16.14
N PRO L 95 -59.03 -18.87 15.10
CA PRO L 95 -57.83 -19.38 14.45
C PRO L 95 -56.61 -19.19 15.34
N ILE L 96 -55.60 -20.04 15.12
CA ILE L 96 -54.35 -19.95 15.84
C ILE L 96 -53.47 -18.95 15.12
N PHE L 97 -52.85 -18.07 15.89
CA PHE L 97 -52.04 -17.01 15.31
C PHE L 97 -50.59 -17.46 15.22
N ALA L 98 -50.05 -17.40 14.00
CA ALA L 98 -48.65 -17.71 13.75
C ALA L 98 -47.92 -16.42 13.39
N ASN L 99 -47.30 -15.79 14.38
CA ASN L 99 -46.65 -14.50 14.20
C ASN L 99 -45.22 -14.64 13.77
N ILE L 100 -44.95 -14.24 12.54
CA ILE L 100 -43.65 -14.39 11.92
C ILE L 100 -42.85 -13.10 12.05
N THR L 101 -41.70 -13.18 12.71
CA THR L 101 -40.88 -12.01 13.02
C THR L 101 -39.43 -12.22 12.62
N LEU L 102 -38.72 -11.12 12.40
CA LEU L 102 -37.26 -11.16 12.34
C LEU L 102 -36.71 -11.55 13.69
N PRO L 103 -35.75 -12.47 13.72
CA PRO L 103 -35.01 -12.61 14.95
C PRO L 103 -34.06 -11.45 15.11
N VAL L 104 -33.51 -11.30 16.31
CA VAL L 104 -32.38 -10.43 16.49
C VAL L 104 -31.13 -11.19 16.01
N TYR L 105 -30.83 -11.08 14.72
CA TYR L 105 -29.61 -11.67 14.19
C TYR L 105 -28.36 -11.15 14.91
N THR L 106 -27.33 -11.98 14.97
CA THR L 106 -26.02 -11.51 15.43
C THR L 106 -25.54 -10.51 14.39
N LEU L 107 -24.78 -9.52 14.83
CA LEU L 107 -24.17 -8.56 13.92
C LEU L 107 -23.39 -9.26 12.83
N LYS L 108 -22.73 -10.36 13.18
CA LYS L 108 -21.97 -11.14 12.20
C LYS L 108 -22.88 -11.68 11.09
N GLU L 109 -23.99 -12.28 11.50
CA GLU L 109 -24.90 -12.91 10.55
C GLU L 109 -25.58 -11.84 9.70
N ARG L 110 -25.96 -10.74 10.33
CA ARG L 110 -26.55 -9.63 9.59
C ARG L 110 -25.58 -9.09 8.53
N CYS L 111 -24.32 -8.89 8.92
CA CYS L 111 -23.30 -8.47 7.98
C CYS L 111 -23.20 -9.44 6.79
N LEU L 112 -23.15 -10.74 7.06
CA LEU L 112 -23.02 -11.72 5.99
C LEU L 112 -24.21 -11.61 5.04
N GLN L 113 -25.41 -11.46 5.60
CA GLN L 113 -26.63 -11.28 4.80
C GLN L 113 -26.44 -10.16 3.79
N VAL L 114 -26.07 -8.99 4.29
CA VAL L 114 -25.93 -7.79 3.46
C VAL L 114 -24.86 -7.96 2.38
N VAL L 115 -23.73 -8.56 2.72
CA VAL L 115 -22.68 -8.79 1.73
C VAL L 115 -23.17 -9.77 0.65
N ARG L 116 -23.83 -10.86 1.06
CA ARG L 116 -24.39 -11.81 0.11
C ARG L 116 -25.37 -11.15 -0.86
N SER L 117 -26.11 -10.14 -0.40
CA SER L 117 -27.04 -9.43 -1.28
C SER L 117 -26.33 -8.60 -2.36
N LEU L 118 -25.14 -8.11 -2.04
CA LEU L 118 -24.42 -7.16 -2.89
C LEU L 118 -23.44 -7.82 -3.84
N VAL L 119 -23.22 -9.12 -3.68
CA VAL L 119 -22.16 -9.79 -4.42
C VAL L 119 -22.65 -11.09 -5.09
N LYS L 120 -22.27 -11.23 -6.37
CA LYS L 120 -22.43 -12.50 -7.09
C LYS L 120 -21.65 -13.59 -6.35
N PRO L 121 -22.26 -14.77 -6.15
CA PRO L 121 -21.55 -15.90 -5.52
C PRO L 121 -20.23 -16.34 -6.19
N GLU L 122 -20.05 -16.01 -7.46
CA GLU L 122 -18.79 -16.27 -8.17
C GLU L 122 -17.68 -15.27 -7.83
N ASN L 123 -17.95 -14.32 -6.92
CA ASN L 123 -17.00 -13.27 -6.55
C ASN L 123 -16.56 -13.24 -5.09
N TYR L 124 -17.14 -14.09 -4.22
CA TYR L 124 -16.84 -14.05 -2.78
C TYR L 124 -15.34 -14.25 -2.48
N ARG L 125 -14.70 -15.12 -3.26
CA ARG L 125 -13.28 -15.43 -3.08
C ARG L 125 -12.37 -14.25 -3.43
N ARG L 126 -12.80 -13.44 -4.39
CA ARG L 126 -12.05 -12.25 -4.80
C ARG L 126 -11.95 -11.19 -3.68
N LEU L 127 -13.02 -11.06 -2.88
CA LEU L 127 -13.08 -10.07 -1.79
C LEU L 127 -11.87 -10.13 -0.85
N ASP L 128 -11.37 -8.96 -0.46
CA ASP L 128 -10.19 -8.88 0.41
C ASP L 128 -10.61 -9.06 1.88
N ILE L 129 -10.72 -10.31 2.30
CA ILE L 129 -11.19 -10.62 3.64
C ILE L 129 -10.50 -11.87 4.19
N VAL L 130 -10.75 -12.15 5.46
CA VAL L 130 -10.11 -13.25 6.18
C VAL L 130 -10.60 -14.60 5.64
N ARG L 131 -9.74 -15.61 5.75
CA ARG L 131 -10.01 -16.94 5.19
C ARG L 131 -11.31 -17.55 5.71
N SER L 132 -11.48 -17.53 7.03
CA SER L 132 -12.65 -18.08 7.71
C SER L 132 -13.99 -17.52 7.21
N LEU L 133 -14.00 -16.22 6.91
CA LEU L 133 -15.21 -15.54 6.45
C LEU L 133 -15.64 -15.95 5.04
N TYR L 134 -14.67 -16.33 4.20
CA TYR L 134 -14.98 -16.87 2.87
C TYR L 134 -16.01 -17.99 2.97
N GLU L 135 -15.78 -18.90 3.92
CA GLU L 135 -16.62 -20.07 4.12
C GLU L 135 -18.00 -19.73 4.72
N ASP L 136 -18.01 -18.75 5.62
CA ASP L 136 -19.27 -18.29 6.23
C ASP L 136 -20.22 -17.71 5.19
N LEU L 137 -19.69 -16.97 4.22
CA LEU L 137 -20.47 -16.42 3.10
C LEU L 137 -21.07 -17.50 2.21
N GLU L 138 -20.25 -18.47 1.85
CA GLU L 138 -20.65 -19.59 0.98
C GLU L 138 -21.59 -20.54 1.70
N ASP L 139 -21.50 -20.58 3.02
CA ASP L 139 -22.43 -21.35 3.84
C ASP L 139 -23.75 -20.58 3.95
N HIS L 140 -24.49 -20.55 2.83
CA HIS L 140 -25.79 -19.90 2.76
C HIS L 140 -26.74 -20.55 3.74
N PRO L 141 -27.70 -19.77 4.27
CA PRO L 141 -28.76 -20.38 5.05
C PRO L 141 -29.51 -21.42 4.21
N ASN L 142 -29.78 -22.57 4.83
CA ASN L 142 -30.27 -23.72 4.10
C ASN L 142 -31.20 -24.53 4.99
N VAL L 143 -32.45 -24.68 4.55
CA VAL L 143 -33.49 -25.26 5.39
C VAL L 143 -33.13 -26.66 5.85
N GLN L 144 -32.63 -27.47 4.92
CA GLN L 144 -32.25 -28.85 5.22
C GLN L 144 -31.18 -28.91 6.31
N LYS L 145 -30.12 -28.12 6.18
CA LYS L 145 -29.09 -28.04 7.23
C LYS L 145 -29.67 -27.60 8.59
N ASP L 146 -30.68 -26.72 8.58
CA ASP L 146 -31.34 -26.31 9.81
C ASP L 146 -32.17 -27.43 10.43
N LEU L 147 -32.85 -28.21 9.58
CA LEU L 147 -33.59 -29.38 10.06
C LEU L 147 -32.63 -30.39 10.68
N GLU L 148 -31.46 -30.56 10.08
CA GLU L 148 -30.44 -31.46 10.64
C GLU L 148 -30.02 -30.98 12.03
N ARG L 149 -29.75 -29.68 12.15
CA ARG L 149 -29.36 -29.07 13.41
C ARG L 149 -30.46 -29.14 14.47
N LEU L 150 -31.71 -28.91 14.08
CA LEU L 150 -32.85 -29.01 15.01
C LEU L 150 -33.05 -30.45 15.46
N THR L 151 -33.08 -31.36 14.49
CA THR L 151 -33.20 -32.79 14.76
C THR L 151 -32.12 -33.26 15.71
N GLN L 152 -30.86 -32.93 15.41
CA GLN L 152 -29.72 -33.29 16.26
C GLN L 152 -29.68 -32.42 17.53
N GLU L 153 -30.76 -32.44 18.31
CA GLU L 153 -30.91 -31.54 19.46
C GLU L 153 -32.09 -31.98 20.32
CAA 3JT M . -5.39 -30.11 13.63
CBB 3JT M . -6.06 -28.75 13.43
CAB 3JT M . -7.13 -28.88 12.33
CAC 3JT M . -5.02 -27.72 13.00
CAN 3JT M . -6.72 -28.42 14.76
CAT 3JT M . -7.22 -26.94 14.75
OAD 3JT M . -8.32 -26.70 14.25
N 3JT M . -6.47 -25.99 15.38
CD2 3JT M . -5.15 -26.08 16.12
CG 3JT M . -5.18 -24.93 17.10
OD1 3JT M . -5.88 -25.30 18.29
CB 3JT M . -5.95 -23.85 16.37
CA 3JT M . -6.99 -24.59 15.52
C 3JT M . -7.16 -23.90 14.30
O 3JT M . -6.36 -24.05 13.39
NAR 3JT M . -8.22 -23.03 14.26
CAM 3JT M . -8.46 -22.20 13.09
CAV 3JT M . -7.76 -20.97 13.24
CAH 3JT M . -7.64 -20.14 12.12
CAJ 3JT M . -6.94 -18.94 12.22
CAG 3JT M . -7.17 -20.56 14.45
CAI 3JT M . -6.48 -19.36 14.53
CAW 3JT M . -6.36 -18.52 13.42
CAX 3JT M . -5.70 -17.36 13.50
SAS 3JT M . -4.31 -17.05 14.41
CAK 3JT M . -4.18 -15.47 13.94
NAQ 3JT M . -5.21 -15.21 13.11
CAL 3JT M . -6.05 -16.23 12.87
CAA 3JT N . 8.66 -22.65 -31.31
CBB 3JT N . 9.66 -22.88 -30.18
CAB 3JT N . 10.84 -21.95 -30.39
CAC 3JT N . 10.15 -24.34 -30.25
CAN 3JT N . 8.98 -22.67 -28.83
CAT 3JT N . 8.48 -21.21 -28.72
OAD 3JT N . 7.37 -20.91 -29.17
N 3JT N . 9.25 -20.29 -28.08
CD2 3JT N . 10.59 -20.38 -27.39
CG 3JT N . 10.65 -19.20 -26.46
OD1 3JT N . 10.07 -19.52 -25.17
CB 3JT N . 9.82 -18.14 -27.15
CA 3JT N . 8.73 -18.87 -27.94
C 3JT N . 8.53 -18.22 -29.16
O 3JT N . 9.26 -18.45 -30.12
NAR 3JT N . 7.56 -17.27 -29.18
CAM 3JT N . 7.31 -16.46 -30.39
CAV 3JT N . 8.02 -15.22 -30.28
CAH 3JT N . 8.23 -14.48 -31.45
CAJ 3JT N . 8.92 -13.26 -31.43
CAG 3JT N . 8.52 -14.69 -29.08
CAI 3JT N . 9.20 -13.47 -29.06
CAW 3JT N . 9.42 -12.74 -30.24
CAX 3JT N . 10.08 -11.56 -30.24
SAS 3JT N . 11.47 -11.12 -29.28
CAK 3JT N . 11.57 -9.58 -29.93
NAQ 3JT N . 10.59 -9.43 -30.83
CAL 3JT N . 9.78 -10.50 -31.01
CAA 3JT O . -35.56 -27.83 -41.60
CBB 3JT O . -35.98 -26.36 -41.67
CAB 3JT O . -37.01 -26.23 -42.80
CAC 3JT O . -34.76 -25.51 -42.01
CAN 3JT O . -36.58 -26.02 -40.32
CAT 3JT O . -37.00 -24.54 -40.27
OAD 3JT O . -38.14 -24.23 -40.62
N 3JT O . -36.14 -23.65 -39.71
CD2 3JT O . -34.75 -23.77 -39.15
CG 3JT O . -34.55 -22.59 -38.22
OD1 3JT O . -35.01 -22.90 -36.88
CB 3JT O . -35.41 -21.49 -38.83
CA 3JT O . -36.57 -22.20 -39.54
C 3JT O . -36.85 -21.54 -40.73
O 3JT O . -36.27 -21.86 -41.77
NAR 3JT O . -37.73 -20.51 -40.62
CAM 3JT O . -38.06 -19.69 -41.78
CAV 3JT O . -37.33 -18.49 -41.72
CAH 3JT O . -36.74 -17.97 -40.56
CAJ 3JT O . -36.02 -16.76 -40.61
CAG 3JT O . -37.18 -17.77 -42.91
CAI 3JT O . -36.47 -16.57 -42.96
CAW 3JT O . -35.87 -16.04 -41.81
CAX 3JT O . -35.19 -14.89 -41.87
SAS 3JT O . -33.82 -14.53 -41.05
CAK 3JT O . -33.65 -12.99 -41.69
NAQ 3JT O . -34.67 -12.78 -42.53
CAL 3JT O . -35.53 -13.82 -42.64
CAA 3JT P . -51.30 -33.52 1.80
CBB 3JT P . -51.92 -32.13 1.78
CAB 3JT P . -53.14 -32.15 0.84
CAC 3JT P . -50.88 -31.12 1.25
CAN 3JT P . -52.36 -31.80 3.20
CAT 3JT P . -52.81 -30.32 3.27
OAD 3JT P . -53.93 -30.01 2.85
N 3JT P . -52.01 -29.41 3.85
CD2 3JT P . -50.66 -29.55 4.47
CG 3JT P . -50.50 -28.35 5.38
OD1 3JT P . -50.98 -28.67 6.68
CB 3JT P . -51.34 -27.26 4.77
CA 3JT P . -52.48 -27.97 4.02
C 3JT P . -52.75 -27.29 2.84
O 3JT P . -52.11 -27.56 1.81
NAR 3JT P . -53.67 -26.30 2.89
CAM 3JT P . -53.98 -25.50 1.72
CAV 3JT P . -53.24 -24.29 1.79
CAH 3JT P . -53.14 -23.51 0.64
CAJ 3JT P . -52.43 -22.31 0.62
CAG 3JT P . -52.60 -23.84 2.94
CAI 3JT P . -51.89 -22.63 2.92
CAW 3JT P . -51.79 -21.85 1.77
CAX 3JT P . -51.10 -20.70 1.76
SAS 3JT P . -49.72 -20.34 2.69
CAK 3JT P . -49.55 -18.79 2.11
NAQ 3JT P . -50.54 -18.57 1.24
CAL 3JT P . -51.40 -19.60 1.04
#